data_6HPP
#
_entry.id   6HPP
#
_cell.length_a   180.690
_cell.length_b   133.730
_cell.length_c   158.890
_cell.angle_alpha   90.00
_cell.angle_beta   101.38
_cell.angle_gamma   90.00
#
_symmetry.space_group_name_H-M   'C 1 2 1'
#
loop_
_entity.id
_entity.type
_entity.pdbx_description
1 polymer 'Proton-gated ion channel'
2 non-polymer 'CHLORIDE ION'
3 non-polymer 'SODIUM ION'
4 non-polymer DODECYL-BETA-D-MALTOSIDE
5 non-polymer 'PROPANOIC ACID'
6 water water
#
_entity_poly.entity_id   1
_entity_poly.type   'polypeptide(L)'
_entity_poly.pdbx_seq_one_letter_code
;GQDMVSPPPPIADEPLTVNTGIYLIECYSLDDKAETFKVNAFLSLSWKDRRLAFDPVRSGVRVKTYEPEAIWIPEIRFVN
VENARDADVVDISVSPDGTVQYLERFSARVLSPLDFRRYPFDSQTLHIYLIVRSVDTRNIVLAVDLEKVGKNDDVFLTGW
DIESFTAVVKPANFALEDRLESKLDYQLRISRQYFSYIPNIILPMLFILFISWTAFWSTSYEANVTLVVSTLIAHIAFNI
LVETNLPKTPYMTYTGAIIFMIYLFYFVAVIEVTVQHYLKVESQPARAASITRASRIAFPVVFLLANIILAFLFFGF
;
_entity_poly.pdbx_strand_id   A,B,C,D,E
#
loop_
_chem_comp.id
_chem_comp.type
_chem_comp.name
_chem_comp.formula
CL non-polymer 'CHLORIDE ION' 'Cl -1'
LMT D-saccharide DODECYL-BETA-D-MALTOSIDE 'C24 H46 O11'
NA non-polymer 'SODIUM ION' 'Na 1'
PPI non-polymer 'PROPANOIC ACID' 'C3 H6 O2'
#
# COMPACT_ATOMS: atom_id res chain seq x y z
N VAL A 5 -21.67 18.59 -33.97
CA VAL A 5 -20.27 18.51 -34.44
C VAL A 5 -19.99 17.18 -35.14
N SER A 6 -19.33 17.27 -36.30
CA SER A 6 -18.96 16.13 -37.16
C SER A 6 -17.56 16.38 -37.77
N PRO A 7 -16.86 15.36 -38.35
CA PRO A 7 -15.50 15.61 -38.88
C PRO A 7 -15.44 16.52 -40.10
N PRO A 8 -14.29 17.22 -40.37
CA PRO A 8 -14.21 18.08 -41.56
C PRO A 8 -14.35 17.28 -42.85
N PRO A 9 -15.05 17.81 -43.87
CA PRO A 9 -15.21 17.03 -45.11
C PRO A 9 -13.96 17.03 -45.99
N PRO A 10 -13.66 15.91 -46.69
CA PRO A 10 -12.46 15.89 -47.53
C PRO A 10 -12.62 16.68 -48.83
N ILE A 11 -11.58 17.46 -49.18
CA ILE A 11 -11.56 18.24 -50.43
C ILE A 11 -11.64 17.29 -51.64
N ALA A 12 -10.83 16.22 -51.62
CA ALA A 12 -10.80 15.17 -52.63
C ALA A 12 -11.34 13.88 -51.97
N ASP A 13 -10.43 12.92 -51.67
CA ASP A 13 -10.71 11.65 -51.00
C ASP A 13 -9.52 11.27 -50.10
N GLU A 14 -8.78 12.30 -49.63
CA GLU A 14 -7.60 12.19 -48.77
C GLU A 14 -7.94 12.02 -47.28
N PRO A 15 -7.14 11.25 -46.49
CA PRO A 15 -7.45 11.15 -45.06
C PRO A 15 -6.96 12.37 -44.26
N LEU A 16 -7.64 12.68 -43.14
CA LEU A 16 -7.28 13.82 -42.28
C LEU A 16 -5.99 13.55 -41.46
N THR A 17 -4.95 14.37 -41.70
CA THR A 17 -3.69 14.25 -40.98
C THR A 17 -3.71 15.14 -39.73
N VAL A 18 -3.65 14.49 -38.56
CA VAL A 18 -3.59 15.13 -37.25
C VAL A 18 -2.13 15.10 -36.81
N ASN A 19 -1.48 16.28 -36.80
CA ASN A 19 -0.09 16.43 -36.36
C ASN A 19 -0.03 16.46 -34.84
N THR A 20 0.78 15.55 -34.27
CA THR A 20 0.94 15.35 -32.84
C THR A 20 2.30 15.86 -32.31
N GLY A 21 2.43 15.84 -30.99
CA GLY A 21 3.60 16.27 -30.27
C GLY A 21 3.42 16.15 -28.76
N ILE A 22 4.33 15.42 -28.10
CA ILE A 22 4.30 15.25 -26.66
C ILE A 22 5.53 15.94 -26.07
N TYR A 23 5.31 16.83 -25.09
CA TYR A 23 6.38 17.51 -24.39
C TYR A 23 6.30 17.13 -22.90
N LEU A 24 7.26 16.27 -22.43
CA LEU A 24 7.31 15.78 -21.04
C LEU A 24 7.68 16.86 -20.06
N ILE A 25 6.79 17.11 -19.09
CA ILE A 25 6.94 18.11 -18.01
C ILE A 25 7.55 17.41 -16.79
N GLU A 26 6.93 16.31 -16.33
CA GLU A 26 7.37 15.54 -15.17
C GLU A 26 7.35 14.05 -15.44
N CYS A 27 8.45 13.38 -15.08
CA CYS A 27 8.59 11.94 -15.18
C CYS A 27 8.89 11.41 -13.82
N TYR A 28 8.10 10.43 -13.35
CA TYR A 28 8.22 9.88 -12.00
C TYR A 28 7.71 8.46 -11.88
N SER A 29 7.81 7.88 -10.67
CA SER A 29 7.33 6.57 -10.24
C SER A 29 7.48 5.43 -11.28
N LEU A 30 8.71 4.97 -11.52
CA LEU A 30 8.95 3.83 -12.36
C LEU A 30 8.93 2.56 -11.48
N ASP A 31 7.83 1.78 -11.57
CA ASP A 31 7.63 0.53 -10.84
C ASP A 31 8.24 -0.59 -11.66
N ASP A 32 9.26 -1.25 -11.11
CA ASP A 32 9.95 -2.33 -11.81
C ASP A 32 9.14 -3.62 -11.80
N LYS A 33 8.46 -3.90 -10.66
CA LYS A 33 7.63 -5.07 -10.50
C LYS A 33 6.39 -5.00 -11.39
N ALA A 34 5.72 -3.82 -11.43
CA ALA A 34 4.50 -3.55 -12.21
C ALA A 34 4.74 -3.16 -13.67
N GLU A 35 6.01 -2.84 -14.03
CA GLU A 35 6.45 -2.41 -15.36
C GLU A 35 5.63 -1.19 -15.84
N THR A 36 5.39 -0.23 -14.93
CA THR A 36 4.63 1.01 -15.14
C THR A 36 5.49 2.23 -14.82
N PHE A 37 5.04 3.41 -15.22
CA PHE A 37 5.69 4.70 -14.99
C PHE A 37 4.66 5.79 -15.17
N LYS A 38 4.67 6.78 -14.30
CA LYS A 38 3.74 7.89 -14.38
C LYS A 38 4.39 9.06 -15.11
N VAL A 39 3.59 9.72 -15.97
CA VAL A 39 4.02 10.84 -16.79
C VAL A 39 3.07 12.04 -16.66
N ASN A 40 3.62 13.25 -16.80
CA ASN A 40 2.92 14.54 -16.76
C ASN A 40 3.50 15.26 -17.96
N ALA A 41 2.68 15.51 -19.00
CA ALA A 41 3.15 16.07 -20.25
C ALA A 41 2.12 16.90 -20.97
N PHE A 42 2.57 17.65 -21.97
CA PHE A 42 1.75 18.45 -22.85
C PHE A 42 1.48 17.63 -24.10
N LEU A 43 0.27 17.74 -24.65
CA LEU A 43 -0.14 17.07 -25.89
C LEU A 43 -0.62 18.14 -26.83
N SER A 44 0.06 18.28 -27.98
CA SER A 44 -0.30 19.26 -29.00
C SER A 44 -0.83 18.55 -30.23
N LEU A 45 -2.00 18.99 -30.70
CA LEU A 45 -2.68 18.43 -31.86
C LEU A 45 -2.93 19.54 -32.89
N SER A 46 -2.84 19.21 -34.20
CA SER A 46 -3.05 20.16 -35.30
C SER A 46 -3.64 19.50 -36.53
N TRP A 47 -4.80 19.99 -37.00
CA TRP A 47 -5.50 19.47 -38.16
C TRP A 47 -6.17 20.61 -38.90
N LYS A 48 -6.51 20.40 -40.19
CA LYS A 48 -7.18 21.40 -41.03
C LYS A 48 -8.70 21.12 -41.12
N ASP A 49 -9.49 22.10 -40.68
CA ASP A 49 -10.94 22.07 -40.78
C ASP A 49 -11.32 23.32 -41.60
N ARG A 50 -11.73 23.13 -42.88
CA ARG A 50 -12.12 24.23 -43.77
C ARG A 50 -13.37 24.99 -43.29
N ARG A 51 -14.29 24.29 -42.61
CA ARG A 51 -15.54 24.82 -42.03
C ARG A 51 -15.30 25.94 -40.99
N LEU A 52 -14.06 26.04 -40.45
CA LEU A 52 -13.66 27.04 -39.44
C LEU A 52 -12.85 28.20 -40.03
N ALA A 53 -12.46 28.10 -41.34
CA ALA A 53 -11.70 29.13 -42.04
C ALA A 53 -12.49 30.45 -42.13
N PHE A 54 -11.76 31.57 -42.17
CA PHE A 54 -12.33 32.91 -42.20
C PHE A 54 -11.38 33.92 -42.85
N ASP A 55 -11.93 35.09 -43.26
CA ASP A 55 -11.12 36.15 -43.85
C ASP A 55 -10.62 37.05 -42.71
N PRO A 56 -9.28 37.21 -42.52
CA PRO A 56 -8.78 38.04 -41.40
C PRO A 56 -9.11 39.54 -41.52
N VAL A 57 -9.47 40.01 -42.74
CA VAL A 57 -9.84 41.41 -43.05
C VAL A 57 -11.24 41.75 -42.48
N ARG A 58 -12.27 40.98 -42.87
CA ARG A 58 -13.67 41.15 -42.44
C ARG A 58 -13.90 40.83 -40.96
N SER A 59 -13.29 39.73 -40.46
CA SER A 59 -13.41 39.29 -39.07
C SER A 59 -12.75 40.26 -38.08
N GLY A 60 -11.67 40.90 -38.51
CA GLY A 60 -10.94 41.87 -37.72
C GLY A 60 -9.93 41.26 -36.77
N VAL A 61 -9.82 39.92 -36.76
CA VAL A 61 -8.90 39.15 -35.91
C VAL A 61 -8.15 38.08 -36.71
N ARG A 62 -6.84 37.90 -36.42
CA ARG A 62 -5.98 36.94 -37.12
C ARG A 62 -6.06 35.51 -36.57
N VAL A 63 -6.69 35.35 -35.39
CA VAL A 63 -6.83 34.07 -34.68
C VAL A 63 -8.09 34.01 -33.83
N LYS A 64 -8.79 32.87 -33.87
CA LYS A 64 -10.02 32.67 -33.11
C LYS A 64 -9.89 31.53 -32.11
N THR A 65 -10.16 31.83 -30.84
CA THR A 65 -10.11 30.89 -29.72
C THR A 65 -11.48 30.26 -29.50
N TYR A 66 -11.56 28.92 -29.45
CA TYR A 66 -12.79 28.17 -29.24
C TYR A 66 -12.74 27.31 -27.99
N GLU A 67 -13.92 26.94 -27.48
CA GLU A 67 -14.09 26.03 -26.35
C GLU A 67 -14.10 24.60 -26.92
N PRO A 68 -13.73 23.55 -26.13
CA PRO A 68 -13.69 22.18 -26.69
C PRO A 68 -15.02 21.68 -27.27
N GLU A 69 -16.14 22.00 -26.60
CA GLU A 69 -17.49 21.61 -26.99
C GLU A 69 -17.99 22.33 -28.24
N ALA A 70 -17.46 23.53 -28.52
CA ALA A 70 -17.83 24.36 -29.66
C ALA A 70 -17.45 23.74 -31.01
N ILE A 71 -16.19 23.29 -31.15
CA ILE A 71 -15.66 22.72 -32.39
C ILE A 71 -15.37 21.22 -32.29
N TRP A 72 -15.22 20.57 -33.47
CA TRP A 72 -14.91 19.13 -33.56
C TRP A 72 -13.42 18.92 -33.24
N ILE A 73 -13.14 17.99 -32.29
CA ILE A 73 -11.79 17.61 -31.87
C ILE A 73 -11.60 16.09 -32.04
N PRO A 74 -10.52 15.63 -32.71
CA PRO A 74 -10.33 14.19 -32.94
C PRO A 74 -10.10 13.38 -31.66
N GLU A 75 -10.72 12.19 -31.60
CA GLU A 75 -10.60 11.30 -30.46
C GLU A 75 -9.24 10.59 -30.42
N ILE A 76 -8.28 11.24 -29.74
CA ILE A 76 -6.90 10.77 -29.56
C ILE A 76 -6.83 10.06 -28.22
N ARG A 77 -6.37 8.80 -28.24
CA ARG A 77 -6.24 7.98 -27.02
C ARG A 77 -4.83 7.38 -26.93
N PHE A 78 -4.48 6.84 -25.76
CA PHE A 78 -3.20 6.16 -25.53
C PHE A 78 -3.49 4.68 -25.42
N VAL A 79 -2.68 3.84 -26.08
CA VAL A 79 -2.88 2.41 -26.07
C VAL A 79 -2.51 1.77 -24.73
N ASN A 80 -1.26 1.99 -24.30
CA ASN A 80 -0.67 1.39 -23.11
C ASN A 80 -0.87 2.20 -21.82
N VAL A 81 -2.13 2.51 -21.49
CA VAL A 81 -2.43 3.23 -20.24
C VAL A 81 -3.29 2.39 -19.34
N GLU A 82 -3.15 2.60 -17.99
CA GLU A 82 -3.94 1.90 -16.98
C GLU A 82 -5.41 2.36 -17.10
N ASN A 83 -5.66 3.65 -16.88
CA ASN A 83 -6.97 4.28 -17.02
C ASN A 83 -6.81 5.51 -17.93
N ALA A 84 -7.94 6.11 -18.37
CA ALA A 84 -7.94 7.27 -19.24
C ALA A 84 -7.19 8.44 -18.59
N ARG A 85 -6.29 9.06 -19.37
CA ARG A 85 -5.45 10.20 -18.97
C ARG A 85 -6.23 11.39 -18.36
N ASP A 86 -5.64 12.04 -17.34
CA ASP A 86 -6.25 13.18 -16.69
C ASP A 86 -5.87 14.41 -17.48
N ALA A 87 -6.66 14.67 -18.56
CA ALA A 87 -6.47 15.77 -19.50
C ALA A 87 -7.15 17.04 -19.02
N ASP A 88 -6.53 18.17 -19.36
CA ASP A 88 -6.98 19.53 -19.05
C ASP A 88 -6.58 20.40 -20.24
N VAL A 89 -7.57 20.91 -20.99
CA VAL A 89 -7.31 21.71 -22.20
C VAL A 89 -6.71 23.07 -21.83
N VAL A 90 -5.55 23.39 -22.42
CA VAL A 90 -4.77 24.62 -22.21
C VAL A 90 -5.25 25.70 -23.19
N ASP A 91 -5.30 25.36 -24.49
CA ASP A 91 -5.66 26.29 -25.55
C ASP A 91 -6.04 25.62 -26.88
N ILE A 92 -7.09 26.17 -27.53
CA ILE A 92 -7.58 25.81 -28.88
C ILE A 92 -7.55 27.12 -29.67
N SER A 93 -6.79 27.17 -30.77
CA SER A 93 -6.60 28.35 -31.60
C SER A 93 -6.74 28.05 -33.10
N VAL A 94 -7.60 28.80 -33.80
CA VAL A 94 -7.84 28.64 -35.25
C VAL A 94 -7.23 29.78 -36.07
N SER A 95 -6.50 29.40 -37.13
CA SER A 95 -5.84 30.30 -38.08
C SER A 95 -6.85 30.67 -39.20
N PRO A 96 -6.59 31.73 -40.01
CA PRO A 96 -7.56 32.10 -41.05
C PRO A 96 -7.83 31.00 -42.11
N ASP A 97 -6.83 30.15 -42.42
CA ASP A 97 -7.01 29.06 -43.39
C ASP A 97 -7.83 27.87 -42.85
N GLY A 98 -7.94 27.80 -41.52
CA GLY A 98 -8.70 26.77 -40.82
C GLY A 98 -7.87 25.68 -40.19
N THR A 99 -6.61 26.00 -39.79
CA THR A 99 -5.70 25.05 -39.14
C THR A 99 -5.83 25.20 -37.62
N VAL A 100 -6.44 24.19 -36.98
CA VAL A 100 -6.69 24.16 -35.54
C VAL A 100 -5.41 23.77 -34.77
N GLN A 101 -5.13 24.50 -33.66
CA GLN A 101 -3.98 24.27 -32.82
C GLN A 101 -4.42 24.01 -31.38
N TYR A 102 -4.54 22.72 -31.07
CA TYR A 102 -4.97 22.17 -29.79
C TYR A 102 -3.77 21.91 -28.87
N LEU A 103 -3.95 22.17 -27.58
CA LEU A 103 -2.98 21.96 -26.53
C LEU A 103 -3.67 21.60 -25.23
N GLU A 104 -3.21 20.50 -24.63
CA GLU A 104 -3.72 19.97 -23.37
C GLU A 104 -2.59 19.45 -22.52
N ARG A 105 -2.75 19.53 -21.20
CA ARG A 105 -1.75 19.02 -20.27
C ARG A 105 -2.38 17.80 -19.60
N PHE A 106 -1.75 16.62 -19.76
CA PHE A 106 -2.25 15.37 -19.23
C PHE A 106 -1.31 14.72 -18.23
N SER A 107 -1.80 13.65 -17.59
CA SER A 107 -1.08 12.80 -16.64
C SER A 107 -1.66 11.39 -16.73
N ALA A 108 -0.81 10.39 -17.00
CA ALA A 108 -1.25 8.99 -17.07
C ALA A 108 -0.22 7.99 -16.56
N ARG A 109 -0.70 6.80 -16.16
CA ARG A 109 0.16 5.69 -15.73
C ARG A 109 0.31 4.80 -16.97
N VAL A 110 1.54 4.78 -17.54
CA VAL A 110 1.91 4.07 -18.75
C VAL A 110 2.45 2.66 -18.48
N LEU A 111 1.93 1.65 -19.21
CA LEU A 111 2.30 0.24 -19.13
C LEU A 111 3.39 -0.05 -20.19
N SER A 112 4.67 0.01 -19.79
CA SER A 112 5.75 -0.26 -20.73
C SER A 112 6.58 -1.42 -20.21
N PRO A 113 6.57 -2.61 -20.88
CA PRO A 113 7.35 -3.76 -20.38
C PRO A 113 8.87 -3.52 -20.33
N LEU A 114 9.52 -4.09 -19.32
CA LEU A 114 10.95 -3.92 -19.11
C LEU A 114 11.75 -5.24 -19.32
N ASP A 115 13.06 -5.12 -19.73
CA ASP A 115 13.97 -6.24 -19.97
C ASP A 115 15.06 -6.27 -18.89
N PHE A 116 14.94 -7.22 -17.95
CA PHE A 116 15.84 -7.30 -16.80
C PHE A 116 17.03 -8.25 -16.99
N ARG A 117 17.27 -8.69 -18.25
CA ARG A 117 18.37 -9.61 -18.53
C ARG A 117 19.74 -9.08 -18.07
N ARG A 118 19.98 -7.77 -18.21
CA ARG A 118 21.27 -7.21 -17.78
C ARG A 118 21.21 -6.46 -16.43
N TYR A 119 20.10 -6.58 -15.67
CA TYR A 119 19.89 -5.93 -14.36
C TYR A 119 21.06 -6.16 -13.37
N PRO A 120 21.54 -5.10 -12.64
CA PRO A 120 21.10 -3.69 -12.67
C PRO A 120 21.91 -2.82 -13.63
N PHE A 121 22.53 -3.43 -14.65
CA PHE A 121 23.32 -2.76 -15.68
C PHE A 121 22.53 -2.74 -17.00
N ASP A 122 21.21 -2.51 -16.91
CA ASP A 122 20.28 -2.51 -18.03
C ASP A 122 19.84 -1.12 -18.44
N SER A 123 19.42 -1.02 -19.70
CA SER A 123 18.86 0.17 -20.32
C SER A 123 17.48 -0.20 -20.86
N GLN A 124 16.54 0.74 -20.78
CA GLN A 124 15.17 0.52 -21.23
C GLN A 124 14.75 1.54 -22.26
N THR A 125 13.74 1.17 -23.08
CA THR A 125 13.10 2.05 -24.07
C THR A 125 11.62 2.06 -23.70
N LEU A 126 11.20 3.08 -22.95
CA LEU A 126 9.80 3.22 -22.55
C LEU A 126 8.96 3.70 -23.73
N HIS A 127 7.73 3.19 -23.86
CA HIS A 127 6.84 3.56 -24.97
C HIS A 127 5.58 4.26 -24.54
N ILE A 128 5.14 5.20 -25.37
CA ILE A 128 3.89 5.95 -25.23
C ILE A 128 3.23 5.80 -26.62
N TYR A 129 2.08 5.11 -26.68
CA TYR A 129 1.42 4.87 -27.93
C TYR A 129 0.17 5.70 -28.16
N LEU A 130 0.26 6.70 -29.06
CA LEU A 130 -0.87 7.54 -29.44
C LEU A 130 -1.68 6.79 -30.51
N ILE A 131 -3.01 6.82 -30.41
CA ILE A 131 -3.87 6.13 -31.36
C ILE A 131 -5.12 6.95 -31.70
N VAL A 132 -5.66 6.79 -32.94
CA VAL A 132 -6.89 7.46 -33.39
C VAL A 132 -7.73 6.52 -34.25
N ARG A 133 -9.01 6.34 -33.88
CA ARG A 133 -9.91 5.48 -34.65
C ARG A 133 -10.64 6.30 -35.67
N SER A 134 -10.52 5.89 -36.96
CA SER A 134 -11.14 6.53 -38.11
C SER A 134 -12.66 6.46 -37.99
N VAL A 135 -13.33 7.55 -38.39
CA VAL A 135 -14.79 7.69 -38.41
C VAL A 135 -15.38 7.17 -39.73
N ASP A 136 -16.72 6.96 -39.75
CA ASP A 136 -17.39 6.42 -40.93
C ASP A 136 -17.32 7.36 -42.15
N THR A 137 -17.33 8.67 -41.90
CA THR A 137 -17.27 9.72 -42.93
C THR A 137 -15.91 9.74 -43.62
N ARG A 138 -14.81 9.90 -42.87
CA ARG A 138 -13.45 9.89 -43.41
C ARG A 138 -12.43 9.28 -42.42
N ASN A 139 -11.26 8.86 -42.96
CA ASN A 139 -10.18 8.26 -42.20
C ASN A 139 -9.23 9.27 -41.59
N ILE A 140 -8.71 8.96 -40.38
CA ILE A 140 -7.79 9.82 -39.65
C ILE A 140 -6.40 9.14 -39.52
N VAL A 141 -5.36 9.85 -39.96
CA VAL A 141 -3.96 9.41 -39.96
C VAL A 141 -3.14 10.39 -39.09
N LEU A 142 -2.28 9.85 -38.21
CA LEU A 142 -1.41 10.62 -37.31
C LEU A 142 -0.08 10.96 -37.94
N ALA A 143 0.50 12.08 -37.51
CA ALA A 143 1.80 12.56 -37.97
C ALA A 143 2.55 13.17 -36.81
N VAL A 144 3.89 13.21 -36.91
CA VAL A 144 4.72 13.77 -35.85
C VAL A 144 5.19 15.17 -36.23
N ASP A 145 4.93 16.17 -35.36
CA ASP A 145 5.41 17.52 -35.54
C ASP A 145 6.62 17.62 -34.62
N LEU A 146 7.82 17.35 -35.18
CA LEU A 146 9.10 17.30 -34.46
C LEU A 146 9.44 18.58 -33.71
N GLU A 147 8.83 19.70 -34.10
CA GLU A 147 9.00 21.02 -33.48
C GLU A 147 8.32 21.07 -32.10
N LYS A 148 7.27 20.25 -31.90
CA LYS A 148 6.46 20.21 -30.67
C LYS A 148 6.65 18.92 -29.83
N VAL A 149 7.75 18.16 -30.07
CA VAL A 149 8.14 16.95 -29.34
C VAL A 149 9.43 17.27 -28.54
N GLY A 150 9.38 17.06 -27.23
CA GLY A 150 10.51 17.32 -26.35
C GLY A 150 10.29 16.91 -24.91
N LYS A 151 11.12 17.45 -24.03
CA LYS A 151 11.13 17.24 -22.58
C LYS A 151 11.90 18.40 -21.96
N ASN A 152 11.50 18.88 -20.77
CA ASN A 152 12.25 19.97 -20.18
C ASN A 152 13.52 19.42 -19.49
N ASP A 153 14.47 20.30 -19.18
CA ASP A 153 15.78 19.97 -18.58
C ASP A 153 15.70 19.42 -17.15
N ASP A 154 14.71 19.87 -16.36
CA ASP A 154 14.49 19.45 -14.97
C ASP A 154 13.85 18.05 -14.82
N VAL A 155 13.47 17.39 -15.94
CA VAL A 155 12.85 16.05 -15.92
C VAL A 155 13.87 15.05 -15.36
N PHE A 156 13.56 14.50 -14.18
CA PHE A 156 14.42 13.55 -13.48
C PHE A 156 13.62 12.30 -13.13
N LEU A 157 14.22 11.12 -13.31
CA LEU A 157 13.59 9.86 -12.95
C LEU A 157 14.53 9.21 -11.94
N THR A 158 14.06 9.08 -10.67
CA THR A 158 14.87 8.54 -9.56
C THR A 158 15.46 7.18 -9.88
N GLY A 159 16.79 7.08 -9.77
CA GLY A 159 17.55 5.85 -10.03
C GLY A 159 17.80 5.55 -11.51
N TRP A 160 17.43 6.50 -12.40
CA TRP A 160 17.59 6.35 -13.84
C TRP A 160 18.17 7.59 -14.50
N ASP A 161 18.91 7.39 -15.61
CA ASP A 161 19.49 8.44 -16.43
C ASP A 161 18.64 8.54 -17.68
N ILE A 162 18.02 9.70 -17.92
CA ILE A 162 17.17 9.90 -19.09
C ILE A 162 18.03 10.27 -20.30
N GLU A 163 18.13 9.34 -21.26
CA GLU A 163 18.91 9.54 -22.48
C GLU A 163 18.21 10.44 -23.50
N SER A 164 17.08 9.99 -24.08
CA SER A 164 16.36 10.74 -25.12
C SER A 164 14.86 10.52 -25.13
N PHE A 165 14.15 11.45 -25.80
CA PHE A 165 12.71 11.38 -26.03
C PHE A 165 12.50 11.69 -27.48
N THR A 166 12.22 10.64 -28.26
CA THR A 166 12.00 10.71 -29.70
C THR A 166 10.68 10.03 -30.06
N ALA A 167 10.22 10.24 -31.31
CA ALA A 167 8.99 9.64 -31.82
C ALA A 167 9.24 9.01 -33.18
N VAL A 168 8.66 7.82 -33.41
CA VAL A 168 8.78 7.10 -34.68
C VAL A 168 7.80 7.82 -35.61
N VAL A 169 8.37 8.69 -36.48
CA VAL A 169 7.69 9.60 -37.44
C VAL A 169 6.65 8.91 -38.33
N LYS A 170 6.96 7.68 -38.82
CA LYS A 170 6.03 6.91 -39.66
C LYS A 170 5.02 6.12 -38.77
N PRO A 171 3.70 6.47 -38.79
CA PRO A 171 2.75 5.73 -37.95
C PRO A 171 2.50 4.33 -38.48
N ALA A 172 2.11 3.42 -37.57
CA ALA A 172 1.81 2.04 -37.92
C ALA A 172 0.32 1.89 -37.98
N ASN A 173 -0.27 2.27 -39.15
CA ASN A 173 -1.71 2.23 -39.44
C ASN A 173 -2.15 0.79 -39.65
N PHE A 174 -3.34 0.38 -39.14
CA PHE A 174 -3.87 -0.99 -39.18
C PHE A 174 -5.38 -1.04 -38.98
N ALA A 175 -6.00 -2.13 -39.46
CA ALA A 175 -7.43 -2.35 -39.35
C ALA A 175 -7.78 -3.08 -38.08
N LEU A 176 -8.77 -2.54 -37.36
CA LEU A 176 -9.29 -3.11 -36.11
C LEU A 176 -10.83 -2.92 -36.07
N GLU A 177 -11.55 -4.06 -36.07
CA GLU A 177 -13.02 -4.13 -36.09
C GLU A 177 -13.65 -3.35 -37.29
N ASP A 178 -13.15 -3.66 -38.50
CA ASP A 178 -13.53 -3.10 -39.80
C ASP A 178 -13.26 -1.60 -39.97
N ARG A 179 -12.54 -0.97 -39.01
CA ARG A 179 -12.16 0.44 -39.08
C ARG A 179 -10.67 0.60 -38.96
N LEU A 180 -10.14 1.62 -39.64
CA LEU A 180 -8.72 1.95 -39.65
C LEU A 180 -8.30 2.64 -38.36
N GLU A 181 -7.04 2.43 -37.97
CA GLU A 181 -6.44 3.00 -36.77
C GLU A 181 -5.02 3.40 -37.05
N SER A 182 -4.66 4.63 -36.69
CA SER A 182 -3.32 5.16 -36.86
C SER A 182 -2.65 5.19 -35.51
N LYS A 183 -1.52 4.44 -35.36
CA LYS A 183 -0.77 4.34 -34.11
C LYS A 183 0.62 4.98 -34.22
N LEU A 184 0.99 5.79 -33.22
CA LEU A 184 2.30 6.44 -33.13
C LEU A 184 3.11 5.91 -31.94
N ASP A 185 4.45 5.90 -32.06
CA ASP A 185 5.32 5.41 -31.00
C ASP A 185 6.27 6.47 -30.43
N TYR A 186 6.04 6.89 -29.18
CA TYR A 186 6.90 7.85 -28.48
C TYR A 186 7.83 7.08 -27.56
N GLN A 187 9.12 7.01 -27.94
CA GLN A 187 10.13 6.27 -27.19
C GLN A 187 10.97 7.14 -26.26
N LEU A 188 11.03 6.75 -24.98
CA LEU A 188 11.82 7.41 -23.95
C LEU A 188 12.92 6.46 -23.48
N ARG A 189 14.16 6.72 -23.91
CA ARG A 189 15.30 5.89 -23.58
C ARG A 189 15.92 6.30 -22.26
N ILE A 190 16.11 5.31 -21.38
CA ILE A 190 16.65 5.46 -20.02
C ILE A 190 17.65 4.35 -19.76
N SER A 191 18.54 4.57 -18.79
CA SER A 191 19.55 3.61 -18.35
C SER A 191 19.65 3.68 -16.84
N ARG A 192 19.77 2.51 -16.20
CA ARG A 192 19.80 2.41 -14.75
C ARG A 192 21.06 2.95 -14.12
N GLN A 193 20.91 3.58 -12.95
CA GLN A 193 21.99 4.06 -12.10
C GLN A 193 22.32 2.88 -11.15
N TYR A 194 23.33 2.07 -11.55
CA TYR A 194 23.78 0.86 -10.85
C TYR A 194 24.73 1.11 -9.67
N PHE A 195 25.12 2.39 -9.43
CA PHE A 195 26.05 2.78 -8.37
C PHE A 195 25.69 2.22 -7.00
N SER A 196 24.43 2.39 -6.56
CA SER A 196 23.97 1.93 -5.25
C SER A 196 24.04 0.41 -5.04
N TYR A 197 23.91 -0.37 -6.13
CA TYR A 197 23.96 -1.84 -6.10
C TYR A 197 25.30 -2.40 -5.68
N ILE A 198 26.39 -1.69 -6.00
CA ILE A 198 27.76 -2.10 -5.67
C ILE A 198 28.00 -2.11 -4.13
N PRO A 199 27.89 -0.99 -3.36
CA PRO A 199 28.15 -1.08 -1.93
C PRO A 199 27.03 -1.70 -1.08
N ASN A 200 25.80 -1.82 -1.65
CA ASN A 200 24.66 -2.34 -0.89
C ASN A 200 24.36 -3.82 -1.10
N ILE A 201 24.62 -4.35 -2.32
CA ILE A 201 24.31 -5.74 -2.63
C ILE A 201 25.53 -6.54 -3.10
N ILE A 202 26.19 -6.12 -4.21
CA ILE A 202 27.34 -6.81 -4.82
C ILE A 202 28.52 -7.01 -3.86
N LEU A 203 29.13 -5.93 -3.34
CA LEU A 203 30.28 -6.03 -2.43
C LEU A 203 29.94 -6.72 -1.11
N PRO A 204 28.82 -6.42 -0.35
CA PRO A 204 28.55 -7.22 0.86
C PRO A 204 28.30 -8.71 0.55
N MET A 205 27.72 -9.01 -0.62
CA MET A 205 27.48 -10.39 -1.03
C MET A 205 28.78 -11.13 -1.32
N LEU A 206 29.81 -10.41 -1.78
CA LEU A 206 31.12 -11.01 -2.07
C LEU A 206 31.90 -11.23 -0.81
N PHE A 207 31.85 -10.27 0.15
CA PHE A 207 32.52 -10.38 1.44
C PHE A 207 32.07 -11.60 2.21
N ILE A 208 30.73 -11.88 2.25
CA ILE A 208 30.18 -13.06 2.96
C ILE A 208 30.64 -14.35 2.32
N LEU A 209 30.84 -14.34 0.97
CA LEU A 209 31.35 -15.51 0.25
C LEU A 209 32.84 -15.77 0.57
N PHE A 210 33.67 -14.71 0.58
CA PHE A 210 35.09 -14.83 0.90
C PHE A 210 35.31 -15.22 2.34
N ILE A 211 34.43 -14.77 3.24
CA ILE A 211 34.46 -15.12 4.67
C ILE A 211 34.20 -16.63 4.83
N SER A 212 33.30 -17.21 3.98
CA SER A 212 33.03 -18.65 3.99
C SER A 212 34.27 -19.45 3.55
N TRP A 213 35.09 -18.88 2.64
CA TRP A 213 36.30 -19.50 2.13
C TRP A 213 37.48 -19.52 3.12
N THR A 214 37.32 -18.88 4.30
CA THR A 214 38.36 -18.93 5.31
C THR A 214 38.35 -20.31 5.99
N ALA A 215 37.39 -21.18 5.61
CA ALA A 215 37.24 -22.53 6.13
C ALA A 215 38.29 -23.48 5.49
N PHE A 216 39.00 -23.01 4.43
CA PHE A 216 40.07 -23.78 3.77
C PHE A 216 41.43 -23.56 4.48
N TRP A 217 41.44 -22.72 5.54
CA TRP A 217 42.61 -22.44 6.37
C TRP A 217 42.30 -22.79 7.83
N SER A 218 41.34 -23.71 8.03
CA SER A 218 40.88 -24.19 9.32
C SER A 218 40.64 -25.69 9.28
N THR A 219 40.98 -26.37 10.40
CA THR A 219 40.83 -27.82 10.63
C THR A 219 39.67 -28.13 11.59
N SER A 220 39.10 -27.07 12.21
CA SER A 220 38.01 -27.12 13.17
C SER A 220 36.69 -27.25 12.43
N TYR A 221 36.15 -28.49 12.36
CA TYR A 221 34.88 -28.80 11.66
C TYR A 221 33.70 -28.03 12.23
N GLU A 222 33.63 -27.90 13.56
CA GLU A 222 32.58 -27.18 14.26
C GLU A 222 32.58 -25.69 13.91
N ALA A 223 33.79 -25.10 13.68
CA ALA A 223 33.96 -23.70 13.30
C ALA A 223 33.70 -23.49 11.81
N ASN A 224 34.06 -24.52 10.99
CA ASN A 224 33.84 -24.53 9.55
C ASN A 224 32.35 -24.61 9.25
N VAL A 225 31.61 -25.45 10.00
CA VAL A 225 30.16 -25.60 9.82
C VAL A 225 29.52 -24.25 10.08
N THR A 226 29.90 -23.58 11.19
CA THR A 226 29.42 -22.24 11.58
C THR A 226 29.74 -21.22 10.48
N LEU A 227 30.98 -21.25 9.96
CA LEU A 227 31.44 -20.37 8.87
C LEU A 227 30.66 -20.52 7.57
N VAL A 228 30.56 -21.76 7.01
CA VAL A 228 29.88 -21.99 5.73
C VAL A 228 28.34 -21.90 5.87
N VAL A 229 27.76 -22.41 6.97
CA VAL A 229 26.32 -22.37 7.19
C VAL A 229 25.81 -20.94 7.43
N SER A 230 26.43 -20.21 8.38
CA SER A 230 26.00 -18.84 8.71
C SER A 230 26.05 -17.89 7.53
N THR A 231 27.14 -17.96 6.73
CA THR A 231 27.31 -17.12 5.52
C THR A 231 26.30 -17.48 4.44
N LEU A 232 25.83 -18.77 4.38
CA LEU A 232 24.84 -19.24 3.42
C LEU A 232 23.50 -18.58 3.73
N ILE A 233 23.19 -18.48 5.05
CA ILE A 233 21.98 -17.85 5.56
C ILE A 233 21.93 -16.37 5.14
N ALA A 234 23.10 -15.67 5.19
CA ALA A 234 23.24 -14.27 4.76
C ALA A 234 23.03 -14.13 3.24
N HIS A 235 23.46 -15.15 2.47
CA HIS A 235 23.26 -15.16 1.03
C HIS A 235 21.77 -15.35 0.70
N ILE A 236 21.03 -16.17 1.49
CA ILE A 236 19.58 -16.40 1.31
C ILE A 236 18.89 -15.06 1.49
N ALA A 237 19.25 -14.29 2.57
CA ALA A 237 18.73 -12.95 2.86
C ALA A 237 18.96 -11.96 1.67
N PHE A 238 20.17 -12.01 1.06
CA PHE A 238 20.54 -11.21 -0.11
C PHE A 238 19.77 -11.62 -1.35
N ASN A 239 19.55 -12.95 -1.52
CA ASN A 239 18.78 -13.49 -2.64
C ASN A 239 17.33 -13.04 -2.53
N ILE A 240 16.72 -13.05 -1.30
CA ILE A 240 15.34 -12.61 -1.02
C ILE A 240 15.20 -11.10 -1.25
N LEU A 241 16.13 -10.28 -0.68
CA LEU A 241 16.13 -8.81 -0.83
C LEU A 241 16.15 -8.40 -2.30
N VAL A 242 16.88 -9.17 -3.14
CA VAL A 242 16.98 -8.91 -4.58
C VAL A 242 15.67 -9.24 -5.30
N GLU A 243 15.09 -10.46 -5.08
CA GLU A 243 13.87 -10.90 -5.77
C GLU A 243 12.61 -10.10 -5.37
N THR A 244 12.70 -9.26 -4.29
CA THR A 244 11.59 -8.37 -3.89
C THR A 244 11.56 -7.10 -4.74
N ASN A 245 12.72 -6.61 -5.23
CA ASN A 245 12.83 -5.40 -6.09
C ASN A 245 12.63 -5.72 -7.59
N LEU A 246 12.34 -7.00 -7.92
CA LEU A 246 12.19 -7.49 -9.29
C LEU A 246 10.95 -8.34 -9.51
N PRO A 247 10.35 -8.30 -10.73
CA PRO A 247 9.21 -9.20 -11.00
C PRO A 247 9.66 -10.58 -11.46
N LYS A 248 8.73 -11.56 -11.39
CA LYS A 248 9.00 -12.93 -11.77
C LYS A 248 9.11 -13.01 -13.31
N THR A 249 10.37 -13.12 -13.78
CA THR A 249 10.75 -13.17 -15.19
C THR A 249 10.88 -14.63 -15.69
N PRO A 250 10.44 -14.93 -16.93
CA PRO A 250 10.61 -16.30 -17.44
C PRO A 250 12.02 -16.58 -18.02
N TYR A 251 12.95 -15.63 -17.81
CA TYR A 251 14.34 -15.65 -18.26
C TYR A 251 15.27 -15.43 -17.09
N MET A 252 16.54 -15.75 -17.27
CA MET A 252 17.53 -15.57 -16.23
C MET A 252 18.11 -14.17 -16.33
N THR A 253 18.14 -13.46 -15.19
CA THR A 253 18.71 -12.12 -15.10
C THR A 253 20.21 -12.25 -14.81
N TYR A 254 20.98 -11.16 -14.98
CA TYR A 254 22.42 -11.20 -14.74
C TYR A 254 22.75 -11.42 -13.28
N THR A 255 22.05 -10.70 -12.36
CA THR A 255 22.19 -10.80 -10.91
C THR A 255 21.66 -12.14 -10.44
N GLY A 256 20.53 -12.56 -11.02
CA GLY A 256 19.90 -13.84 -10.73
C GLY A 256 20.79 -15.02 -11.04
N ALA A 257 21.59 -14.92 -12.11
CA ALA A 257 22.57 -15.91 -12.54
C ALA A 257 23.73 -16.03 -11.52
N ILE A 258 24.33 -14.88 -11.15
CA ILE A 258 25.40 -14.77 -10.17
C ILE A 258 24.93 -15.31 -8.83
N ILE A 259 23.78 -14.82 -8.32
CA ILE A 259 23.19 -15.26 -7.06
C ILE A 259 22.99 -16.77 -7.04
N PHE A 260 22.42 -17.35 -8.13
CA PHE A 260 22.19 -18.79 -8.23
C PHE A 260 23.50 -19.59 -8.26
N MET A 261 24.51 -19.08 -8.98
CA MET A 261 25.82 -19.71 -9.11
C MET A 261 26.54 -19.79 -7.74
N ILE A 262 26.38 -18.74 -6.91
CA ILE A 262 26.98 -18.66 -5.56
C ILE A 262 26.40 -19.75 -4.65
N TYR A 263 25.10 -20.14 -4.85
CA TYR A 263 24.44 -21.22 -4.09
C TYR A 263 25.17 -22.57 -4.31
N LEU A 264 25.88 -22.73 -5.44
CA LEU A 264 26.64 -23.94 -5.75
C LEU A 264 27.99 -23.94 -5.04
N PHE A 265 28.66 -22.76 -4.96
CA PHE A 265 29.94 -22.60 -4.27
C PHE A 265 29.80 -22.90 -2.80
N TYR A 266 28.66 -22.51 -2.20
CA TYR A 266 28.32 -22.79 -0.81
C TYR A 266 28.09 -24.30 -0.62
N PHE A 267 27.45 -24.95 -1.62
CA PHE A 267 27.16 -26.37 -1.61
C PHE A 267 28.44 -27.18 -1.72
N VAL A 268 29.37 -26.78 -2.59
CA VAL A 268 30.65 -27.48 -2.76
C VAL A 268 31.57 -27.25 -1.54
N ALA A 269 31.53 -26.03 -0.95
CA ALA A 269 32.28 -25.71 0.27
C ALA A 269 31.83 -26.59 1.43
N VAL A 270 30.50 -26.85 1.55
CA VAL A 270 29.93 -27.77 2.56
C VAL A 270 30.48 -29.19 2.33
N ILE A 271 30.50 -29.67 1.07
CA ILE A 271 31.01 -30.99 0.73
C ILE A 271 32.50 -31.10 1.14
N GLU A 272 33.32 -30.08 0.79
CA GLU A 272 34.76 -30.04 1.11
C GLU A 272 34.97 -30.10 2.64
N VAL A 273 34.19 -29.29 3.39
CA VAL A 273 34.26 -29.20 4.85
C VAL A 273 33.92 -30.58 5.47
N THR A 274 32.93 -31.31 4.89
CA THR A 274 32.51 -32.64 5.33
C THR A 274 33.59 -33.68 5.01
N VAL A 275 34.16 -33.63 3.78
CA VAL A 275 35.22 -34.52 3.29
C VAL A 275 36.45 -34.42 4.21
N GLN A 276 36.92 -33.19 4.49
CA GLN A 276 38.06 -32.90 5.37
C GLN A 276 37.84 -33.57 6.73
N HIS A 277 36.64 -33.42 7.32
CA HIS A 277 36.32 -34.03 8.61
C HIS A 277 36.26 -35.55 8.53
N TYR A 278 35.54 -36.12 7.52
CA TYR A 278 35.43 -37.58 7.40
C TYR A 278 36.80 -38.25 7.30
N LEU A 279 37.74 -37.63 6.54
CA LEU A 279 39.11 -38.11 6.36
C LEU A 279 39.94 -37.98 7.64
N LYS A 280 39.73 -36.89 8.41
CA LYS A 280 40.41 -36.63 9.69
C LYS A 280 40.05 -37.70 10.71
N VAL A 281 38.74 -37.99 10.85
CA VAL A 281 38.22 -39.03 11.75
C VAL A 281 38.72 -40.44 11.31
N GLU A 282 38.79 -40.67 9.97
CA GLU A 282 39.24 -41.92 9.35
C GLU A 282 40.78 -42.10 9.46
N SER A 283 41.43 -41.19 10.22
CA SER A 283 42.86 -41.15 10.52
C SER A 283 43.75 -41.05 9.28
N GLN A 284 43.31 -40.26 8.28
CA GLN A 284 44.13 -39.99 7.09
C GLN A 284 44.09 -38.47 6.77
N PRO A 285 44.71 -37.64 7.67
CA PRO A 285 44.73 -36.19 7.44
C PRO A 285 45.68 -35.71 6.35
N ALA A 286 46.37 -36.65 5.67
CA ALA A 286 47.26 -36.35 4.57
C ALA A 286 46.44 -36.05 3.32
N ARG A 287 45.32 -36.79 3.12
CA ARG A 287 44.38 -36.65 1.98
C ARG A 287 43.54 -35.40 2.24
N ALA A 288 43.06 -35.25 3.50
CA ALA A 288 42.27 -34.13 3.97
C ALA A 288 43.03 -32.81 3.75
N ALA A 289 44.35 -32.81 4.01
CA ALA A 289 45.19 -31.63 3.84
C ALA A 289 45.36 -31.26 2.39
N SER A 290 45.56 -32.24 1.49
CA SER A 290 45.77 -32.00 0.05
C SER A 290 44.51 -31.47 -0.65
N ILE A 291 43.32 -31.97 -0.25
CA ILE A 291 42.02 -31.53 -0.75
C ILE A 291 41.81 -30.08 -0.32
N THR A 292 42.08 -29.78 0.97
CA THR A 292 41.91 -28.45 1.56
C THR A 292 42.84 -27.46 0.90
N ARG A 293 44.12 -27.86 0.71
CA ARG A 293 45.15 -27.02 0.06
C ARG A 293 44.78 -26.68 -1.39
N ALA A 294 44.14 -27.64 -2.10
CA ALA A 294 43.73 -27.49 -3.49
C ALA A 294 42.55 -26.51 -3.60
N SER A 295 41.59 -26.65 -2.69
CA SER A 295 40.37 -25.84 -2.64
C SER A 295 40.71 -24.36 -2.46
N ARG A 296 41.83 -24.06 -1.74
CA ARG A 296 42.34 -22.70 -1.50
C ARG A 296 42.63 -21.95 -2.79
N ILE A 297 43.03 -22.68 -3.85
CA ILE A 297 43.32 -22.18 -5.20
C ILE A 297 42.12 -22.39 -6.15
N ALA A 298 41.50 -23.60 -6.08
CA ALA A 298 40.35 -23.99 -6.92
C ALA A 298 39.15 -23.03 -6.82
N PHE A 299 38.60 -22.84 -5.59
CA PHE A 299 37.44 -21.98 -5.33
C PHE A 299 37.59 -20.56 -5.88
N PRO A 300 38.68 -19.78 -5.60
CA PRO A 300 38.79 -18.44 -6.20
C PRO A 300 38.96 -18.45 -7.72
N VAL A 301 39.74 -19.40 -8.28
CA VAL A 301 39.97 -19.50 -9.72
C VAL A 301 38.68 -19.84 -10.48
N VAL A 302 37.95 -20.90 -10.05
CA VAL A 302 36.69 -21.34 -10.67
C VAL A 302 35.65 -20.22 -10.59
N PHE A 303 35.57 -19.53 -9.43
CA PHE A 303 34.64 -18.42 -9.23
C PHE A 303 34.92 -17.25 -10.17
N LEU A 304 36.21 -16.87 -10.31
CA LEU A 304 36.64 -15.78 -11.20
C LEU A 304 36.38 -16.14 -12.68
N LEU A 305 36.68 -17.39 -13.09
CA LEU A 305 36.43 -17.84 -14.46
C LEU A 305 34.94 -17.90 -14.76
N ALA A 306 34.13 -18.47 -13.83
CA ALA A 306 32.67 -18.59 -13.95
C ALA A 306 32.00 -17.22 -14.15
N ASN A 307 32.51 -16.17 -13.47
CA ASN A 307 32.02 -14.80 -13.60
C ASN A 307 32.40 -14.19 -14.94
N ILE A 308 33.60 -14.53 -15.48
CA ILE A 308 34.05 -14.06 -16.79
C ILE A 308 33.11 -14.65 -17.83
N ILE A 309 32.80 -15.98 -17.73
CA ILE A 309 31.85 -16.69 -18.61
C ILE A 309 30.46 -16.04 -18.57
N LEU A 310 29.89 -15.82 -17.36
CA LEU A 310 28.57 -15.21 -17.19
C LEU A 310 28.50 -13.80 -17.81
N ALA A 311 29.44 -12.89 -17.41
CA ALA A 311 29.53 -11.51 -17.90
C ALA A 311 29.68 -11.48 -19.39
N PHE A 312 30.40 -12.47 -19.96
CA PHE A 312 30.57 -12.59 -21.39
C PHE A 312 29.24 -12.95 -22.06
N LEU A 313 28.52 -13.96 -21.49
CA LEU A 313 27.23 -14.41 -22.01
C LEU A 313 26.18 -13.33 -21.94
N PHE A 314 26.14 -12.54 -20.86
CA PHE A 314 25.16 -11.47 -20.69
C PHE A 314 25.52 -10.15 -21.40
N PHE A 315 26.81 -9.83 -21.59
CA PHE A 315 27.25 -8.58 -22.22
C PHE A 315 28.30 -8.84 -23.31
N VAL B 5 -16.35 33.84 -22.21
CA VAL B 5 -15.28 34.45 -21.42
C VAL B 5 -13.93 34.43 -22.17
N SER B 6 -13.26 35.58 -22.19
CA SER B 6 -11.96 35.84 -22.85
C SER B 6 -11.09 36.77 -21.97
N PRO B 7 -9.76 36.92 -22.19
CA PRO B 7 -8.94 37.77 -21.31
C PRO B 7 -9.21 39.26 -21.37
N PRO B 8 -8.92 40.05 -20.28
CA PRO B 8 -9.17 41.50 -20.34
C PRO B 8 -8.33 42.20 -21.39
N PRO B 9 -8.87 43.21 -22.09
CA PRO B 9 -8.08 43.90 -23.13
C PRO B 9 -7.04 44.87 -22.57
N PRO B 10 -5.86 45.00 -23.20
CA PRO B 10 -4.84 45.92 -22.67
C PRO B 10 -5.15 47.37 -22.94
N ILE B 11 -4.95 48.24 -21.93
CA ILE B 11 -5.16 49.70 -22.07
C ILE B 11 -4.19 50.25 -23.12
N ALA B 12 -2.90 49.86 -23.02
CA ALA B 12 -1.84 50.22 -23.96
C ALA B 12 -1.43 48.95 -24.71
N ASP B 13 -0.24 48.41 -24.40
CA ASP B 13 0.31 47.18 -24.97
C ASP B 13 1.10 46.42 -23.87
N GLU B 14 0.68 46.61 -22.60
CA GLU B 14 1.28 46.02 -21.40
C GLU B 14 0.76 44.59 -21.12
N PRO B 15 1.60 43.68 -20.56
CA PRO B 15 1.09 42.34 -20.23
C PRO B 15 0.31 42.34 -18.90
N LEU B 16 -0.67 41.41 -18.79
CA LEU B 16 -1.48 41.28 -17.58
C LEU B 16 -0.69 40.68 -16.39
N THR B 17 -0.53 41.47 -15.30
CA THR B 17 0.17 41.03 -14.11
C THR B 17 -0.83 40.42 -13.14
N VAL B 18 -0.65 39.10 -12.89
CA VAL B 18 -1.43 38.32 -11.95
C VAL B 18 -0.57 38.18 -10.67
N ASN B 19 -0.97 38.87 -9.60
CA ASN B 19 -0.29 38.84 -8.31
C ASN B 19 -0.70 37.57 -7.56
N THR B 20 0.30 36.78 -7.16
CA THR B 20 0.15 35.50 -6.49
C THR B 20 0.52 35.55 -5.01
N GLY B 21 0.23 34.45 -4.32
CA GLY B 21 0.50 34.26 -2.91
C GLY B 21 0.04 32.90 -2.43
N ILE B 22 0.96 32.12 -1.83
CA ILE B 22 0.66 30.80 -1.29
C ILE B 22 0.81 30.86 0.24
N TYR B 23 -0.23 30.45 0.98
CA TYR B 23 -0.20 30.40 2.43
C TYR B 23 -0.42 28.94 2.85
N LEU B 24 0.66 28.24 3.34
CA LEU B 24 0.61 26.84 3.76
C LEU B 24 -0.19 26.64 5.02
N ILE B 25 -1.23 25.81 4.93
CA ILE B 25 -2.13 25.45 6.03
C ILE B 25 -1.64 24.17 6.68
N GLU B 26 -1.44 23.11 5.88
CA GLU B 26 -0.97 21.81 6.35
C GLU B 26 0.15 21.27 5.44
N CYS B 27 1.22 20.79 6.08
CA CYS B 27 2.34 20.17 5.39
C CYS B 27 2.45 18.78 5.94
N TYR B 28 2.42 17.77 5.07
CA TYR B 28 2.42 16.36 5.49
C TYR B 28 3.03 15.42 4.42
N SER B 29 3.14 14.12 4.77
CA SER B 29 3.59 12.97 3.98
C SER B 29 4.85 13.22 3.05
N LEU B 30 6.01 13.53 3.67
CA LEU B 30 7.24 13.67 2.90
C LEU B 30 7.79 12.27 2.69
N ASP B 31 7.71 11.79 1.44
CA ASP B 31 8.22 10.49 1.02
C ASP B 31 9.65 10.68 0.56
N ASP B 32 10.59 10.03 1.23
CA ASP B 32 12.01 10.13 0.92
C ASP B 32 12.38 9.32 -0.30
N LYS B 33 11.76 8.13 -0.44
CA LYS B 33 11.97 7.23 -1.56
C LYS B 33 11.42 7.83 -2.88
N ALA B 34 10.20 8.41 -2.81
CA ALA B 34 9.48 9.01 -3.94
C ALA B 34 9.84 10.46 -4.21
N GLU B 35 10.55 11.12 -3.27
CA GLU B 35 10.94 12.53 -3.34
C GLU B 35 9.73 13.47 -3.61
N THR B 36 8.63 13.19 -2.89
CA THR B 36 7.37 13.93 -2.93
C THR B 36 7.05 14.51 -1.55
N PHE B 37 6.07 15.42 -1.48
CA PHE B 37 5.55 16.00 -0.23
C PHE B 37 4.16 16.56 -0.47
N LYS B 38 3.22 16.22 0.38
CA LYS B 38 1.86 16.70 0.24
C LYS B 38 1.73 18.05 0.96
N VAL B 39 0.96 18.96 0.35
CA VAL B 39 0.72 20.29 0.87
C VAL B 39 -0.78 20.62 0.75
N ASN B 40 -1.31 21.36 1.72
CA ASN B 40 -2.68 21.86 1.84
C ASN B 40 -2.45 23.34 2.09
N ALA B 41 -2.81 24.20 1.12
CA ALA B 41 -2.53 25.64 1.21
C ALA B 41 -3.56 26.47 0.55
N PHE B 42 -3.48 27.80 0.80
CA PHE B 42 -4.32 28.82 0.18
C PHE B 42 -3.56 29.37 -1.01
N LEU B 43 -4.27 29.68 -2.10
CA LEU B 43 -3.74 30.32 -3.29
C LEU B 43 -4.54 31.58 -3.55
N SER B 44 -3.86 32.75 -3.49
CA SER B 44 -4.49 34.04 -3.72
C SER B 44 -4.00 34.62 -5.03
N LEU B 45 -4.95 35.03 -5.88
CA LEU B 45 -4.66 35.62 -7.18
C LEU B 45 -5.33 36.98 -7.27
N SER B 46 -4.68 37.93 -7.96
CA SER B 46 -5.20 39.29 -8.16
C SER B 46 -4.80 39.87 -9.51
N TRP B 47 -5.80 40.22 -10.31
CA TRP B 47 -5.67 40.82 -11.65
C TRP B 47 -6.75 41.90 -11.87
N LYS B 48 -6.48 42.86 -12.77
CA LYS B 48 -7.44 43.92 -13.10
C LYS B 48 -8.18 43.61 -14.40
N ASP B 49 -9.50 43.37 -14.28
CA ASP B 49 -10.38 43.13 -15.42
C ASP B 49 -11.42 44.25 -15.46
N ARG B 50 -11.06 45.36 -16.16
CA ARG B 50 -11.86 46.59 -16.29
C ARG B 50 -13.27 46.33 -16.83
N ARG B 51 -13.46 45.24 -17.61
CA ARG B 51 -14.75 44.77 -18.16
C ARG B 51 -15.77 44.44 -17.06
N LEU B 52 -15.30 44.28 -15.80
CA LEU B 52 -16.15 43.93 -14.64
C LEU B 52 -16.49 45.15 -13.74
N ALA B 53 -16.12 46.38 -14.18
CA ALA B 53 -16.34 47.66 -13.48
C ALA B 53 -17.80 47.91 -13.19
N PHE B 54 -18.09 48.51 -12.02
CA PHE B 54 -19.45 48.79 -11.59
C PHE B 54 -19.57 50.04 -10.73
N ASP B 55 -20.79 50.62 -10.69
CA ASP B 55 -21.07 51.79 -9.88
C ASP B 55 -21.80 51.28 -8.62
N PRO B 56 -21.20 51.45 -7.42
CA PRO B 56 -21.85 50.98 -6.19
C PRO B 56 -23.10 51.79 -5.81
N VAL B 57 -23.28 52.97 -6.43
CA VAL B 57 -24.44 53.85 -6.25
C VAL B 57 -25.63 53.13 -6.91
N ARG B 58 -25.42 52.64 -8.16
CA ARG B 58 -26.41 51.93 -8.96
C ARG B 58 -26.60 50.47 -8.52
N SER B 59 -25.49 49.70 -8.50
CA SER B 59 -25.46 48.26 -8.14
C SER B 59 -25.87 47.99 -6.70
N GLY B 60 -25.67 48.97 -5.81
CA GLY B 60 -26.04 48.91 -4.41
C GLY B 60 -24.98 48.42 -3.45
N VAL B 61 -24.04 47.59 -3.93
CA VAL B 61 -22.97 46.99 -3.14
C VAL B 61 -21.56 47.51 -3.55
N ARG B 62 -20.69 47.73 -2.53
CA ARG B 62 -19.32 48.28 -2.66
C ARG B 62 -18.34 47.31 -3.33
N VAL B 63 -18.53 46.00 -3.07
CA VAL B 63 -17.70 44.92 -3.61
C VAL B 63 -18.65 43.82 -4.14
N LYS B 64 -18.42 43.37 -5.39
CA LYS B 64 -19.24 42.37 -6.04
C LYS B 64 -18.59 40.98 -6.01
N THR B 65 -19.38 39.94 -5.67
CA THR B 65 -18.96 38.53 -5.58
C THR B 65 -19.45 37.75 -6.80
N TYR B 66 -18.54 37.06 -7.50
CA TYR B 66 -18.86 36.26 -8.68
C TYR B 66 -18.53 34.77 -8.49
N GLU B 67 -19.16 33.92 -9.32
CA GLU B 67 -18.93 32.47 -9.37
C GLU B 67 -17.77 32.25 -10.35
N PRO B 68 -16.97 31.15 -10.22
CA PRO B 68 -15.83 30.96 -11.13
C PRO B 68 -16.16 30.91 -12.63
N GLU B 69 -17.29 30.29 -12.99
CA GLU B 69 -17.77 30.14 -14.36
C GLU B 69 -18.28 31.46 -14.96
N ALA B 70 -18.74 32.38 -14.09
CA ALA B 70 -19.28 33.70 -14.49
C ALA B 70 -18.22 34.60 -15.14
N ILE B 71 -17.07 34.75 -14.50
CA ILE B 71 -16.00 35.64 -14.98
C ILE B 71 -14.76 34.88 -15.46
N TRP B 72 -13.87 35.59 -16.21
CA TRP B 72 -12.61 35.06 -16.72
C TRP B 72 -11.60 34.96 -15.57
N ILE B 73 -11.00 33.77 -15.39
CA ILE B 73 -9.99 33.49 -14.37
C ILE B 73 -8.74 32.93 -15.08
N PRO B 74 -7.52 33.48 -14.79
CA PRO B 74 -6.31 32.99 -15.48
C PRO B 74 -5.96 31.54 -15.15
N GLU B 75 -5.52 30.80 -16.19
CA GLU B 75 -5.14 29.40 -16.02
C GLU B 75 -3.76 29.27 -15.35
N ILE B 76 -3.79 29.21 -14.00
CA ILE B 76 -2.61 29.07 -13.14
C ILE B 76 -2.44 27.59 -12.83
N ARG B 77 -1.27 27.04 -13.13
CA ARG B 77 -0.96 25.63 -12.90
C ARG B 77 0.33 25.50 -12.10
N PHE B 78 0.59 24.30 -11.58
CA PHE B 78 1.82 23.96 -10.85
C PHE B 78 2.63 23.07 -11.75
N VAL B 79 3.95 23.32 -11.85
CA VAL B 79 4.82 22.54 -12.72
C VAL B 79 5.10 21.16 -12.15
N ASN B 80 5.64 21.11 -10.92
CA ASN B 80 6.08 19.91 -10.25
C ASN B 80 4.99 19.20 -9.42
N VAL B 81 3.86 18.87 -10.03
CA VAL B 81 2.80 18.14 -9.33
C VAL B 81 2.55 16.80 -9.97
N GLU B 82 2.10 15.82 -9.16
CA GLU B 82 1.77 14.46 -9.63
C GLU B 82 0.53 14.54 -10.54
N ASN B 83 -0.60 14.98 -9.95
CA ASN B 83 -1.86 15.18 -10.67
C ASN B 83 -2.35 16.61 -10.41
N ALA B 84 -3.39 17.06 -11.13
CA ALA B 84 -3.96 18.39 -10.97
C ALA B 84 -4.47 18.59 -9.55
N ARG B 85 -4.09 19.72 -8.93
CA ARG B 85 -4.44 20.10 -7.55
C ARG B 85 -5.94 20.05 -7.24
N ASP B 86 -6.29 19.60 -6.02
CA ASP B 86 -7.67 19.53 -5.59
C ASP B 86 -8.04 20.90 -5.05
N ALA B 87 -8.43 21.80 -5.97
CA ALA B 87 -8.79 23.19 -5.71
C ALA B 87 -10.25 23.32 -5.34
N ASP B 88 -10.54 24.27 -4.44
CA ASP B 88 -11.88 24.60 -3.95
C ASP B 88 -11.88 26.10 -3.74
N VAL B 89 -12.67 26.84 -4.55
CA VAL B 89 -12.72 28.30 -4.52
C VAL B 89 -13.40 28.77 -3.23
N VAL B 90 -12.68 29.64 -2.50
CA VAL B 90 -13.10 30.22 -1.21
C VAL B 90 -13.88 31.51 -1.47
N ASP B 91 -13.31 32.43 -2.28
CA ASP B 91 -13.93 33.72 -2.60
C ASP B 91 -13.35 34.41 -3.84
N ILE B 92 -14.23 35.01 -4.64
CA ILE B 92 -13.93 35.86 -5.80
C ILE B 92 -14.63 37.19 -5.50
N SER B 93 -13.85 38.30 -5.39
CA SER B 93 -14.36 39.63 -5.06
C SER B 93 -13.80 40.69 -6.03
N VAL B 94 -14.72 41.37 -6.74
CA VAL B 94 -14.42 42.42 -7.71
C VAL B 94 -14.75 43.77 -7.09
N SER B 95 -13.81 44.71 -7.17
CA SER B 95 -13.95 46.07 -6.70
C SER B 95 -14.43 46.96 -7.91
N PRO B 96 -15.02 48.16 -7.67
CA PRO B 96 -15.54 48.97 -8.79
C PRO B 96 -14.58 49.23 -9.95
N ASP B 97 -13.27 49.25 -9.71
CA ASP B 97 -12.27 49.48 -10.77
C ASP B 97 -11.99 48.20 -11.60
N GLY B 98 -12.58 47.07 -11.19
CA GLY B 98 -12.46 45.77 -11.84
C GLY B 98 -11.40 44.86 -11.26
N THR B 99 -10.72 45.27 -10.16
CA THR B 99 -9.69 44.45 -9.51
C THR B 99 -10.28 43.20 -8.85
N VAL B 100 -9.98 42.03 -9.43
CA VAL B 100 -10.47 40.73 -8.96
C VAL B 100 -9.53 40.14 -7.90
N GLN B 101 -10.11 39.73 -6.77
CA GLN B 101 -9.40 39.11 -5.67
C GLN B 101 -9.90 37.69 -5.49
N TYR B 102 -9.14 36.75 -6.09
CA TYR B 102 -9.37 35.32 -6.10
C TYR B 102 -8.67 34.65 -4.92
N LEU B 103 -9.36 33.65 -4.33
CA LEU B 103 -8.86 32.85 -3.23
C LEU B 103 -9.42 31.45 -3.32
N GLU B 104 -8.51 30.46 -3.25
CA GLU B 104 -8.83 29.04 -3.32
C GLU B 104 -7.97 28.28 -2.35
N ARG B 105 -8.48 27.16 -1.84
CA ARG B 105 -7.73 26.30 -0.95
C ARG B 105 -7.49 24.99 -1.69
N PHE B 106 -6.23 24.63 -1.92
CA PHE B 106 -5.86 23.43 -2.65
C PHE B 106 -5.11 22.41 -1.83
N SER B 107 -4.83 21.27 -2.47
CA SER B 107 -4.04 20.15 -1.94
C SER B 107 -3.42 19.42 -3.12
N ALA B 108 -2.09 19.31 -3.13
CA ALA B 108 -1.37 18.60 -4.18
C ALA B 108 -0.11 17.90 -3.67
N ARG B 109 0.31 16.80 -4.33
CA ARG B 109 1.55 16.05 -4.00
C ARG B 109 2.61 16.61 -4.94
N VAL B 110 3.54 17.37 -4.38
CA VAL B 110 4.61 18.06 -5.07
C VAL B 110 5.84 17.17 -5.25
N LEU B 111 6.44 17.19 -6.46
CA LEU B 111 7.64 16.45 -6.85
C LEU B 111 8.88 17.36 -6.68
N SER B 112 9.54 17.26 -5.52
CA SER B 112 10.72 18.07 -5.26
C SER B 112 11.88 17.14 -4.93
N PRO B 113 12.93 17.10 -5.80
CA PRO B 113 14.07 16.20 -5.54
C PRO B 113 14.85 16.50 -4.26
N LEU B 114 15.36 15.45 -3.61
CA LEU B 114 16.09 15.56 -2.36
C LEU B 114 17.58 15.15 -2.49
N ASP B 115 18.46 15.73 -1.63
CA ASP B 115 19.90 15.44 -1.58
C ASP B 115 20.26 14.68 -0.28
N PHE B 116 20.53 13.37 -0.40
CA PHE B 116 20.78 12.53 0.76
C PHE B 116 22.26 12.37 1.12
N ARG B 117 23.14 13.18 0.49
CA ARG B 117 24.59 13.09 0.76
C ARG B 117 24.94 13.19 2.25
N ARG B 118 24.25 14.07 3.00
CA ARG B 118 24.54 14.22 4.42
C ARG B 118 23.55 13.51 5.34
N TYR B 119 22.66 12.64 4.80
CA TYR B 119 21.64 11.87 5.54
C TYR B 119 22.23 11.10 6.75
N PRO B 120 21.57 11.14 7.95
CA PRO B 120 20.32 11.84 8.30
C PRO B 120 20.56 13.25 8.88
N PHE B 121 21.72 13.86 8.59
CA PHE B 121 22.10 15.20 9.05
C PHE B 121 22.02 16.18 7.86
N ASP B 122 20.98 16.03 7.03
CA ASP B 122 20.75 16.82 5.81
C ASP B 122 19.63 17.84 5.95
N SER B 123 19.69 18.87 5.10
CA SER B 123 18.71 19.94 4.97
C SER B 123 18.25 19.99 3.51
N GLN B 124 16.97 20.30 3.29
CA GLN B 124 16.39 20.35 1.94
C GLN B 124 15.74 21.70 1.66
N THR B 125 15.60 22.04 0.36
CA THR B 125 14.89 23.23 -0.14
C THR B 125 13.80 22.69 -1.08
N LEU B 126 12.60 22.54 -0.55
CA LEU B 126 11.48 22.06 -1.35
C LEU B 126 10.94 23.17 -2.26
N HIS B 127 10.52 22.82 -3.49
CA HIS B 127 10.02 23.81 -4.44
C HIS B 127 8.57 23.61 -4.84
N ILE B 128 7.88 24.71 -5.08
CA ILE B 128 6.51 24.78 -5.56
C ILE B 128 6.58 25.76 -6.74
N TYR B 129 6.33 25.28 -7.95
CA TYR B 129 6.44 26.10 -9.13
C TYR B 129 5.10 26.51 -9.75
N LEU B 130 4.74 27.79 -9.60
CA LEU B 130 3.53 28.34 -10.20
C LEU B 130 3.85 28.72 -11.64
N ILE B 131 2.93 28.43 -12.58
CA ILE B 131 3.15 28.73 -13.99
C ILE B 131 1.86 29.23 -14.67
N VAL B 132 2.01 30.14 -15.65
CA VAL B 132 0.90 30.68 -16.45
C VAL B 132 1.31 30.79 -17.93
N ARG B 133 0.49 30.24 -18.83
CA ARG B 133 0.76 30.29 -20.26
C ARG B 133 -0.01 31.44 -20.88
N SER B 134 0.72 32.30 -21.60
CA SER B 134 0.18 33.48 -22.28
C SER B 134 -0.78 33.10 -23.40
N VAL B 135 -1.87 33.86 -23.53
CA VAL B 135 -2.88 33.67 -24.57
C VAL B 135 -2.52 34.45 -25.84
N ASP B 136 -3.20 34.14 -26.96
CA ASP B 136 -2.92 34.81 -28.24
C ASP B 136 -3.26 36.30 -28.25
N THR B 137 -4.29 36.69 -27.48
CA THR B 137 -4.74 38.08 -27.35
C THR B 137 -3.69 38.94 -26.63
N ARG B 138 -3.29 38.55 -25.40
CA ARG B 138 -2.25 39.26 -24.63
C ARG B 138 -1.43 38.31 -23.74
N ASN B 139 -0.23 38.77 -23.31
CA ASN B 139 0.67 38.00 -22.46
C ASN B 139 0.37 38.14 -20.98
N ILE B 140 0.58 37.04 -20.24
CA ILE B 140 0.34 36.98 -18.79
C ILE B 140 1.67 36.78 -18.04
N VAL B 141 1.95 37.69 -17.09
CA VAL B 141 3.16 37.71 -16.27
C VAL B 141 2.73 37.59 -14.80
N LEU B 142 3.44 36.72 -14.03
CA LEU B 142 3.18 36.49 -12.61
C LEU B 142 4.00 37.44 -11.74
N ALA B 143 3.48 37.72 -10.55
CA ALA B 143 4.13 38.59 -9.57
C ALA B 143 3.86 38.05 -8.18
N VAL B 144 4.73 38.38 -7.22
CA VAL B 144 4.58 37.90 -5.85
C VAL B 144 4.02 39.03 -4.97
N ASP B 145 2.90 38.75 -4.29
CA ASP B 145 2.29 39.66 -3.32
C ASP B 145 2.76 39.13 -1.95
N LEU B 146 3.89 39.68 -1.46
CA LEU B 146 4.55 39.25 -0.22
C LEU B 146 3.66 39.34 1.02
N GLU B 147 2.59 40.12 0.96
CA GLU B 147 1.60 40.29 2.03
C GLU B 147 0.74 39.01 2.18
N LYS B 148 0.57 38.25 1.08
CA LYS B 148 -0.27 37.05 1.01
C LYS B 148 0.52 35.73 0.88
N VAL B 149 1.83 35.74 1.20
CA VAL B 149 2.75 34.58 1.20
C VAL B 149 3.15 34.29 2.65
N GLY B 150 2.89 33.07 3.11
CA GLY B 150 3.22 32.64 4.47
C GLY B 150 2.93 31.18 4.75
N LYS B 151 2.85 30.85 6.05
CA LYS B 151 2.57 29.52 6.61
C LYS B 151 2.09 29.73 8.05
N ASN B 152 1.14 28.90 8.53
CA ASN B 152 0.71 29.09 9.90
C ASN B 152 1.71 28.43 10.88
N ASP B 153 1.61 28.79 12.17
CA ASP B 153 2.50 28.35 13.23
C ASP B 153 2.39 26.84 13.56
N ASP B 154 1.19 26.26 13.42
CA ASP B 154 0.90 24.84 13.68
C ASP B 154 1.41 23.88 12.58
N VAL B 155 1.98 24.41 11.45
CA VAL B 155 2.49 23.60 10.34
C VAL B 155 3.64 22.75 10.86
N PHE B 156 3.43 21.43 10.85
CA PHE B 156 4.40 20.45 11.33
C PHE B 156 4.63 19.41 10.26
N LEU B 157 5.90 19.05 10.04
CA LEU B 157 6.26 18.01 9.10
C LEU B 157 6.99 16.97 9.94
N THR B 158 6.40 15.75 10.09
CA THR B 158 6.93 14.66 10.92
C THR B 158 8.38 14.35 10.56
N GLY B 159 9.25 14.43 11.57
CA GLY B 159 10.68 14.15 11.41
C GLY B 159 11.50 15.27 10.80
N TRP B 160 10.89 16.44 10.58
CA TRP B 160 11.55 17.60 9.98
C TRP B 160 11.28 18.90 10.72
N ASP B 161 12.25 19.83 10.65
CA ASP B 161 12.16 21.16 11.24
C ASP B 161 11.94 22.12 10.09
N ILE B 162 10.79 22.82 10.09
CA ILE B 162 10.46 23.77 9.01
C ILE B 162 11.13 25.11 9.28
N GLU B 163 12.14 25.44 8.47
CA GLU B 163 12.90 26.69 8.61
C GLU B 163 12.14 27.90 8.11
N SER B 164 11.89 27.98 6.78
CA SER B 164 11.22 29.12 6.15
C SER B 164 10.40 28.77 4.93
N PHE B 165 9.44 29.67 4.58
CA PHE B 165 8.65 29.60 3.37
C PHE B 165 8.69 30.97 2.72
N THR B 166 9.49 31.07 1.66
CA THR B 166 9.72 32.28 0.87
C THR B 166 9.47 32.03 -0.61
N ALA B 167 9.41 33.13 -1.40
CA ALA B 167 9.17 33.08 -2.84
C ALA B 167 10.17 33.94 -3.59
N VAL B 168 10.67 33.42 -4.72
CA VAL B 168 11.59 34.15 -5.60
C VAL B 168 10.71 35.13 -6.39
N VAL B 169 10.71 36.40 -5.94
CA VAL B 169 9.91 37.54 -6.41
C VAL B 169 9.99 37.78 -7.93
N LYS B 170 11.17 37.61 -8.55
CA LYS B 170 11.37 37.78 -10.00
C LYS B 170 10.96 36.49 -10.73
N PRO B 171 9.91 36.54 -11.60
CA PRO B 171 9.51 35.31 -12.31
C PRO B 171 10.41 34.99 -13.48
N ALA B 172 10.47 33.70 -13.82
CA ALA B 172 11.24 33.20 -14.93
C ALA B 172 10.33 33.23 -16.17
N ASN B 173 10.51 34.27 -17.03
CA ASN B 173 9.72 34.42 -18.26
C ASN B 173 10.50 33.80 -19.43
N PHE B 174 9.92 32.75 -20.04
CA PHE B 174 10.53 31.96 -21.12
C PHE B 174 9.53 31.48 -22.16
N ALA B 175 10.04 31.18 -23.35
CA ALA B 175 9.23 30.69 -24.46
C ALA B 175 9.16 29.17 -24.46
N LEU B 176 7.93 28.65 -24.61
CA LEU B 176 7.66 27.22 -24.65
C LEU B 176 6.55 26.94 -25.67
N GLU B 177 6.91 26.19 -26.75
CA GLU B 177 6.03 25.82 -27.87
C GLU B 177 5.38 27.04 -28.53
N ASP B 178 6.24 28.01 -28.93
CA ASP B 178 5.90 29.28 -29.61
C ASP B 178 5.05 30.26 -28.77
N ARG B 179 4.93 30.04 -27.45
CA ARG B 179 4.17 30.91 -26.55
C ARG B 179 4.95 31.23 -25.29
N LEU B 180 4.73 32.44 -24.74
CA LEU B 180 5.40 32.90 -23.53
C LEU B 180 4.82 32.23 -22.28
N GLU B 181 5.69 32.03 -21.28
CA GLU B 181 5.38 31.40 -20.00
C GLU B 181 6.01 32.15 -18.85
N SER B 182 5.26 32.30 -17.75
CA SER B 182 5.75 32.96 -16.55
C SER B 182 5.77 31.94 -15.41
N LYS B 183 6.96 31.67 -14.84
CA LYS B 183 7.17 30.70 -13.78
C LYS B 183 7.65 31.35 -12.49
N LEU B 184 7.03 30.98 -11.36
CA LEU B 184 7.40 31.45 -10.02
C LEU B 184 7.95 30.30 -9.14
N ASP B 185 8.86 30.62 -8.21
CA ASP B 185 9.48 29.62 -7.34
C ASP B 185 9.20 29.84 -5.85
N TYR B 186 8.40 28.93 -5.25
CA TYR B 186 8.08 28.95 -3.83
C TYR B 186 8.96 27.94 -3.13
N GLN B 187 9.92 28.44 -2.34
CA GLN B 187 10.90 27.61 -1.63
C GLN B 187 10.57 27.38 -0.17
N LEU B 188 10.49 26.11 0.24
CA LEU B 188 10.25 25.70 1.61
C LEU B 188 11.50 24.99 2.16
N ARG B 189 12.25 25.68 3.03
CA ARG B 189 13.46 25.15 3.62
C ARG B 189 13.15 24.34 4.88
N ILE B 190 13.68 23.12 4.92
CA ILE B 190 13.51 22.15 6.01
C ILE B 190 14.85 21.50 6.35
N SER B 191 14.97 20.95 7.57
CA SER B 191 16.15 20.24 8.06
C SER B 191 15.68 19.01 8.85
N ARG B 192 16.35 17.88 8.68
CA ARG B 192 15.98 16.64 9.32
C ARG B 192 16.23 16.58 10.80
N GLN B 193 15.32 15.91 11.53
CA GLN B 193 15.42 15.61 12.96
C GLN B 193 16.11 14.24 13.05
N TYR B 194 17.42 14.28 13.25
CA TYR B 194 18.32 13.11 13.32
C TYR B 194 18.35 12.40 14.70
N PHE B 195 17.63 12.92 15.70
CA PHE B 195 17.60 12.38 17.05
C PHE B 195 17.31 10.90 17.11
N SER B 196 16.25 10.43 16.44
CA SER B 196 15.82 9.02 16.46
C SER B 196 16.85 8.05 15.88
N TYR B 197 17.68 8.52 14.93
CA TYR B 197 18.72 7.71 14.26
C TYR B 197 19.84 7.25 15.20
N ILE B 198 20.15 8.06 16.22
CA ILE B 198 21.19 7.78 17.19
C ILE B 198 20.85 6.54 18.05
N PRO B 199 19.76 6.49 18.87
CA PRO B 199 19.51 5.29 19.67
C PRO B 199 18.93 4.08 18.90
N ASN B 200 18.42 4.30 17.66
CA ASN B 200 17.80 3.22 16.89
C ASN B 200 18.71 2.56 15.87
N ILE B 201 19.64 3.33 15.26
CA ILE B 201 20.51 2.80 14.20
C ILE B 201 22.00 2.93 14.54
N ILE B 202 22.50 4.17 14.74
CA ILE B 202 23.91 4.49 15.00
C ILE B 202 24.49 3.75 16.24
N LEU B 203 23.95 4.00 17.44
CA LEU B 203 24.44 3.35 18.66
C LEU B 203 24.25 1.83 18.67
N PRO B 204 23.09 1.21 18.31
CA PRO B 204 23.04 -0.27 18.31
C PRO B 204 24.00 -0.92 17.31
N MET B 205 24.24 -0.24 16.17
CA MET B 205 25.16 -0.70 15.13
C MET B 205 26.62 -0.57 15.58
N LEU B 206 26.92 0.35 16.52
CA LEU B 206 28.27 0.47 17.06
C LEU B 206 28.51 -0.60 18.11
N PHE B 207 27.51 -0.88 18.97
CA PHE B 207 27.58 -1.91 19.99
C PHE B 207 27.90 -3.29 19.41
N ILE B 208 27.22 -3.68 18.29
CA ILE B 208 27.45 -4.96 17.62
C ILE B 208 28.87 -5.04 17.04
N LEU B 209 29.44 -3.88 16.59
CA LEU B 209 30.80 -3.82 16.08
C LEU B 209 31.83 -4.02 17.21
N PHE B 210 31.61 -3.34 18.37
CA PHE B 210 32.53 -3.46 19.51
C PHE B 210 32.47 -4.83 20.12
N ILE B 211 31.29 -5.47 20.09
CA ILE B 211 31.09 -6.86 20.57
C ILE B 211 31.93 -7.81 19.71
N SER B 212 32.03 -7.56 18.39
CA SER B 212 32.85 -8.38 17.48
C SER B 212 34.33 -8.25 17.84
N TRP B 213 34.76 -7.07 18.30
CA TRP B 213 36.15 -6.77 18.69
C TRP B 213 36.59 -7.44 20.00
N THR B 214 35.66 -8.09 20.72
CA THR B 214 36.03 -8.81 21.95
C THR B 214 36.73 -10.12 21.58
N ALA B 215 36.85 -10.41 20.25
CA ALA B 215 37.52 -11.60 19.73
C ALA B 215 39.06 -11.42 19.76
N PHE B 216 39.52 -10.16 20.04
CA PHE B 216 40.96 -9.86 20.18
C PHE B 216 41.46 -10.15 21.62
N TRP B 217 40.53 -10.55 22.52
CA TRP B 217 40.81 -10.93 23.91
C TRP B 217 40.38 -12.37 24.17
N SER B 218 40.32 -13.17 23.09
CA SER B 218 39.96 -14.58 23.09
C SER B 218 40.87 -15.39 22.17
N THR B 219 41.16 -16.65 22.59
CA THR B 219 42.00 -17.62 21.86
C THR B 219 41.17 -18.77 21.27
N SER B 220 39.86 -18.78 21.64
CA SER B 220 38.87 -19.76 21.20
C SER B 220 38.36 -19.41 19.80
N TYR B 221 38.90 -20.06 18.76
CA TYR B 221 38.54 -19.82 17.37
C TYR B 221 37.07 -20.10 17.09
N GLU B 222 36.52 -21.17 17.70
CA GLU B 222 35.10 -21.54 17.56
C GLU B 222 34.16 -20.46 18.14
N ALA B 223 34.59 -19.78 19.22
CA ALA B 223 33.84 -18.69 19.86
C ALA B 223 34.05 -17.37 19.10
N ASN B 224 35.26 -17.22 18.52
CA ASN B 224 35.66 -16.08 17.73
C ASN B 224 34.87 -16.02 16.42
N VAL B 225 34.67 -17.20 15.77
CA VAL B 225 33.90 -17.34 14.53
C VAL B 225 32.47 -16.92 14.82
N THR B 226 31.87 -17.46 15.93
CA THR B 226 30.51 -17.13 16.37
C THR B 226 30.38 -15.62 16.63
N LEU B 227 31.39 -15.02 17.30
CA LEU B 227 31.43 -13.58 17.59
C LEU B 227 31.47 -12.69 16.36
N VAL B 228 32.43 -12.91 15.42
CA VAL B 228 32.57 -12.06 14.24
C VAL B 228 31.47 -12.33 13.19
N VAL B 229 31.08 -13.62 13.01
CA VAL B 229 30.05 -13.98 12.05
C VAL B 229 28.66 -13.48 12.48
N SER B 230 28.23 -13.79 13.72
CA SER B 230 26.90 -13.39 14.21
C SER B 230 26.66 -11.89 14.19
N THR B 231 27.69 -11.10 14.62
CA THR B 231 27.63 -9.63 14.60
C THR B 231 27.63 -9.07 13.18
N LEU B 232 28.21 -9.79 12.20
CA LEU B 232 28.17 -9.37 10.80
C LEU B 232 26.75 -9.50 10.25
N ILE B 233 26.04 -10.59 10.64
CA ILE B 233 24.66 -10.87 10.25
C ILE B 233 23.72 -9.75 10.75
N ALA B 234 23.97 -9.30 12.01
CA ALA B 234 23.23 -8.20 12.62
C ALA B 234 23.51 -6.90 11.89
N HIS B 235 24.73 -6.72 11.37
CA HIS B 235 25.10 -5.54 10.60
C HIS B 235 24.43 -5.54 9.22
N ILE B 236 24.21 -6.73 8.62
CA ILE B 236 23.51 -6.88 7.33
C ILE B 236 22.07 -6.41 7.52
N ALA B 237 21.41 -6.82 8.67
CA ALA B 237 20.05 -6.39 9.05
C ALA B 237 19.93 -4.86 9.13
N PHE B 238 20.98 -4.20 9.72
CA PHE B 238 21.08 -2.75 9.85
C PHE B 238 21.30 -2.06 8.52
N ASN B 239 22.11 -2.66 7.65
CA ASN B 239 22.33 -2.14 6.30
C ASN B 239 21.00 -2.19 5.48
N ILE B 240 20.22 -3.29 5.61
CA ILE B 240 18.95 -3.50 4.91
C ILE B 240 17.89 -2.51 5.41
N LEU B 241 17.75 -2.40 6.76
CA LEU B 241 16.80 -1.51 7.43
C LEU B 241 17.00 -0.06 6.98
N VAL B 242 18.26 0.35 6.78
CA VAL B 242 18.62 1.70 6.33
C VAL B 242 18.26 1.93 4.85
N GLU B 243 18.66 1.00 3.94
CA GLU B 243 18.42 1.15 2.50
C GLU B 243 16.93 1.06 2.11
N THR B 244 16.04 0.64 3.05
CA THR B 244 14.59 0.61 2.82
C THR B 244 13.96 2.01 3.02
N ASN B 245 14.54 2.85 3.91
CA ASN B 245 14.06 4.22 4.19
C ASN B 245 14.67 5.26 3.21
N LEU B 246 15.48 4.80 2.24
CA LEU B 246 16.17 5.65 1.26
C LEU B 246 16.06 5.18 -0.19
N PRO B 247 16.04 6.12 -1.17
CA PRO B 247 16.01 5.70 -2.58
C PRO B 247 17.40 5.40 -3.12
N LYS B 248 17.46 4.66 -4.24
CA LYS B 248 18.72 4.27 -4.88
C LYS B 248 19.36 5.50 -5.53
N THR B 249 20.38 6.03 -4.83
CA THR B 249 21.11 7.24 -5.21
C THR B 249 22.38 6.93 -6.04
N PRO B 250 22.69 7.76 -7.06
CA PRO B 250 23.93 7.52 -7.84
C PRO B 250 25.20 8.10 -7.18
N TYR B 251 25.07 8.52 -5.91
CA TYR B 251 26.12 9.10 -5.08
C TYR B 251 26.18 8.37 -3.75
N MET B 252 27.28 8.57 -3.02
CA MET B 252 27.45 7.91 -1.73
C MET B 252 26.87 8.81 -0.65
N THR B 253 26.03 8.23 0.22
CA THR B 253 25.43 8.95 1.34
C THR B 253 26.39 8.87 2.54
N TYR B 254 26.18 9.71 3.56
CA TYR B 254 27.06 9.71 4.73
C TYR B 254 26.93 8.41 5.54
N THR B 255 25.70 7.95 5.77
CA THR B 255 25.37 6.72 6.49
C THR B 255 25.80 5.52 5.64
N GLY B 256 25.57 5.60 4.34
CA GLY B 256 25.96 4.57 3.37
C GLY B 256 27.44 4.32 3.35
N ALA B 257 28.23 5.39 3.51
CA ALA B 257 29.69 5.37 3.58
C ALA B 257 30.17 4.63 4.85
N ILE B 258 29.63 5.03 6.04
CA ILE B 258 29.93 4.44 7.34
C ILE B 258 29.55 2.97 7.35
N ILE B 259 28.30 2.63 6.94
CA ILE B 259 27.80 1.25 6.88
C ILE B 259 28.72 0.39 6.00
N PHE B 260 29.10 0.90 4.80
CA PHE B 260 29.99 0.17 3.89
C PHE B 260 31.39 -0.03 4.45
N MET B 261 31.92 1.00 5.13
CA MET B 261 33.25 0.98 5.75
C MET B 261 33.33 -0.08 6.85
N ILE B 262 32.26 -0.23 7.64
CA ILE B 262 32.15 -1.22 8.72
C ILE B 262 32.25 -2.65 8.16
N TYR B 263 31.75 -2.89 6.91
CA TYR B 263 31.85 -4.19 6.22
C TYR B 263 33.29 -4.63 6.10
N LEU B 264 34.21 -3.67 5.87
CA LEU B 264 35.64 -3.94 5.76
C LEU B 264 36.26 -4.34 7.09
N PHE B 265 35.84 -3.67 8.20
CA PHE B 265 36.32 -3.99 9.55
C PHE B 265 35.97 -5.41 9.97
N TYR B 266 34.78 -5.92 9.57
CA TYR B 266 34.34 -7.29 9.82
C TYR B 266 35.18 -8.23 8.98
N PHE B 267 35.49 -7.81 7.73
CA PHE B 267 36.29 -8.61 6.83
C PHE B 267 37.73 -8.77 7.33
N VAL B 268 38.34 -7.68 7.84
CA VAL B 268 39.68 -7.70 8.40
C VAL B 268 39.71 -8.47 9.75
N ALA B 269 38.66 -8.33 10.58
CA ALA B 269 38.52 -9.08 11.84
C ALA B 269 38.48 -10.60 11.56
N VAL B 270 37.74 -11.02 10.49
CA VAL B 270 37.69 -12.43 10.08
C VAL B 270 39.09 -12.92 9.70
N ILE B 271 39.86 -12.11 8.93
CA ILE B 271 41.23 -12.44 8.54
C ILE B 271 42.11 -12.62 9.80
N GLU B 272 42.03 -11.68 10.77
CA GLU B 272 42.80 -11.72 12.02
C GLU B 272 42.47 -12.98 12.80
N VAL B 273 41.16 -13.31 12.93
CA VAL B 273 40.65 -14.48 13.67
C VAL B 273 41.14 -15.79 13.01
N THR B 274 41.28 -15.80 11.66
CA THR B 274 41.80 -16.94 10.91
C THR B 274 43.33 -17.07 11.08
N VAL B 275 44.06 -15.91 10.98
CA VAL B 275 45.52 -15.83 11.13
C VAL B 275 45.93 -16.35 12.50
N GLN B 276 45.29 -15.86 13.60
CA GLN B 276 45.52 -16.28 14.98
C GLN B 276 45.39 -17.79 15.10
N HIS B 277 44.33 -18.39 14.51
CA HIS B 277 44.12 -19.83 14.56
C HIS B 277 45.16 -20.59 13.78
N TYR B 278 45.44 -20.16 12.52
CA TYR B 278 46.43 -20.85 11.67
C TYR B 278 47.81 -20.92 12.34
N LEU B 279 48.22 -19.82 12.99
CA LEU B 279 49.49 -19.72 13.71
C LEU B 279 49.52 -20.58 14.97
N LYS B 280 48.38 -20.67 15.70
CA LYS B 280 48.22 -21.47 16.91
C LYS B 280 48.39 -22.96 16.56
N VAL B 281 47.71 -23.43 15.50
CA VAL B 281 47.77 -24.81 15.02
C VAL B 281 49.19 -25.14 14.50
N GLU B 282 49.85 -24.14 13.85
CA GLU B 282 51.22 -24.24 13.32
C GLU B 282 52.29 -24.20 14.45
N SER B 283 51.83 -24.24 15.72
CA SER B 283 52.59 -24.26 16.95
C SER B 283 53.53 -23.05 17.11
N GLN B 284 53.06 -21.85 16.71
CA GLN B 284 53.79 -20.60 16.90
C GLN B 284 52.84 -19.51 17.47
N PRO B 285 52.37 -19.71 18.74
CA PRO B 285 51.43 -18.76 19.35
C PRO B 285 52.06 -17.44 19.79
N ALA B 286 53.37 -17.26 19.57
CA ALA B 286 54.08 -16.05 19.89
C ALA B 286 53.75 -14.98 18.85
N ARG B 287 53.63 -15.38 17.55
CA ARG B 287 53.29 -14.51 16.41
C ARG B 287 51.79 -14.19 16.48
N ALA B 288 50.99 -15.22 16.78
CA ALA B 288 49.55 -15.14 16.93
C ALA B 288 49.19 -14.15 18.04
N ALA B 289 49.96 -14.16 19.14
CA ALA B 289 49.72 -13.27 20.27
C ALA B 289 50.03 -11.82 19.93
N SER B 290 51.15 -11.55 19.19
CA SER B 290 51.58 -10.20 18.84
C SER B 290 50.64 -9.53 17.83
N ILE B 291 50.08 -10.32 16.87
CA ILE B 291 49.10 -9.87 15.89
C ILE B 291 47.80 -9.49 16.63
N THR B 292 47.34 -10.36 17.55
CA THR B 292 46.12 -10.19 18.34
C THR B 292 46.27 -8.96 19.24
N ARG B 293 47.45 -8.81 19.89
CA ARG B 293 47.73 -7.67 20.78
C ARG B 293 47.74 -6.33 20.04
N ALA B 294 48.24 -6.33 18.79
CA ALA B 294 48.30 -5.15 17.94
C ALA B 294 46.89 -4.72 17.48
N SER B 295 46.06 -5.70 17.10
CA SER B 295 44.68 -5.54 16.62
C SER B 295 43.79 -4.89 17.67
N ARG B 296 44.12 -5.09 18.96
CA ARG B 296 43.42 -4.52 20.12
C ARG B 296 43.48 -2.99 20.12
N ILE B 297 44.60 -2.43 19.60
CA ILE B 297 44.86 -0.99 19.49
C ILE B 297 44.55 -0.51 18.05
N ALA B 298 44.97 -1.29 17.02
CA ALA B 298 44.78 -0.98 15.61
C ALA B 298 43.32 -0.73 15.20
N PHE B 299 42.44 -1.74 15.43
CA PHE B 299 41.01 -1.68 15.08
C PHE B 299 40.29 -0.44 15.64
N PRO B 300 40.35 -0.10 16.95
CA PRO B 300 39.67 1.13 17.42
C PRO B 300 40.29 2.42 16.87
N VAL B 301 41.64 2.50 16.76
CA VAL B 301 42.35 3.68 16.24
C VAL B 301 42.02 3.92 14.77
N VAL B 302 42.16 2.90 13.91
CA VAL B 302 41.86 3.00 12.48
C VAL B 302 40.39 3.37 12.26
N PHE B 303 39.47 2.76 13.03
CA PHE B 303 38.04 3.05 12.96
C PHE B 303 37.72 4.51 13.32
N LEU B 304 38.34 5.01 14.41
CA LEU B 304 38.19 6.37 14.91
C LEU B 304 38.73 7.38 13.87
N LEU B 305 39.92 7.12 13.29
CA LEU B 305 40.52 7.99 12.27
C LEU B 305 39.71 7.98 10.98
N ALA B 306 39.28 6.78 10.50
CA ALA B 306 38.48 6.60 9.29
C ALA B 306 37.16 7.40 9.34
N ASN B 307 36.55 7.46 10.54
CA ASN B 307 35.31 8.23 10.77
C ASN B 307 35.57 9.72 10.74
N ILE B 308 36.75 10.19 11.25
CA ILE B 308 37.16 11.59 11.22
C ILE B 308 37.32 11.98 9.75
N ILE B 309 38.00 11.14 8.94
CA ILE B 309 38.18 11.35 7.50
C ILE B 309 36.83 11.45 6.77
N LEU B 310 35.92 10.49 6.98
CA LEU B 310 34.59 10.49 6.36
C LEU B 310 33.78 11.75 6.70
N ALA B 311 33.62 12.04 8.03
CA ALA B 311 32.88 13.20 8.55
C ALA B 311 33.46 14.49 8.00
N PHE B 312 34.80 14.52 7.82
CA PHE B 312 35.46 15.67 7.23
C PHE B 312 35.08 15.82 5.76
N LEU B 313 35.14 14.70 5.00
CA LEU B 313 34.80 14.68 3.56
C LEU B 313 33.36 15.07 3.32
N PHE B 314 32.43 14.59 4.16
CA PHE B 314 31.01 14.88 4.01
C PHE B 314 30.55 16.24 4.58
N PHE B 315 31.24 16.77 5.63
CA PHE B 315 30.85 18.04 6.27
C PHE B 315 32.06 18.95 6.47
N VAL C 5 -27.15 34.69 -4.68
CA VAL C 5 -27.10 34.51 -3.23
C VAL C 5 -25.93 35.31 -2.62
N SER C 6 -26.21 35.98 -1.50
CA SER C 6 -25.27 36.83 -0.74
C SER C 6 -25.54 36.67 0.78
N PRO C 7 -24.63 37.10 1.70
CA PRO C 7 -24.89 36.90 3.14
C PRO C 7 -26.05 37.70 3.72
N PRO C 8 -26.71 37.25 4.83
CA PRO C 8 -27.82 38.03 5.41
C PRO C 8 -27.36 39.40 5.92
N PRO C 9 -28.16 40.46 5.73
CA PRO C 9 -27.71 41.78 6.18
C PRO C 9 -27.82 41.97 7.70
N PRO C 10 -26.87 42.71 8.32
CA PRO C 10 -26.96 42.91 9.78
C PRO C 10 -28.05 43.91 10.18
N ILE C 11 -28.80 43.57 11.23
CA ILE C 11 -29.85 44.44 11.78
C ILE C 11 -29.22 45.75 12.28
N ALA C 12 -28.12 45.62 13.05
CA ALA C 12 -27.33 46.75 13.57
C ALA C 12 -25.97 46.73 12.86
N ASP C 13 -24.89 46.31 13.57
CA ASP C 13 -23.53 46.15 13.05
C ASP C 13 -22.86 44.93 13.73
N GLU C 14 -23.69 43.94 14.12
CA GLU C 14 -23.30 42.69 14.79
C GLU C 14 -22.80 41.61 13.81
N PRO C 15 -21.81 40.76 14.21
CA PRO C 15 -21.38 39.70 13.28
C PRO C 15 -22.34 38.50 13.31
N LEU C 16 -22.42 37.76 12.19
CA LEU C 16 -23.28 36.58 12.07
C LEU C 16 -22.73 35.38 12.86
N THR C 17 -23.50 34.92 13.87
CA THR C 17 -23.12 33.76 14.68
C THR C 17 -23.69 32.48 14.06
N VAL C 18 -22.79 31.60 13.61
CA VAL C 18 -23.10 30.31 13.04
C VAL C 18 -22.86 29.27 14.15
N ASN C 19 -23.95 28.69 14.69
CA ASN C 19 -23.90 27.67 15.72
C ASN C 19 -23.57 26.33 15.08
N THR C 20 -22.50 25.70 15.58
CA THR C 20 -21.97 24.43 15.07
C THR C 20 -22.23 23.26 16.02
N GLY C 21 -21.92 22.06 15.53
CA GLY C 21 -22.09 20.80 16.24
C GLY C 21 -21.65 19.61 15.40
N ILE C 22 -20.70 18.81 15.93
CA ILE C 22 -20.20 17.61 15.25
C ILE C 22 -20.64 16.39 16.05
N TYR C 23 -21.31 15.43 15.40
CA TYR C 23 -21.74 14.19 16.03
C TYR C 23 -21.06 13.03 15.30
N LEU C 24 -20.03 12.39 15.95
CA LEU C 24 -19.25 11.28 15.38
C LEU C 24 -20.08 10.01 15.25
N ILE C 25 -20.19 9.52 14.01
CA ILE C 25 -20.92 8.30 13.65
C ILE C 25 -19.94 7.12 13.67
N GLU C 26 -18.81 7.25 12.94
CA GLU C 26 -17.78 6.23 12.81
C GLU C 26 -16.38 6.83 12.97
N CYS C 27 -15.57 6.20 13.83
CA CYS C 27 -14.19 6.58 14.05
C CYS C 27 -13.35 5.39 13.71
N TYR C 28 -12.39 5.59 12.81
CA TYR C 28 -11.56 4.49 12.30
C TYR C 28 -10.18 4.95 11.83
N SER C 29 -9.33 3.97 11.47
CA SER C 29 -7.99 4.08 10.89
C SER C 29 -7.07 5.14 11.50
N LEU C 30 -6.70 4.95 12.79
CA LEU C 30 -5.72 5.80 13.45
C LEU C 30 -4.30 5.30 13.07
N ASP C 31 -3.63 6.05 12.17
CA ASP C 31 -2.27 5.77 11.70
C ASP C 31 -1.32 6.47 12.66
N ASP C 32 -0.51 5.69 13.36
CA ASP C 32 0.45 6.22 14.33
C ASP C 32 1.65 6.88 13.65
N LYS C 33 2.12 6.26 12.56
CA LYS C 33 3.24 6.76 11.77
C LYS C 33 2.89 8.08 11.06
N ALA C 34 1.69 8.14 10.45
CA ALA C 34 1.18 9.29 9.70
C ALA C 34 0.49 10.35 10.55
N GLU C 35 0.19 10.02 11.83
CA GLU C 35 -0.49 10.89 12.80
C GLU C 35 -1.83 11.42 12.23
N THR C 36 -2.58 10.51 11.56
CA THR C 36 -3.88 10.76 10.94
C THR C 36 -4.94 9.82 11.52
N PHE C 37 -6.21 10.16 11.31
CA PHE C 37 -7.39 9.39 11.69
C PHE C 37 -8.54 9.76 10.74
N LYS C 38 -9.28 8.74 10.28
CA LYS C 38 -10.44 8.89 9.42
C LYS C 38 -11.67 9.01 10.31
N VAL C 39 -12.64 9.82 9.90
CA VAL C 39 -13.85 10.08 10.68
C VAL C 39 -15.08 10.19 9.76
N ASN C 40 -16.26 9.76 10.25
CA ASN C 40 -17.54 9.83 9.53
C ASN C 40 -18.51 10.47 10.52
N ALA C 41 -18.84 11.74 10.34
CA ALA C 41 -19.67 12.43 11.31
C ALA C 41 -20.75 13.32 10.71
N PHE C 42 -21.68 13.79 11.56
CA PHE C 42 -22.73 14.73 11.20
C PHE C 42 -22.22 16.12 11.55
N LEU C 43 -22.53 17.10 10.70
CA LEU C 43 -22.20 18.50 10.92
C LEU C 43 -23.50 19.32 10.88
N SER C 44 -23.84 19.97 12.00
CA SER C 44 -25.04 20.76 12.12
C SER C 44 -24.65 22.23 12.22
N LEU C 45 -25.28 23.06 11.37
CA LEU C 45 -25.05 24.50 11.30
C LEU C 45 -26.37 25.22 11.51
N SER C 46 -26.33 26.38 12.18
CA SER C 46 -27.51 27.20 12.46
C SER C 46 -27.19 28.68 12.52
N TRP C 47 -27.85 29.47 11.67
CA TRP C 47 -27.68 30.93 11.59
C TRP C 47 -29.02 31.61 11.30
N LYS C 48 -29.12 32.93 11.61
CA LYS C 48 -30.33 33.72 11.35
C LYS C 48 -30.22 34.55 10.07
N ASP C 49 -31.17 34.32 9.16
CA ASP C 49 -31.32 35.01 7.88
C ASP C 49 -32.76 35.54 7.84
N ARG C 50 -32.92 36.85 8.09
CA ARG C 50 -34.24 37.47 8.07
C ARG C 50 -34.90 37.40 6.69
N ARG C 51 -34.09 37.50 5.61
CA ARG C 51 -34.55 37.40 4.22
C ARG C 51 -35.38 36.12 3.96
N LEU C 52 -35.28 35.13 4.86
CA LEU C 52 -35.99 33.87 4.75
C LEU C 52 -37.18 33.75 5.70
N ALA C 53 -37.38 34.76 6.59
CA ALA C 53 -38.49 34.81 7.55
C ALA C 53 -39.85 34.79 6.86
N PHE C 54 -40.85 34.22 7.54
CA PHE C 54 -42.22 34.09 7.05
C PHE C 54 -43.22 34.08 8.21
N ASP C 55 -44.49 34.41 7.92
CA ASP C 55 -45.53 34.42 8.96
C ASP C 55 -46.02 32.99 9.22
N PRO C 56 -46.00 32.50 10.50
CA PRO C 56 -46.47 31.12 10.76
C PRO C 56 -47.98 30.93 10.61
N VAL C 57 -48.79 31.94 11.04
CA VAL C 57 -50.26 31.93 10.96
C VAL C 57 -50.79 32.01 9.51
N ARG C 58 -50.12 32.78 8.63
CA ARG C 58 -50.51 32.94 7.23
C ARG C 58 -50.09 31.78 6.32
N SER C 59 -48.79 31.44 6.31
CA SER C 59 -48.21 30.40 5.45
C SER C 59 -48.78 29.00 5.68
N GLY C 60 -49.30 28.75 6.88
CA GLY C 60 -49.88 27.48 7.27
C GLY C 60 -48.81 26.51 7.72
N VAL C 61 -47.74 26.38 6.90
CA VAL C 61 -46.58 25.52 7.16
C VAL C 61 -45.72 26.11 8.28
N ARG C 62 -45.30 25.24 9.20
CA ARG C 62 -44.49 25.58 10.37
C ARG C 62 -43.02 25.77 10.01
N VAL C 63 -42.50 24.92 9.10
CA VAL C 63 -41.11 24.89 8.66
C VAL C 63 -41.03 24.77 7.11
N LYS C 64 -40.03 25.45 6.50
CA LYS C 64 -39.79 25.44 5.05
C LYS C 64 -38.45 24.75 4.73
N THR C 65 -38.46 23.78 3.78
CA THR C 65 -37.28 23.01 3.35
C THR C 65 -36.73 23.59 2.03
N TYR C 66 -35.41 23.88 1.99
CA TYR C 66 -34.73 24.42 0.81
C TYR C 66 -33.61 23.52 0.33
N GLU C 67 -33.23 23.69 -0.95
CA GLU C 67 -32.11 22.99 -1.58
C GLU C 67 -30.84 23.81 -1.30
N PRO C 68 -29.62 23.22 -1.27
CA PRO C 68 -28.42 24.01 -0.96
C PRO C 68 -28.16 25.21 -1.87
N GLU C 69 -28.41 25.05 -3.18
CA GLU C 69 -28.22 26.08 -4.21
C GLU C 69 -29.24 27.22 -4.12
N ALA C 70 -30.42 26.93 -3.56
CA ALA C 70 -31.51 27.90 -3.40
C ALA C 70 -31.16 29.04 -2.43
N ILE C 71 -30.66 28.70 -1.23
CA ILE C 71 -30.33 29.68 -0.19
C ILE C 71 -28.84 29.82 0.07
N TRP C 72 -28.45 30.92 0.77
CA TRP C 72 -27.06 31.20 1.13
C TRP C 72 -26.65 30.32 2.30
N ILE C 73 -25.52 29.60 2.16
CA ILE C 73 -24.95 28.72 3.19
C ILE C 73 -23.49 29.15 3.48
N PRO C 74 -23.10 29.35 4.78
CA PRO C 74 -21.73 29.78 5.09
C PRO C 74 -20.66 28.76 4.77
N GLU C 75 -19.53 29.24 4.22
CA GLU C 75 -18.41 28.36 3.86
C GLU C 75 -17.62 27.92 5.09
N ILE C 76 -18.02 26.77 5.64
CA ILE C 76 -17.40 26.13 6.80
C ILE C 76 -16.39 25.09 6.32
N ARG C 77 -15.13 25.21 6.75
CA ARG C 77 -14.07 24.29 6.35
C ARG C 77 -13.35 23.74 7.59
N PHE C 78 -12.51 22.70 7.40
CA PHE C 78 -11.71 22.10 8.46
C PHE C 78 -10.28 22.48 8.22
N VAL C 79 -9.55 22.88 9.27
CA VAL C 79 -8.16 23.29 9.13
C VAL C 79 -7.22 22.10 8.87
N ASN C 80 -7.23 21.12 9.80
CA ASN C 80 -6.34 19.97 9.81
C ASN C 80 -6.87 18.76 9.01
N VAL C 81 -7.20 18.96 7.73
CA VAL C 81 -7.64 17.86 6.88
C VAL C 81 -6.65 17.64 5.73
N GLU C 82 -6.57 16.38 5.24
CA GLU C 82 -5.71 16.01 4.11
C GLU C 82 -6.30 16.66 2.84
N ASN C 83 -7.53 16.25 2.48
CA ASN C 83 -8.28 16.79 1.35
C ASN C 83 -9.67 17.23 1.84
N ALA C 84 -10.43 17.92 0.98
CA ALA C 84 -11.76 18.43 1.27
C ALA C 84 -12.71 17.28 1.62
N ARG C 85 -13.44 17.44 2.73
CA ARG C 85 -14.42 16.48 3.25
C ARG C 85 -15.50 16.05 2.24
N ASP C 86 -15.86 14.75 2.28
CA ASP C 86 -16.89 14.19 1.43
C ASP C 86 -18.21 14.42 2.10
N ALA C 87 -18.76 15.63 1.87
CA ALA C 87 -20.03 16.11 2.42
C ALA C 87 -21.21 15.71 1.56
N ASP C 88 -22.35 15.46 2.23
CA ASP C 88 -23.62 15.07 1.66
C ASP C 88 -24.70 15.71 2.52
N VAL C 89 -25.45 16.68 1.97
CA VAL C 89 -26.47 17.41 2.72
C VAL C 89 -27.66 16.51 3.04
N VAL C 90 -28.00 16.43 4.33
CA VAL C 90 -29.08 15.60 4.90
C VAL C 90 -30.38 16.40 4.89
N ASP C 91 -30.35 17.64 5.43
CA ASP C 91 -31.53 18.50 5.56
C ASP C 91 -31.20 19.98 5.83
N ILE C 92 -31.97 20.87 5.18
CA ILE C 92 -31.96 22.34 5.36
C ILE C 92 -33.41 22.70 5.71
N SER C 93 -33.63 23.29 6.90
CA SER C 93 -34.96 23.65 7.42
C SER C 93 -35.00 25.08 8.00
N VAL C 94 -35.93 25.92 7.51
CA VAL C 94 -36.07 27.31 7.97
C VAL C 94 -37.30 27.49 8.90
N SER C 95 -37.07 28.18 10.03
CA SER C 95 -38.09 28.51 11.02
C SER C 95 -38.84 29.81 10.61
N PRO C 96 -40.06 30.09 11.16
CA PRO C 96 -40.76 31.31 10.79
C PRO C 96 -39.94 32.60 10.96
N ASP C 97 -39.14 32.72 12.04
CA ASP C 97 -38.32 33.92 12.30
C ASP C 97 -37.11 34.09 11.35
N GLY C 98 -36.76 33.03 10.61
CA GLY C 98 -35.66 33.03 9.66
C GLY C 98 -34.41 32.31 10.13
N THR C 99 -34.53 31.39 11.09
CA THR C 99 -33.38 30.63 11.60
C THR C 99 -33.21 29.35 10.79
N VAL C 100 -32.08 29.22 10.08
CA VAL C 100 -31.76 28.08 9.22
C VAL C 100 -31.10 26.94 10.01
N GLN C 101 -31.56 25.70 9.77
CA GLN C 101 -31.03 24.50 10.42
C GLN C 101 -30.50 23.52 9.37
N TYR C 102 -29.18 23.62 9.13
CA TYR C 102 -28.39 22.85 8.19
C TYR C 102 -27.86 21.60 8.86
N LEU C 103 -27.84 20.49 8.10
CA LEU C 103 -27.31 19.20 8.51
C LEU C 103 -26.73 18.48 7.32
N GLU C 104 -25.49 18.01 7.49
CA GLU C 104 -24.73 17.26 6.50
C GLU C 104 -23.96 16.13 7.14
N ARG C 105 -23.76 15.05 6.41
CA ARG C 105 -22.98 13.93 6.89
C ARG C 105 -21.70 13.88 6.07
N PHE C 106 -20.55 14.02 6.74
CA PHE C 106 -19.25 14.09 6.07
C PHE C 106 -18.32 12.95 6.47
N SER C 107 -17.16 12.88 5.80
CA SER C 107 -16.08 11.94 6.04
C SER C 107 -14.77 12.59 5.59
N ALA C 108 -13.79 12.71 6.51
CA ALA C 108 -12.47 13.30 6.18
C ALA C 108 -11.30 12.63 6.93
N ARG C 109 -10.07 12.74 6.39
CA ARG C 109 -8.86 12.23 7.03
C ARG C 109 -8.25 13.43 7.78
N VAL C 110 -8.26 13.37 9.12
CA VAL C 110 -7.81 14.44 10.00
C VAL C 110 -6.32 14.27 10.40
N LEU C 111 -5.54 15.36 10.33
CA LEU C 111 -4.13 15.45 10.68
C LEU C 111 -3.99 15.95 12.13
N SER C 112 -3.90 15.01 13.09
CA SER C 112 -3.76 15.41 14.48
C SER C 112 -2.46 14.82 15.03
N PRO C 113 -1.46 15.68 15.39
CA PRO C 113 -0.19 15.16 15.92
C PRO C 113 -0.31 14.38 17.24
N LEU C 114 0.51 13.35 17.39
CA LEU C 114 0.49 12.47 18.56
C LEU C 114 1.77 12.60 19.42
N ASP C 115 1.65 12.34 20.76
CA ASP C 115 2.77 12.36 21.72
C ASP C 115 3.10 10.94 22.19
N PHE C 116 4.21 10.38 21.68
CA PHE C 116 4.60 9.00 21.98
C PHE C 116 5.52 8.84 23.18
N ARG C 117 5.75 9.91 23.97
CA ARG C 117 6.64 9.85 25.13
C ARG C 117 6.31 8.73 26.11
N ARG C 118 5.02 8.47 26.36
CA ARG C 118 4.64 7.40 27.28
C ARG C 118 4.20 6.09 26.60
N TYR C 119 4.41 5.95 25.26
CA TYR C 119 4.04 4.76 24.47
C TYR C 119 4.55 3.43 25.08
N PRO C 120 3.73 2.34 25.15
CA PRO C 120 2.33 2.25 24.72
C PRO C 120 1.32 2.54 25.85
N PHE C 121 1.74 3.29 26.88
CA PHE C 121 0.91 3.67 28.02
C PHE C 121 0.57 5.17 27.91
N ASP C 122 0.28 5.63 26.68
CA ASP C 122 -0.01 7.02 26.33
C ASP C 122 -1.48 7.28 26.08
N SER C 123 -1.86 8.54 26.26
CA SER C 123 -3.19 9.08 26.01
C SER C 123 -3.04 10.24 25.02
N GLN C 124 -4.00 10.39 24.12
CA GLN C 124 -3.98 11.44 23.11
C GLN C 124 -5.21 12.30 23.16
N THR C 125 -5.09 13.53 22.64
CA THR C 125 -6.21 14.50 22.47
C THR C 125 -6.24 14.82 20.98
N LEU C 126 -7.10 14.14 20.23
CA LEU C 126 -7.24 14.37 18.80
C LEU C 126 -8.04 15.67 18.57
N HIS C 127 -7.66 16.45 17.55
CA HIS C 127 -8.31 17.72 17.25
C HIS C 127 -8.99 17.75 15.89
N ILE C 128 -10.11 18.47 15.83
CA ILE C 128 -10.90 18.73 14.63
C ILE C 128 -11.12 20.24 14.69
N TYR C 129 -10.55 20.96 13.71
CA TYR C 129 -10.64 22.41 13.70
C TYR C 129 -11.60 22.95 12.66
N LEU C 130 -12.76 23.47 13.11
CA LEU C 130 -13.74 24.11 12.24
C LEU C 130 -13.32 25.56 12.03
N ILE C 131 -13.43 26.05 10.80
CA ILE C 131 -13.03 27.42 10.48
C ILE C 131 -14.01 28.08 9.49
N VAL C 132 -14.24 29.41 9.62
CA VAL C 132 -15.09 30.21 8.74
C VAL C 132 -14.40 31.56 8.39
N ARG C 133 -14.37 31.90 7.09
CA ARG C 133 -13.77 33.14 6.64
C ARG C 133 -14.83 34.24 6.46
N SER C 134 -14.61 35.40 7.11
CA SER C 134 -15.52 36.54 7.04
C SER C 134 -15.56 37.13 5.65
N VAL C 135 -16.77 37.51 5.20
CA VAL C 135 -17.02 38.14 3.89
C VAL C 135 -16.87 39.67 3.98
N ASP C 136 -16.78 40.34 2.82
CA ASP C 136 -16.62 41.79 2.73
C ASP C 136 -17.81 42.56 3.31
N THR C 137 -19.02 42.01 3.15
CA THR C 137 -20.28 42.61 3.64
C THR C 137 -20.33 42.61 5.17
N ARG C 138 -20.21 41.43 5.81
CA ARG C 138 -20.22 41.30 7.26
C ARG C 138 -19.31 40.15 7.77
N ASN C 139 -18.95 40.19 9.06
CA ASN C 139 -18.09 39.19 9.69
C ASN C 139 -18.86 37.99 10.21
N ILE C 140 -18.23 36.80 10.14
CA ILE C 140 -18.82 35.55 10.60
C ILE C 140 -18.03 34.97 11.79
N VAL C 141 -18.75 34.70 12.89
CA VAL C 141 -18.21 34.16 14.14
C VAL C 141 -18.88 32.81 14.43
N LEU C 142 -18.09 31.79 14.83
CA LEU C 142 -18.57 30.45 15.17
C LEU C 142 -18.96 30.34 16.64
N ALA C 143 -19.89 29.42 16.93
CA ALA C 143 -20.36 29.14 18.28
C ALA C 143 -20.64 27.68 18.40
N VAL C 144 -20.61 27.17 19.63
CA VAL C 144 -20.84 25.74 19.88
C VAL C 144 -22.26 25.52 20.41
N ASP C 145 -23.03 24.64 19.75
CA ASP C 145 -24.35 24.24 20.20
C ASP C 145 -24.13 22.88 20.85
N LEU C 146 -23.90 22.89 22.18
CA LEU C 146 -23.56 21.70 22.99
C LEU C 146 -24.62 20.59 22.90
N GLU C 147 -25.85 20.95 22.51
CA GLU C 147 -26.97 20.02 22.33
C GLU C 147 -26.76 19.11 21.11
N LYS C 148 -26.00 19.62 20.10
CA LYS C 148 -25.75 18.93 18.84
C LYS C 148 -24.30 18.43 18.65
N VAL C 149 -23.53 18.34 19.78
CA VAL C 149 -22.15 17.82 19.83
C VAL C 149 -22.18 16.48 20.61
N GLY C 150 -21.68 15.42 19.99
CA GLY C 150 -21.65 14.11 20.60
C GLY C 150 -20.96 13.06 19.77
N LYS C 151 -21.22 11.79 20.10
CA LYS C 151 -20.70 10.58 19.46
C LYS C 151 -21.64 9.43 19.85
N ASN C 152 -21.86 8.47 18.94
CA ASN C 152 -22.74 7.38 19.32
C ASN C 152 -21.97 6.34 20.16
N ASP C 153 -22.70 5.44 20.85
CA ASP C 153 -22.17 4.43 21.75
C ASP C 153 -21.32 3.34 21.06
N ASP C 154 -21.67 2.99 19.80
CA ASP C 154 -20.99 1.98 18.99
C ASP C 154 -19.65 2.44 18.40
N VAL C 155 -19.27 3.75 18.56
CA VAL C 155 -18.02 4.31 18.04
C VAL C 155 -16.86 3.59 18.72
N PHE C 156 -16.09 2.83 17.92
CA PHE C 156 -14.97 2.05 18.38
C PHE C 156 -13.73 2.41 17.56
N LEU C 157 -12.61 2.57 18.23
CA LEU C 157 -11.36 2.86 17.58
C LEU C 157 -10.43 1.70 18.00
N THR C 158 -10.05 0.84 17.03
CA THR C 158 -9.23 -0.36 17.26
C THR C 158 -7.96 -0.03 18.01
N GLY C 159 -7.76 -0.70 19.15
CA GLY C 159 -6.58 -0.51 19.99
C GLY C 159 -6.60 0.71 20.89
N TRP C 160 -7.73 1.43 20.93
CA TRP C 160 -7.89 2.63 21.72
C TRP C 160 -9.20 2.66 22.50
N ASP C 161 -9.19 3.34 23.66
CA ASP C 161 -10.35 3.55 24.52
C ASP C 161 -10.76 5.00 24.32
N ILE C 162 -11.99 5.21 23.82
CA ILE C 162 -12.48 6.57 23.56
C ILE C 162 -13.05 7.16 24.85
N GLU C 163 -12.36 8.17 25.41
CA GLU C 163 -12.75 8.83 26.65
C GLU C 163 -13.90 9.81 26.46
N SER C 164 -13.67 10.91 25.73
CA SER C 164 -14.67 11.96 25.53
C SER C 164 -14.56 12.69 24.21
N PHE C 165 -15.66 13.37 23.84
CA PHE C 165 -15.73 14.24 22.68
C PHE C 165 -16.36 15.54 23.12
N THR C 166 -15.52 16.57 23.29
CA THR C 166 -15.92 17.88 23.74
C THR C 166 -15.44 18.94 22.76
N ALA C 167 -15.95 20.17 22.92
CA ALA C 167 -15.58 21.30 22.08
C ALA C 167 -15.25 22.51 22.93
N VAL C 168 -14.18 23.25 22.56
CA VAL C 168 -13.76 24.47 23.25
C VAL C 168 -14.74 25.54 22.75
N VAL C 169 -15.75 25.86 23.61
CA VAL C 169 -16.89 26.77 23.38
C VAL C 169 -16.48 28.17 22.89
N LYS C 170 -15.39 28.75 23.42
CA LYS C 170 -14.87 30.06 23.00
C LYS C 170 -14.02 29.91 21.71
N PRO C 171 -14.46 30.51 20.58
CA PRO C 171 -13.68 30.38 19.34
C PRO C 171 -12.47 31.30 19.30
N ALA C 172 -11.47 30.91 18.49
CA ALA C 172 -10.25 31.65 18.29
C ALA C 172 -10.46 32.58 17.09
N ASN C 173 -10.78 33.88 17.37
CA ASN C 173 -11.02 34.89 16.34
C ASN C 173 -9.72 35.63 16.05
N PHE C 174 -9.23 35.51 14.81
CA PHE C 174 -7.96 36.07 14.36
C PHE C 174 -7.98 36.56 12.91
N ALA C 175 -7.06 37.49 12.59
CA ALA C 175 -6.90 38.06 11.27
C ALA C 175 -5.93 37.24 10.44
N LEU C 176 -6.35 36.92 9.20
CA LEU C 176 -5.55 36.17 8.23
C LEU C 176 -5.82 36.70 6.83
N GLU C 177 -4.76 37.26 6.19
CA GLU C 177 -4.77 37.87 4.85
C GLU C 177 -5.82 39.00 4.74
N ASP C 178 -5.74 39.96 5.70
CA ASP C 178 -6.59 41.16 5.81
C ASP C 178 -8.07 40.89 6.11
N ARG C 179 -8.48 39.64 6.36
CA ARG C 179 -9.86 39.27 6.69
C ARG C 179 -9.90 38.47 7.99
N LEU C 180 -11.00 38.60 8.76
CA LEU C 180 -11.24 37.90 10.01
C LEU C 180 -11.58 36.43 9.80
N GLU C 181 -11.19 35.61 10.78
CA GLU C 181 -11.38 34.16 10.78
C GLU C 181 -11.80 33.67 12.14
N SER C 182 -12.78 32.77 12.19
CA SER C 182 -13.27 32.18 13.42
C SER C 182 -12.96 30.69 13.41
N LYS C 183 -12.17 30.24 14.42
CA LYS C 183 -11.73 28.85 14.54
C LYS C 183 -12.27 28.19 15.79
N LEU C 184 -12.79 26.96 15.65
CA LEU C 184 -13.29 26.15 16.77
C LEU C 184 -12.43 24.88 16.98
N ASP C 185 -12.33 24.40 18.24
CA ASP C 185 -11.54 23.22 18.57
C ASP C 185 -12.39 22.07 19.13
N TYR C 186 -12.54 20.99 18.36
CA TYR C 186 -13.29 19.80 18.76
C TYR C 186 -12.27 18.77 19.17
N GLN C 187 -12.17 18.51 20.48
CA GLN C 187 -11.21 17.58 21.07
C GLN C 187 -11.78 16.19 21.36
N LEU C 188 -11.12 15.14 20.85
CA LEU C 188 -11.48 13.75 21.08
C LEU C 188 -10.36 13.08 21.90
N ARG C 189 -10.64 12.84 23.19
CA ARG C 189 -9.68 12.21 24.09
C ARG C 189 -9.75 10.69 24.04
N ILE C 190 -8.60 10.07 23.83
CA ILE C 190 -8.41 8.62 23.70
C ILE C 190 -7.21 8.18 24.53
N SER C 191 -7.16 6.90 24.88
CA SER C 191 -6.07 6.28 25.62
C SER C 191 -5.80 4.91 25.03
N ARG C 192 -4.53 4.56 24.89
CA ARG C 192 -4.12 3.31 24.27
C ARG C 192 -4.40 2.07 25.10
N GLN C 193 -4.79 0.98 24.41
CA GLN C 193 -5.00 -0.35 24.97
C GLN C 193 -3.64 -1.05 24.88
N TYR C 194 -2.86 -0.99 26.00
CA TYR C 194 -1.51 -1.53 26.11
C TYR C 194 -1.47 -3.04 26.40
N PHE C 195 -2.63 -3.70 26.58
CA PHE C 195 -2.72 -5.13 26.89
C PHE C 195 -1.91 -6.02 25.95
N SER C 196 -2.05 -5.86 24.63
CA SER C 196 -1.38 -6.68 23.63
C SER C 196 0.16 -6.56 23.66
N TYR C 197 0.69 -5.40 24.10
CA TYR C 197 2.13 -5.12 24.19
C TYR C 197 2.86 -5.99 25.22
N ILE C 198 2.17 -6.37 26.30
CA ILE C 198 2.72 -7.19 27.36
C ILE C 198 3.07 -8.61 26.86
N PRO C 199 2.12 -9.47 26.38
CA PRO C 199 2.54 -10.81 25.95
C PRO C 199 3.25 -10.90 24.58
N ASN C 200 3.17 -9.83 23.76
CA ASN C 200 3.76 -9.84 22.44
C ASN C 200 5.12 -9.20 22.33
N ILE C 201 5.40 -8.14 23.14
CA ILE C 201 6.67 -7.42 23.06
C ILE C 201 7.45 -7.41 24.40
N ILE C 202 6.84 -6.84 25.47
CA ILE C 202 7.46 -6.70 26.79
C ILE C 202 7.95 -8.04 27.41
N LEU C 203 7.03 -9.00 27.65
CA LEU C 203 7.39 -10.30 28.26
C LEU C 203 8.33 -11.14 27.37
N PRO C 204 8.13 -11.33 26.02
CA PRO C 204 9.15 -12.07 25.26
C PRO C 204 10.52 -11.36 25.26
N MET C 205 10.54 -9.99 25.27
CA MET C 205 11.77 -9.21 25.33
C MET C 205 12.49 -9.36 26.65
N LEU C 206 11.76 -9.68 27.74
CA LEU C 206 12.36 -9.91 29.07
C LEU C 206 12.91 -11.32 29.20
N PHE C 207 12.17 -12.33 28.67
CA PHE C 207 12.59 -13.72 28.69
C PHE C 207 13.94 -13.90 27.97
N ILE C 208 14.13 -13.26 26.78
CA ILE C 208 15.38 -13.36 26.02
C ILE C 208 16.54 -12.71 26.78
N LEU C 209 16.26 -11.66 27.59
CA LEU C 209 17.27 -11.00 28.41
C LEU C 209 17.69 -11.89 29.59
N PHE C 210 16.71 -12.53 30.28
CA PHE C 210 17.00 -13.41 31.42
C PHE C 210 17.70 -14.67 30.97
N ILE C 211 17.41 -15.15 29.74
CA ILE C 211 18.05 -16.31 29.12
C ILE C 211 19.53 -15.99 28.88
N SER C 212 19.86 -14.72 28.50
CA SER C 212 21.25 -14.29 28.32
C SER C 212 22.00 -14.29 29.65
N TRP C 213 21.31 -14.00 30.76
CA TRP C 213 21.88 -13.97 32.12
C TRP C 213 22.18 -15.36 32.70
N THR C 214 21.79 -16.44 32.00
CA THR C 214 22.11 -17.80 32.47
C THR C 214 23.59 -18.08 32.18
N ALA C 215 24.30 -17.13 31.55
CA ALA C 215 25.72 -17.23 31.24
C ALA C 215 26.56 -16.92 32.52
N PHE C 216 25.89 -16.44 33.59
CA PHE C 216 26.52 -16.16 34.88
C PHE C 216 26.56 -17.42 35.77
N TRP C 217 25.98 -18.53 35.27
CA TRP C 217 25.96 -19.85 35.91
C TRP C 217 26.62 -20.90 35.00
N SER C 218 27.50 -20.43 34.09
CA SER C 218 28.25 -21.23 33.13
C SER C 218 29.68 -20.74 33.02
N THR C 219 30.62 -21.70 32.84
CA THR C 219 32.07 -21.49 32.67
C THR C 219 32.52 -21.73 31.22
N SER C 220 31.58 -22.24 30.38
CA SER C 220 31.77 -22.56 28.97
C SER C 220 31.66 -21.30 28.14
N TYR C 221 32.82 -20.71 27.75
CA TYR C 221 32.87 -19.47 26.96
C TYR C 221 32.21 -19.61 25.60
N GLU C 222 32.37 -20.76 24.95
CA GLU C 222 31.76 -21.04 23.65
C GLU C 222 30.24 -21.07 23.73
N ALA C 223 29.69 -21.57 24.87
CA ALA C 223 28.24 -21.62 25.13
C ALA C 223 27.69 -20.25 25.56
N ASN C 224 28.49 -19.50 26.32
CA ASN C 224 28.18 -18.14 26.78
C ASN C 224 28.15 -17.16 25.60
N VAL C 225 29.07 -17.31 24.62
CA VAL C 225 29.11 -16.47 23.44
C VAL C 225 27.80 -16.69 22.67
N THR C 226 27.43 -17.98 22.46
CA THR C 226 26.18 -18.38 21.79
C THR C 226 24.97 -17.81 22.54
N LEU C 227 24.96 -17.92 23.88
CA LEU C 227 23.88 -17.38 24.74
C LEU C 227 23.71 -15.87 24.64
N VAL C 228 24.78 -15.08 24.86
CA VAL C 228 24.69 -13.62 24.86
C VAL C 228 24.54 -13.05 23.43
N VAL C 229 25.23 -13.62 22.45
CA VAL C 229 25.15 -13.15 21.06
C VAL C 229 23.78 -13.44 20.44
N SER C 230 23.31 -14.71 20.52
CA SER C 230 22.01 -15.11 19.93
C SER C 230 20.83 -14.31 20.47
N THR C 231 20.80 -14.10 21.82
CA THR C 231 19.74 -13.33 22.47
C THR C 231 19.77 -11.86 22.08
N LEU C 232 20.98 -11.30 21.76
CA LEU C 232 21.11 -9.91 21.33
C LEU C 232 20.45 -9.74 19.99
N ILE C 233 20.64 -10.76 19.10
CA ILE C 233 20.08 -10.79 17.75
C ILE C 233 18.54 -10.74 17.83
N ALA C 234 17.94 -11.48 18.81
CA ALA C 234 16.49 -11.50 19.07
C ALA C 234 16.00 -10.14 19.55
N HIS C 235 16.82 -9.43 20.35
CA HIS C 235 16.51 -8.10 20.85
C HIS C 235 16.57 -7.06 19.75
N ILE C 236 17.48 -7.24 18.76
CA ILE C 236 17.56 -6.34 17.60
C ILE C 236 16.25 -6.46 16.81
N ALA C 237 15.76 -7.72 16.61
CA ALA C 237 14.49 -8.01 15.95
C ALA C 237 13.29 -7.29 16.63
N PHE C 238 13.27 -7.27 17.98
CA PHE C 238 12.23 -6.58 18.74
C PHE C 238 12.37 -5.06 18.59
N ASN C 239 13.63 -4.52 18.66
CA ASN C 239 13.90 -3.09 18.46
C ASN C 239 13.38 -2.66 17.07
N ILE C 240 13.60 -3.49 16.01
CA ILE C 240 13.13 -3.21 14.64
C ILE C 240 11.60 -3.28 14.55
N LEU C 241 10.98 -4.36 15.08
CA LEU C 241 9.54 -4.60 15.10
C LEU C 241 8.81 -3.43 15.76
N VAL C 242 9.43 -2.83 16.81
CA VAL C 242 8.87 -1.70 17.54
C VAL C 242 8.95 -0.39 16.72
N GLU C 243 10.15 -0.06 16.16
CA GLU C 243 10.35 1.18 15.42
C GLU C 243 9.58 1.23 14.09
N THR C 244 9.00 0.08 13.63
CA THR C 244 8.15 0.03 12.43
C THR C 244 6.72 0.50 12.75
N ASN C 245 6.20 0.28 13.97
CA ASN C 245 4.85 0.70 14.40
C ASN C 245 4.84 2.16 14.94
N LEU C 246 5.99 2.86 14.88
CA LEU C 246 6.15 4.23 15.40
C LEU C 246 6.86 5.17 14.45
N PRO C 247 6.52 6.49 14.46
CA PRO C 247 7.24 7.44 13.62
C PRO C 247 8.52 7.96 14.30
N LYS C 248 9.42 8.54 13.47
CA LYS C 248 10.70 9.09 13.91
C LYS C 248 10.46 10.37 14.70
N THR C 249 10.57 10.22 16.02
CA THR C 249 10.35 11.28 17.01
C THR C 249 11.66 11.98 17.42
N PRO C 250 11.65 13.32 17.64
CA PRO C 250 12.87 14.00 18.09
C PRO C 250 13.09 13.92 19.61
N TYR C 251 12.29 13.09 20.29
CA TYR C 251 12.31 12.84 21.73
C TYR C 251 12.41 11.36 22.01
N MET C 252 12.76 10.99 23.24
CA MET C 252 12.88 9.59 23.62
C MET C 252 11.53 9.10 24.10
N THR C 253 11.10 7.94 23.57
CA THR C 253 9.84 7.30 23.97
C THR C 253 10.13 6.39 25.17
N TYR C 254 9.07 5.97 25.91
CA TYR C 254 9.26 5.11 27.08
C TYR C 254 9.81 3.74 26.71
N THR C 255 9.26 3.12 25.64
CA THR C 255 9.68 1.81 25.11
C THR C 255 11.05 1.95 24.48
N GLY C 256 11.28 3.05 23.78
CA GLY C 256 12.55 3.35 23.13
C GLY C 256 13.70 3.45 24.11
N ALA C 257 13.40 3.99 25.30
CA ALA C 257 14.34 4.14 26.42
C ALA C 257 14.74 2.78 26.97
N ILE C 258 13.73 1.93 27.29
CA ILE C 258 13.89 0.55 27.82
C ILE C 258 14.68 -0.29 26.82
N ILE C 259 14.23 -0.31 25.53
CA ILE C 259 14.90 -1.05 24.45
C ILE C 259 16.38 -0.66 24.35
N PHE C 260 16.68 0.66 24.34
CA PHE C 260 18.05 1.16 24.25
C PHE C 260 18.89 0.80 25.46
N MET C 261 18.29 0.86 26.66
CA MET C 261 18.95 0.54 27.93
C MET C 261 19.37 -0.94 27.97
N ILE C 262 18.52 -1.86 27.48
CA ILE C 262 18.79 -3.30 27.40
C ILE C 262 20.01 -3.58 26.51
N TYR C 263 20.27 -2.74 25.47
CA TYR C 263 21.44 -2.86 24.58
C TYR C 263 22.73 -2.78 25.41
N LEU C 264 22.74 -1.93 26.46
CA LEU C 264 23.89 -1.76 27.36
C LEU C 264 24.11 -3.00 28.24
N PHE C 265 23.02 -3.62 28.73
CA PHE C 265 23.08 -4.85 29.53
C PHE C 265 23.71 -5.99 28.75
N TYR C 266 23.39 -6.10 27.43
CA TYR C 266 23.98 -7.11 26.55
C TYR C 266 25.47 -6.80 26.38
N PHE C 267 25.79 -5.49 26.21
CA PHE C 267 27.17 -5.04 26.04
C PHE C 267 28.03 -5.35 27.26
N VAL C 268 27.50 -5.11 28.47
CA VAL C 268 28.22 -5.39 29.71
C VAL C 268 28.32 -6.90 29.95
N ALA C 269 27.25 -7.68 29.59
CA ALA C 269 27.25 -9.15 29.69
C ALA C 269 28.32 -9.74 28.80
N VAL C 270 28.53 -9.17 27.58
CA VAL C 270 29.61 -9.59 26.66
C VAL C 270 30.98 -9.34 27.31
N ILE C 271 31.17 -8.15 27.94
CA ILE C 271 32.41 -7.79 28.62
C ILE C 271 32.69 -8.80 29.75
N GLU C 272 31.66 -9.10 30.59
CA GLU C 272 31.77 -10.04 31.72
C GLU C 272 32.17 -11.43 31.22
N VAL C 273 31.50 -11.91 30.14
CA VAL C 273 31.74 -13.22 29.52
C VAL C 273 33.20 -13.32 28.98
N THR C 274 33.73 -12.19 28.43
CA THR C 274 35.10 -12.09 27.93
C THR C 274 36.10 -12.08 29.11
N VAL C 275 35.80 -11.27 30.17
CA VAL C 275 36.63 -11.14 31.39
C VAL C 275 36.81 -12.50 32.07
N GLN C 276 35.69 -13.23 32.30
CA GLN C 276 35.66 -14.57 32.89
C GLN C 276 36.59 -15.51 32.10
N HIS C 277 36.51 -15.50 30.75
CA HIS C 277 37.36 -16.33 29.92
C HIS C 277 38.83 -15.91 29.98
N TYR C 278 39.13 -14.59 29.84
CA TYR C 278 40.51 -14.09 29.88
C TYR C 278 41.22 -14.48 31.17
N LEU C 279 40.50 -14.40 32.31
CA LEU C 279 41.01 -14.78 33.64
C LEU C 279 41.22 -16.29 33.78
N LYS C 280 40.31 -17.09 33.18
CA LYS C 280 40.39 -18.56 33.19
C LYS C 280 41.66 -19.01 32.45
N VAL C 281 41.89 -18.47 31.24
CA VAL C 281 43.05 -18.78 30.40
C VAL C 281 44.35 -18.30 31.10
N GLU C 282 44.29 -17.13 31.80
CA GLU C 282 45.39 -16.53 32.56
C GLU C 282 45.69 -17.30 33.87
N SER C 283 45.02 -18.46 34.04
CA SER C 283 45.12 -19.41 35.17
C SER C 283 44.80 -18.77 36.53
N GLN C 284 43.80 -17.87 36.57
CA GLN C 284 43.32 -17.28 37.82
C GLN C 284 41.78 -17.32 37.88
N PRO C 285 41.20 -18.56 37.98
CA PRO C 285 39.74 -18.69 38.02
C PRO C 285 39.10 -18.30 39.35
N ALA C 286 39.89 -17.84 40.32
CA ALA C 286 39.41 -17.35 41.60
C ALA C 286 38.79 -15.94 41.42
N ARG C 287 39.40 -15.10 40.55
CA ARG C 287 38.95 -13.74 40.23
C ARG C 287 37.76 -13.86 39.30
N ALA C 288 37.85 -14.77 38.32
CA ALA C 288 36.81 -15.06 37.34
C ALA C 288 35.53 -15.51 38.05
N ALA C 289 35.67 -16.33 39.11
CA ALA C 289 34.54 -16.83 39.89
C ALA C 289 33.84 -15.71 40.68
N SER C 290 34.62 -14.80 41.31
CA SER C 290 34.09 -13.69 42.12
C SER C 290 33.35 -12.64 41.29
N ILE C 291 33.86 -12.36 40.07
CA ILE C 291 33.25 -11.44 39.10
C ILE C 291 31.92 -12.05 38.63
N THR C 292 31.92 -13.36 38.27
CA THR C 292 30.75 -14.09 37.80
C THR C 292 29.69 -14.20 38.89
N ARG C 293 30.11 -14.44 40.14
CA ARG C 293 29.21 -14.53 41.29
C ARG C 293 28.55 -13.17 41.61
N ALA C 294 29.30 -12.06 41.41
CA ALA C 294 28.83 -10.70 41.63
C ALA C 294 27.79 -10.29 40.59
N SER C 295 28.06 -10.61 39.32
CA SER C 295 27.19 -10.32 38.17
C SER C 295 25.83 -10.98 38.29
N ARG C 296 25.75 -12.12 39.03
CA ARG C 296 24.51 -12.88 39.31
C ARG C 296 23.51 -12.02 40.10
N ILE C 297 24.03 -11.11 40.96
CA ILE C 297 23.27 -10.20 41.81
C ILE C 297 23.21 -8.81 41.17
N ALA C 298 24.36 -8.32 40.64
CA ALA C 298 24.50 -6.99 40.03
C ALA C 298 23.52 -6.74 38.88
N PHE C 299 23.56 -7.59 37.82
CA PHE C 299 22.70 -7.49 36.63
C PHE C 299 21.21 -7.38 36.95
N PRO C 300 20.58 -8.29 37.75
CA PRO C 300 19.16 -8.10 38.06
C PRO C 300 18.84 -6.87 38.90
N VAL C 301 19.70 -6.53 39.89
CA VAL C 301 19.51 -5.37 40.76
C VAL C 301 19.60 -4.05 39.97
N VAL C 302 20.69 -3.87 39.18
CA VAL C 302 20.90 -2.67 38.36
C VAL C 302 19.76 -2.51 37.34
N PHE C 303 19.33 -3.63 36.72
CA PHE C 303 18.23 -3.62 35.76
C PHE C 303 16.90 -3.18 36.39
N LEU C 304 16.60 -3.72 37.58
CA LEU C 304 15.40 -3.43 38.36
C LEU C 304 15.39 -1.96 38.79
N LEU C 305 16.53 -1.43 39.28
CA LEU C 305 16.65 -0.02 39.70
C LEU C 305 16.58 0.93 38.51
N ALA C 306 17.27 0.61 37.40
CA ALA C 306 17.28 1.39 36.15
C ALA C 306 15.86 1.57 35.58
N ASN C 307 15.02 0.53 35.69
CA ASN C 307 13.62 0.56 35.25
C ASN C 307 12.76 1.43 36.15
N ILE C 308 13.03 1.42 37.50
CA ILE C 308 12.33 2.26 38.47
C ILE C 308 12.65 3.72 38.12
N ILE C 309 13.94 4.05 37.86
CA ILE C 309 14.39 5.38 37.45
C ILE C 309 13.68 5.85 36.17
N LEU C 310 13.68 5.01 35.11
CA LEU C 310 13.03 5.32 33.83
C LEU C 310 11.53 5.60 33.98
N ALA C 311 10.78 4.63 34.60
CA ALA C 311 9.35 4.72 34.85
C ALA C 311 9.01 5.96 35.66
N PHE C 312 9.90 6.32 36.59
CA PHE C 312 9.74 7.52 37.40
C PHE C 312 9.87 8.77 36.54
N LEU C 313 10.91 8.83 35.69
CA LEU C 313 11.18 9.95 34.79
C LEU C 313 10.06 10.15 33.79
N PHE C 314 9.52 9.06 33.23
CA PHE C 314 8.45 9.11 32.23
C PHE C 314 7.03 9.30 32.81
N PHE C 315 6.77 8.82 34.05
CA PHE C 315 5.44 8.91 34.66
C PHE C 315 5.53 9.43 36.11
N VAL D 5 -39.90 18.66 -5.54
CA VAL D 5 -40.16 17.36 -4.94
C VAL D 5 -40.16 17.44 -3.41
N SER D 6 -41.18 16.83 -2.78
CA SER D 6 -41.39 16.78 -1.33
C SER D 6 -41.95 15.39 -0.93
N PRO D 7 -41.98 14.97 0.36
CA PRO D 7 -42.49 13.62 0.68
C PRO D 7 -43.98 13.41 0.46
N PRO D 8 -44.46 12.15 0.21
CA PRO D 8 -45.91 11.94 0.01
C PRO D 8 -46.73 12.32 1.25
N PRO D 9 -47.92 12.91 1.07
CA PRO D 9 -48.72 13.30 2.26
C PRO D 9 -49.43 12.12 2.93
N PRO D 10 -49.54 12.13 4.28
CA PRO D 10 -50.21 11.00 4.94
C PRO D 10 -51.73 11.03 4.78
N ILE D 11 -52.32 9.85 4.50
CA ILE D 11 -53.78 9.71 4.38
C ILE D 11 -54.44 10.06 5.73
N ALA D 12 -53.90 9.51 6.83
CA ALA D 12 -54.35 9.77 8.18
C ALA D 12 -53.23 10.54 8.91
N ASP D 13 -52.48 9.87 9.81
CA ASP D 13 -51.35 10.39 10.56
C ASP D 13 -50.31 9.27 10.77
N GLU D 14 -50.25 8.33 9.79
CA GLU D 14 -49.36 7.16 9.78
C GLU D 14 -47.97 7.49 9.21
N PRO D 15 -46.88 6.85 9.70
CA PRO D 15 -45.56 7.10 9.09
C PRO D 15 -45.36 6.33 7.79
N LEU D 16 -44.53 6.88 6.87
CA LEU D 16 -44.24 6.23 5.58
C LEU D 16 -43.31 5.01 5.73
N THR D 17 -43.82 3.82 5.34
CA THR D 17 -43.06 2.58 5.42
C THR D 17 -42.35 2.33 4.11
N VAL D 18 -41.01 2.36 4.16
CA VAL D 18 -40.13 2.08 3.03
C VAL D 18 -39.64 0.65 3.18
N ASN D 19 -40.12 -0.26 2.31
CA ASN D 19 -39.73 -1.67 2.32
C ASN D 19 -38.37 -1.82 1.62
N THR D 20 -37.42 -2.42 2.34
CA THR D 20 -36.05 -2.61 1.90
C THR D 20 -35.73 -4.07 1.54
N GLY D 21 -34.54 -4.27 0.98
CA GLY D 21 -34.02 -5.56 0.57
C GLY D 21 -32.65 -5.44 -0.05
N ILE D 22 -31.67 -6.17 0.50
CA ILE D 22 -30.30 -6.18 0.00
C ILE D 22 -30.01 -7.57 -0.59
N TYR D 23 -29.55 -7.62 -1.85
CA TYR D 23 -29.17 -8.87 -2.51
C TYR D 23 -27.69 -8.78 -2.86
N LEU D 24 -26.82 -9.52 -2.11
CA LEU D 24 -25.37 -9.53 -2.29
C LEU D 24 -24.96 -10.18 -3.59
N ILE D 25 -24.26 -9.41 -4.44
CA ILE D 25 -23.74 -9.85 -5.73
C ILE D 25 -22.30 -10.33 -5.53
N GLU D 26 -21.44 -9.49 -4.95
CA GLU D 26 -20.03 -9.80 -4.71
C GLU D 26 -19.61 -9.42 -3.31
N CYS D 27 -18.93 -10.34 -2.64
CA CYS D 27 -18.36 -10.11 -1.31
C CYS D 27 -16.88 -10.33 -1.42
N TYR D 28 -16.10 -9.35 -0.97
CA TYR D 28 -14.64 -9.39 -1.11
C TYR D 28 -13.90 -8.53 -0.10
N SER D 29 -12.57 -8.72 -0.03
CA SER D 29 -11.61 -7.99 0.79
C SER D 29 -12.03 -7.81 2.26
N LEU D 30 -11.93 -8.90 3.06
CA LEU D 30 -12.16 -8.82 4.50
C LEU D 30 -10.80 -8.56 5.16
N ASP D 31 -10.58 -7.32 5.61
CA ASP D 31 -9.36 -6.90 6.30
C ASP D 31 -9.53 -7.18 7.77
N ASP D 32 -8.69 -8.06 8.32
CA ASP D 32 -8.77 -8.45 9.74
C ASP D 32 -8.22 -7.37 10.64
N LYS D 33 -7.14 -6.69 10.21
CA LYS D 33 -6.49 -5.62 10.95
C LYS D 33 -7.39 -4.38 11.02
N ALA D 34 -8.02 -4.02 9.88
CA ALA D 34 -8.90 -2.85 9.73
C ALA D 34 -10.35 -3.10 10.12
N GLU D 35 -10.74 -4.39 10.29
CA GLU D 35 -12.10 -4.85 10.61
C GLU D 35 -13.15 -4.28 9.62
N THR D 36 -12.78 -4.29 8.33
CA THR D 36 -13.58 -3.83 7.19
C THR D 36 -13.79 -4.96 6.18
N PHE D 37 -14.72 -4.76 5.25
CA PHE D 37 -15.02 -5.71 4.18
C PHE D 37 -15.76 -4.94 3.12
N LYS D 38 -15.48 -5.22 1.86
CA LYS D 38 -16.12 -4.53 0.75
C LYS D 38 -17.30 -5.36 0.26
N VAL D 39 -18.38 -4.68 -0.17
CA VAL D 39 -19.59 -5.32 -0.68
C VAL D 39 -20.02 -4.70 -2.02
N ASN D 40 -20.70 -5.49 -2.85
CA ASN D 40 -21.27 -5.14 -4.15
C ASN D 40 -22.63 -5.82 -4.11
N ALA D 41 -23.70 -5.03 -4.05
CA ALA D 41 -25.05 -5.55 -3.87
C ALA D 41 -26.14 -4.70 -4.44
N PHE D 42 -27.33 -5.32 -4.58
CA PHE D 42 -28.54 -4.66 -5.06
C PHE D 42 -29.28 -4.14 -3.86
N LEU D 43 -29.90 -2.96 -4.00
CA LEU D 43 -30.73 -2.35 -2.95
C LEU D 43 -32.09 -2.07 -3.57
N SER D 44 -33.14 -2.71 -3.01
CA SER D 44 -34.50 -2.54 -3.49
C SER D 44 -35.30 -1.80 -2.45
N LEU D 45 -35.98 -0.72 -2.89
CA LEU D 45 -36.80 0.12 -2.03
C LEU D 45 -38.22 0.18 -2.59
N SER D 46 -39.23 0.25 -1.71
CA SER D 46 -40.64 0.29 -2.08
C SER D 46 -41.47 1.09 -1.07
N TRP D 47 -42.16 2.13 -1.55
CA TRP D 47 -43.01 3.00 -0.74
C TRP D 47 -44.23 3.42 -1.54
N LYS D 48 -45.31 3.86 -0.84
CA LYS D 48 -46.54 4.33 -1.49
C LYS D 48 -46.60 5.85 -1.57
N ASP D 49 -46.71 6.35 -2.80
CA ASP D 49 -46.83 7.76 -3.14
C ASP D 49 -48.12 7.89 -3.95
N ARG D 50 -49.20 8.40 -3.29
CA ARG D 50 -50.50 8.57 -3.94
C ARG D 50 -50.46 9.60 -5.07
N ARG D 51 -49.57 10.61 -4.96
CA ARG D 51 -49.36 11.69 -5.95
C ARG D 51 -48.94 11.17 -7.34
N LEU D 52 -48.46 9.92 -7.42
CA LEU D 52 -47.99 9.30 -8.66
C LEU D 52 -48.99 8.28 -9.22
N ALA D 53 -50.08 7.97 -8.46
CA ALA D 53 -51.11 7.01 -8.85
C ALA D 53 -51.81 7.44 -10.15
N PHE D 54 -52.27 6.45 -10.95
CA PHE D 54 -52.93 6.67 -12.24
C PHE D 54 -53.94 5.57 -12.59
N ASP D 55 -54.80 5.83 -13.60
CA ASP D 55 -55.80 4.88 -14.09
C ASP D 55 -55.17 4.11 -15.27
N PRO D 56 -55.07 2.76 -15.20
CA PRO D 56 -54.42 2.02 -16.30
C PRO D 56 -55.22 1.96 -17.60
N VAL D 57 -56.55 2.20 -17.50
CA VAL D 57 -57.50 2.20 -18.62
C VAL D 57 -57.18 3.34 -19.60
N ARG D 58 -57.25 4.61 -19.16
CA ARG D 58 -56.96 5.79 -19.97
C ARG D 58 -55.46 5.95 -20.29
N SER D 59 -54.58 5.50 -19.37
CA SER D 59 -53.12 5.56 -19.56
C SER D 59 -52.65 4.56 -20.60
N GLY D 60 -53.32 3.41 -20.67
CA GLY D 60 -53.00 2.33 -21.61
C GLY D 60 -51.76 1.55 -21.25
N VAL D 61 -51.24 1.78 -20.03
CA VAL D 61 -50.03 1.14 -19.48
C VAL D 61 -50.23 0.70 -18.02
N ARG D 62 -49.72 -0.50 -17.71
CA ARG D 62 -49.79 -1.13 -16.37
C ARG D 62 -48.76 -0.53 -15.39
N VAL D 63 -47.63 -0.01 -15.92
CA VAL D 63 -46.51 0.57 -15.17
C VAL D 63 -45.96 1.85 -15.81
N LYS D 64 -45.33 2.72 -15.01
CA LYS D 64 -44.70 3.94 -15.47
C LYS D 64 -43.29 4.04 -14.91
N THR D 65 -42.31 4.26 -15.80
CA THR D 65 -40.90 4.38 -15.46
C THR D 65 -40.50 5.85 -15.33
N TYR D 66 -39.86 6.22 -14.21
CA TYR D 66 -39.40 7.58 -13.93
C TYR D 66 -37.89 7.67 -13.73
N GLU D 67 -37.34 8.88 -13.92
CA GLU D 67 -35.93 9.18 -13.68
C GLU D 67 -35.79 9.55 -12.19
N PRO D 68 -34.61 9.37 -11.55
CA PRO D 68 -34.49 9.69 -10.11
C PRO D 68 -34.84 11.13 -9.71
N GLU D 69 -34.44 12.10 -10.55
CA GLU D 69 -34.68 13.54 -10.35
C GLU D 69 -36.14 13.93 -10.52
N ALA D 70 -36.90 13.16 -11.32
CA ALA D 70 -38.31 13.39 -11.61
C ALA D 70 -39.21 13.25 -10.37
N ILE D 71 -39.07 12.12 -9.63
CA ILE D 71 -39.88 11.84 -8.45
C ILE D 71 -39.11 11.89 -7.14
N TRP D 72 -39.85 11.96 -6.00
CA TRP D 72 -39.28 11.98 -4.65
C TRP D 72 -38.81 10.57 -4.27
N ILE D 73 -37.53 10.45 -3.84
CA ILE D 73 -36.91 9.20 -3.41
C ILE D 73 -36.35 9.37 -1.96
N PRO D 74 -36.70 8.45 -1.02
CA PRO D 74 -36.22 8.62 0.37
C PRO D 74 -34.72 8.52 0.53
N GLU D 75 -34.15 9.38 1.38
CA GLU D 75 -32.70 9.39 1.64
C GLU D 75 -32.30 8.25 2.57
N ILE D 76 -31.94 7.10 1.94
CA ILE D 76 -31.49 5.87 2.59
C ILE D 76 -29.99 5.88 2.64
N ARG D 77 -29.41 5.75 3.84
CA ARG D 77 -27.96 5.74 4.03
C ARG D 77 -27.53 4.51 4.82
N PHE D 78 -26.22 4.24 4.84
CA PHE D 78 -25.63 3.14 5.61
C PHE D 78 -24.88 3.74 6.78
N VAL D 79 -25.05 3.18 7.98
CA VAL D 79 -24.41 3.72 9.18
C VAL D 79 -22.91 3.42 9.21
N ASN D 80 -22.55 2.12 9.12
CA ASN D 80 -21.18 1.62 9.23
C ASN D 80 -20.41 1.56 7.90
N VAL D 81 -20.32 2.70 7.20
CA VAL D 81 -19.55 2.77 5.96
C VAL D 81 -18.42 3.76 6.09
N GLU D 82 -17.32 3.52 5.33
CA GLU D 82 -16.14 4.41 5.29
C GLU D 82 -16.54 5.73 4.62
N ASN D 83 -16.95 5.66 3.34
CA ASN D 83 -17.45 6.78 2.55
C ASN D 83 -18.81 6.42 1.96
N ALA D 84 -19.52 7.41 1.37
CA ALA D 84 -20.82 7.23 0.73
C ALA D 84 -20.75 6.19 -0.38
N ARG D 85 -21.68 5.21 -0.38
CA ARG D 85 -21.78 4.11 -1.34
C ARG D 85 -21.81 4.55 -2.81
N ASP D 86 -21.16 3.78 -3.69
CA ASP D 86 -21.15 4.07 -5.12
C ASP D 86 -22.39 3.45 -5.71
N ALA D 87 -23.51 4.20 -5.64
CA ALA D 87 -24.82 3.81 -6.14
C ALA D 87 -25.01 4.15 -7.61
N ASP D 88 -25.78 3.29 -8.29
CA ASP D 88 -26.14 3.39 -9.71
C ASP D 88 -27.55 2.85 -9.84
N VAL D 89 -28.52 3.73 -10.18
CA VAL D 89 -29.94 3.34 -10.28
C VAL D 89 -30.17 2.43 -11.49
N VAL D 90 -30.78 1.26 -11.22
CA VAL D 90 -31.08 0.20 -12.20
C VAL D 90 -32.46 0.46 -12.80
N ASP D 91 -33.49 0.66 -11.93
CA ASP D 91 -34.87 0.85 -12.34
C ASP D 91 -35.78 1.46 -11.26
N ILE D 92 -36.67 2.39 -11.69
CA ILE D 92 -37.73 3.03 -10.88
C ILE D 92 -39.02 2.75 -11.65
N SER D 93 -39.99 2.03 -11.03
CA SER D 93 -41.26 1.63 -11.63
C SER D 93 -42.46 1.91 -10.72
N VAL D 94 -43.50 2.59 -11.26
CA VAL D 94 -44.70 2.96 -10.49
C VAL D 94 -45.93 2.17 -10.96
N SER D 95 -46.63 1.54 -9.99
CA SER D 95 -47.87 0.78 -10.21
C SER D 95 -49.06 1.76 -10.26
N PRO D 96 -50.26 1.35 -10.76
CA PRO D 96 -51.39 2.30 -10.83
C PRO D 96 -51.86 2.85 -9.48
N ASP D 97 -51.62 2.12 -8.36
CA ASP D 97 -52.02 2.56 -7.01
C ASP D 97 -51.00 3.55 -6.37
N GLY D 98 -49.88 3.75 -7.07
CA GLY D 98 -48.81 4.67 -6.66
C GLY D 98 -47.68 4.05 -5.87
N THR D 99 -47.53 2.70 -5.90
CA THR D 99 -46.44 2.01 -5.19
C THR D 99 -45.18 2.04 -6.06
N VAL D 100 -44.15 2.75 -5.57
CA VAL D 100 -42.88 2.91 -6.26
C VAL D 100 -41.95 1.72 -5.98
N GLN D 101 -41.29 1.20 -7.04
CA GLN D 101 -40.35 0.09 -6.95
C GLN D 101 -38.98 0.51 -7.47
N TYR D 102 -38.12 0.92 -6.52
CA TYR D 102 -36.76 1.39 -6.72
C TYR D 102 -35.77 0.23 -6.64
N LEU D 103 -34.74 0.28 -7.49
CA LEU D 103 -33.65 -0.68 -7.54
C LEU D 103 -32.38 0.00 -7.98
N GLU D 104 -31.31 -0.22 -7.18
CA GLU D 104 -29.98 0.34 -7.40
C GLU D 104 -28.93 -0.69 -7.09
N ARG D 105 -27.79 -0.62 -7.77
CA ARG D 105 -26.67 -1.50 -7.49
C ARG D 105 -25.55 -0.65 -6.89
N PHE D 106 -25.14 -0.96 -5.64
CA PHE D 106 -24.09 -0.21 -4.93
C PHE D 106 -22.84 -1.02 -4.61
N SER D 107 -21.82 -0.32 -4.11
CA SER D 107 -20.55 -0.87 -3.63
C SER D 107 -20.03 0.04 -2.52
N ALA D 108 -19.77 -0.56 -1.33
CA ALA D 108 -19.28 0.17 -0.18
C ALA D 108 -18.33 -0.65 0.69
N ARG D 109 -17.41 0.03 1.43
CA ARG D 109 -16.50 -0.60 2.38
C ARG D 109 -17.16 -0.46 3.77
N VAL D 110 -17.64 -1.60 4.31
CA VAL D 110 -18.37 -1.71 5.55
C VAL D 110 -17.42 -1.93 6.76
N LEU D 111 -17.66 -1.16 7.85
CA LEU D 111 -16.95 -1.21 9.12
C LEU D 111 -17.69 -2.14 10.11
N SER D 112 -17.29 -3.41 10.16
CA SER D 112 -17.93 -4.35 11.07
C SER D 112 -16.87 -4.95 12.01
N PRO D 113 -16.94 -4.65 13.34
CA PRO D 113 -15.93 -5.18 14.27
C PRO D 113 -15.89 -6.70 14.38
N LEU D 114 -14.68 -7.27 14.58
CA LEU D 114 -14.48 -8.71 14.65
C LEU D 114 -14.00 -9.17 16.05
N ASP D 115 -14.34 -10.45 16.42
CA ASP D 115 -13.95 -11.08 17.70
C ASP D 115 -12.90 -12.19 17.48
N PHE D 116 -11.64 -11.91 17.84
CA PHE D 116 -10.53 -12.81 17.60
C PHE D 116 -10.20 -13.74 18.75
N ARG D 117 -11.09 -13.85 19.75
CA ARG D 117 -10.86 -14.71 20.90
C ARG D 117 -10.63 -16.18 20.54
N ARG D 118 -11.35 -16.72 19.54
CA ARG D 118 -11.16 -18.12 19.14
C ARG D 118 -10.32 -18.30 17.87
N TYR D 119 -9.65 -17.23 17.36
CA TYR D 119 -8.81 -17.22 16.16
C TYR D 119 -7.75 -18.35 16.15
N PRO D 120 -7.57 -19.09 15.02
CA PRO D 120 -8.26 -18.98 13.73
C PRO D 120 -9.47 -19.91 13.59
N PHE D 121 -10.05 -20.33 14.72
CA PHE D 121 -11.22 -21.20 14.78
C PHE D 121 -12.46 -20.37 15.22
N ASP D 122 -12.55 -19.13 14.68
CA ASP D 122 -13.60 -18.17 15.01
C ASP D 122 -14.64 -18.02 13.90
N SER D 123 -15.83 -17.56 14.30
CA SER D 123 -16.97 -17.25 13.45
C SER D 123 -17.35 -15.79 13.72
N GLN D 124 -17.79 -15.08 12.67
CA GLN D 124 -18.16 -13.68 12.77
C GLN D 124 -19.57 -13.44 12.27
N THR D 125 -20.18 -12.32 12.71
CA THR D 125 -21.50 -11.85 12.27
C THR D 125 -21.26 -10.43 11.76
N LEU D 126 -21.09 -10.30 10.46
CA LEU D 126 -20.87 -9.00 9.82
C LEU D 126 -22.20 -8.23 9.74
N HIS D 127 -22.16 -6.90 9.95
CA HIS D 127 -23.37 -6.07 9.92
C HIS D 127 -23.38 -5.03 8.82
N ILE D 128 -24.57 -4.77 8.29
CA ILE D 128 -24.85 -3.74 7.30
C ILE D 128 -26.06 -3.01 7.89
N TYR D 129 -25.87 -1.72 8.24
CA TYR D 129 -26.93 -0.94 8.86
C TYR D 129 -27.56 0.08 7.96
N LEU D 130 -28.80 -0.18 7.53
CA LEU D 130 -29.59 0.75 6.71
C LEU D 130 -30.25 1.77 7.66
N ILE D 131 -30.24 3.05 7.29
CA ILE D 131 -30.82 4.10 8.11
C ILE D 131 -31.58 5.14 7.27
N VAL D 132 -32.69 5.67 7.81
CA VAL D 132 -33.48 6.73 7.16
C VAL D 132 -33.84 7.80 8.19
N ARG D 133 -33.61 9.07 7.82
CA ARG D 133 -33.92 10.16 8.73
C ARG D 133 -35.28 10.74 8.35
N SER D 134 -36.16 10.88 9.34
CA SER D 134 -37.50 11.43 9.20
C SER D 134 -37.45 12.92 8.87
N VAL D 135 -38.37 13.34 7.96
CA VAL D 135 -38.51 14.75 7.56
C VAL D 135 -39.50 15.48 8.49
N ASP D 136 -39.52 16.83 8.40
CA ASP D 136 -40.38 17.68 9.22
C ASP D 136 -41.88 17.45 8.96
N THR D 137 -42.23 17.15 7.69
CA THR D 137 -43.60 16.90 7.25
C THR D 137 -44.15 15.60 7.88
N ARG D 138 -43.48 14.45 7.63
CA ARG D 138 -43.88 13.16 8.19
C ARG D 138 -42.67 12.26 8.49
N ASN D 139 -42.88 11.23 9.35
CA ASN D 139 -41.86 10.28 9.76
C ASN D 139 -41.72 9.11 8.81
N ILE D 140 -40.46 8.63 8.65
CA ILE D 140 -40.14 7.50 7.77
C ILE D 140 -39.64 6.31 8.60
N VAL D 141 -40.29 5.15 8.40
CA VAL D 141 -40.01 3.88 9.08
C VAL D 141 -39.62 2.84 8.04
N LEU D 142 -38.54 2.09 8.30
CA LEU D 142 -38.04 1.02 7.42
C LEU D 142 -38.69 -0.33 7.73
N ALA D 143 -38.77 -1.16 6.71
CA ALA D 143 -39.33 -2.51 6.82
C ALA D 143 -38.53 -3.46 5.95
N VAL D 144 -38.54 -4.75 6.28
CA VAL D 144 -37.79 -5.74 5.50
C VAL D 144 -38.75 -6.51 4.57
N ASP D 145 -38.43 -6.55 3.28
CA ASP D 145 -39.18 -7.33 2.30
C ASP D 145 -38.31 -8.57 2.09
N LEU D 146 -38.60 -9.64 2.86
CA LEU D 146 -37.86 -10.91 2.88
C LEU D 146 -37.74 -11.59 1.51
N GLU D 147 -38.63 -11.25 0.58
CA GLU D 147 -38.66 -11.76 -0.78
C GLU D 147 -37.50 -11.19 -1.61
N LYS D 148 -37.02 -9.98 -1.24
CA LYS D 148 -35.97 -9.25 -1.95
C LYS D 148 -34.63 -9.17 -1.19
N VAL D 149 -34.45 -10.04 -0.17
CA VAL D 149 -33.21 -10.18 0.64
C VAL D 149 -32.58 -11.53 0.30
N GLY D 150 -31.33 -11.52 -0.14
CA GLY D 150 -30.60 -12.72 -0.50
C GLY D 150 -29.14 -12.48 -0.85
N LYS D 151 -28.54 -13.47 -1.51
CA LYS D 151 -27.16 -13.50 -1.97
C LYS D 151 -27.06 -14.57 -3.05
N ASN D 152 -26.25 -14.35 -4.08
CA ASN D 152 -26.16 -15.38 -5.11
C ASN D 152 -25.21 -16.51 -4.65
N ASP D 153 -25.27 -17.66 -5.32
CA ASP D 153 -24.50 -18.88 -4.99
C ASP D 153 -22.99 -18.74 -5.19
N ASP D 154 -22.55 -17.93 -6.17
CA ASP D 154 -21.13 -17.67 -6.51
C ASP D 154 -20.43 -16.72 -5.53
N VAL D 155 -21.16 -16.14 -4.52
CA VAL D 155 -20.58 -15.22 -3.53
C VAL D 155 -19.55 -15.99 -2.70
N PHE D 156 -18.29 -15.59 -2.85
CA PHE D 156 -17.16 -16.23 -2.17
C PHE D 156 -16.35 -15.18 -1.44
N LEU D 157 -15.96 -15.49 -0.22
CA LEU D 157 -15.12 -14.61 0.58
C LEU D 157 -13.86 -15.43 0.88
N THR D 158 -12.70 -15.00 0.33
CA THR D 158 -11.42 -15.73 0.45
C THR D 158 -11.07 -16.00 1.91
N GLY D 159 -10.85 -17.27 2.22
CA GLY D 159 -10.50 -17.72 3.56
C GLY D 159 -11.64 -17.83 4.55
N TRP D 160 -12.90 -17.65 4.07
CA TRP D 160 -14.12 -17.69 4.88
C TRP D 160 -15.23 -18.51 4.25
N ASP D 161 -16.07 -19.11 5.09
CA ASP D 161 -17.24 -19.89 4.69
C ASP D 161 -18.45 -19.03 4.99
N ILE D 162 -19.23 -18.67 3.96
CA ILE D 162 -20.41 -17.82 4.14
C ILE D 162 -21.60 -18.67 4.57
N GLU D 163 -22.02 -18.53 5.83
CA GLU D 163 -23.14 -19.28 6.40
C GLU D 163 -24.50 -18.78 5.93
N SER D 164 -24.89 -17.55 6.34
CA SER D 164 -26.19 -16.96 6.01
C SER D 164 -26.18 -15.46 5.85
N PHE D 165 -27.23 -14.95 5.17
CA PHE D 165 -27.51 -13.52 5.00
C PHE D 165 -28.96 -13.31 5.33
N THR D 166 -29.20 -12.77 6.53
CA THR D 166 -30.52 -12.50 7.09
C THR D 166 -30.60 -11.05 7.54
N ALA D 167 -31.84 -10.60 7.83
CA ALA D 167 -32.11 -9.26 8.29
C ALA D 167 -33.02 -9.27 9.50
N VAL D 168 -32.71 -8.40 10.50
CA VAL D 168 -33.52 -8.25 11.71
C VAL D 168 -34.74 -7.40 11.26
N VAL D 169 -35.88 -8.08 11.04
CA VAL D 169 -37.16 -7.57 10.52
C VAL D 169 -37.69 -6.35 11.28
N LYS D 170 -37.56 -6.31 12.62
CA LYS D 170 -38.01 -5.18 13.45
C LYS D 170 -36.93 -4.08 13.47
N PRO D 171 -37.23 -2.86 12.91
CA PRO D 171 -36.23 -1.79 12.90
C PRO D 171 -36.10 -1.09 14.25
N ALA D 172 -34.94 -0.48 14.50
CA ALA D 172 -34.66 0.24 15.73
C ALA D 172 -34.97 1.69 15.52
N ASN D 173 -36.14 2.17 16.01
CA ASN D 173 -36.56 3.57 15.89
C ASN D 173 -36.06 4.38 17.10
N PHE D 174 -35.27 5.44 16.86
CA PHE D 174 -34.64 6.28 17.89
C PHE D 174 -34.47 7.72 17.46
N ALA D 175 -34.36 8.63 18.44
CA ALA D 175 -34.19 10.05 18.21
C ALA D 175 -32.71 10.42 18.13
N LEU D 176 -32.36 11.17 17.09
CA LEU D 176 -31.00 11.67 16.86
C LEU D 176 -31.04 13.08 16.27
N GLU D 177 -30.54 14.06 17.04
CA GLU D 177 -30.52 15.50 16.72
C GLU D 177 -31.92 16.07 16.42
N ASP D 178 -32.85 15.82 17.37
CA ASP D 178 -34.27 16.23 17.37
C ASP D 178 -35.10 15.66 16.21
N ARG D 179 -34.59 14.61 15.54
CA ARG D 179 -35.30 13.93 14.48
C ARG D 179 -35.28 12.42 14.65
N LEU D 180 -36.40 11.77 14.32
CA LEU D 180 -36.56 10.33 14.39
C LEU D 180 -35.73 9.64 13.29
N GLU D 181 -35.21 8.44 13.61
CA GLU D 181 -34.40 7.65 12.72
C GLU D 181 -34.79 6.20 12.78
N SER D 182 -34.91 5.56 11.60
CA SER D 182 -35.25 4.14 11.50
C SER D 182 -34.03 3.40 11.04
N LYS D 183 -33.51 2.44 11.86
CA LYS D 183 -32.32 1.65 11.56
C LYS D 183 -32.62 0.16 11.37
N LEU D 184 -32.07 -0.45 10.32
CA LEU D 184 -32.21 -1.87 10.03
C LEU D 184 -30.87 -2.61 10.13
N ASP D 185 -30.90 -3.91 10.52
CA ASP D 185 -29.68 -4.71 10.67
C ASP D 185 -29.62 -5.90 9.72
N TYR D 186 -28.71 -5.84 8.73
CA TYR D 186 -28.46 -6.94 7.79
C TYR D 186 -27.23 -7.71 8.26
N GLN D 187 -27.45 -8.91 8.79
CA GLN D 187 -26.39 -9.76 9.34
C GLN D 187 -25.89 -10.84 8.38
N LEU D 188 -24.57 -10.87 8.17
CA LEU D 188 -23.90 -11.85 7.31
C LEU D 188 -23.00 -12.72 8.18
N ARG D 189 -23.42 -13.95 8.42
CA ARG D 189 -22.67 -14.90 9.24
C ARG D 189 -21.65 -15.65 8.42
N ILE D 190 -20.42 -15.65 8.90
CA ILE D 190 -19.25 -16.28 8.28
C ILE D 190 -18.44 -17.02 9.34
N SER D 191 -17.64 -18.00 8.89
CA SER D 191 -16.75 -18.79 9.74
C SER D 191 -15.42 -18.97 9.00
N ARG D 192 -14.31 -18.87 9.73
CA ARG D 192 -12.98 -18.96 9.16
C ARG D 192 -12.59 -20.33 8.70
N GLN D 193 -11.84 -20.38 7.58
CA GLN D 193 -11.24 -21.58 7.01
C GLN D 193 -9.84 -21.68 7.65
N TYR D 194 -9.75 -22.47 8.74
CA TYR D 194 -8.54 -22.66 9.56
C TYR D 194 -7.55 -23.69 8.99
N PHE D 195 -7.89 -24.34 7.86
CA PHE D 195 -7.06 -25.38 7.24
C PHE D 195 -5.61 -24.97 7.02
N SER D 196 -5.38 -23.80 6.41
CA SER D 196 -4.03 -23.31 6.09
C SER D 196 -3.15 -23.05 7.33
N TYR D 197 -3.77 -22.72 8.47
CA TYR D 197 -3.07 -22.44 9.73
C TYR D 197 -2.35 -23.66 10.32
N ILE D 198 -2.90 -24.86 10.09
CA ILE D 198 -2.34 -26.11 10.58
C ILE D 198 -0.95 -26.41 9.95
N PRO D 199 -0.80 -26.59 8.60
CA PRO D 199 0.54 -26.90 8.08
C PRO D 199 1.51 -25.71 7.99
N ASN D 200 1.00 -24.46 8.09
CA ASN D 200 1.83 -23.28 7.95
C ASN D 200 2.30 -22.65 9.26
N ILE D 201 1.47 -22.74 10.33
CA ILE D 201 1.79 -22.11 11.61
C ILE D 201 1.83 -23.11 12.77
N ILE D 202 0.69 -23.78 13.06
CA ILE D 202 0.53 -24.72 14.18
C ILE D 202 1.56 -25.87 14.16
N LEU D 203 1.56 -26.72 13.12
CA LEU D 203 2.48 -27.86 13.03
C LEU D 203 3.95 -27.45 12.94
N PRO D 204 4.38 -26.46 12.10
CA PRO D 204 5.81 -26.07 12.12
C PRO D 204 6.26 -25.52 13.48
N MET D 205 5.36 -24.78 14.18
CA MET D 205 5.63 -24.23 15.51
C MET D 205 5.76 -25.33 16.58
N LEU D 206 5.06 -26.49 16.38
CA LEU D 206 5.14 -27.63 17.31
C LEU D 206 6.41 -28.42 17.11
N PHE D 207 6.82 -28.63 15.82
CA PHE D 207 8.05 -29.33 15.48
C PHE D 207 9.27 -28.66 16.08
N ILE D 208 9.36 -27.30 16.00
CA ILE D 208 10.49 -26.54 16.56
C ILE D 208 10.54 -26.66 18.09
N LEU D 209 9.35 -26.80 18.74
CA LEU D 209 9.26 -26.99 20.20
C LEU D 209 9.76 -28.40 20.59
N PHE D 210 9.34 -29.45 19.85
CA PHE D 210 9.76 -30.82 20.13
C PHE D 210 11.23 -31.02 19.87
N ILE D 211 11.78 -30.30 18.86
CA ILE D 211 13.20 -30.32 18.51
C ILE D 211 14.01 -29.74 19.68
N SER D 212 13.47 -28.69 20.37
CA SER D 212 14.12 -28.11 21.55
C SER D 212 14.17 -29.12 22.71
N TRP D 213 13.15 -30.00 22.82
CA TRP D 213 13.05 -31.01 23.86
C TRP D 213 14.02 -32.20 23.67
N THR D 214 14.76 -32.25 22.54
CA THR D 214 15.74 -33.32 22.33
C THR D 214 16.99 -33.02 23.20
N ALA D 215 16.99 -31.88 23.91
CA ALA D 215 18.08 -31.47 24.79
C ALA D 215 18.00 -32.24 26.13
N PHE D 216 16.88 -32.98 26.35
CA PHE D 216 16.70 -33.82 27.55
C PHE D 216 17.31 -35.21 27.34
N TRP D 217 17.87 -35.47 26.15
CA TRP D 217 18.56 -36.71 25.78
C TRP D 217 20.00 -36.41 25.32
N SER D 218 20.54 -35.29 25.83
CA SER D 218 21.89 -34.79 25.55
C SER D 218 22.53 -34.24 26.82
N THR D 219 23.84 -34.46 26.95
CA THR D 219 24.68 -34.01 28.07
C THR D 219 25.62 -32.86 27.64
N SER D 220 25.63 -32.57 26.31
CA SER D 220 26.44 -31.55 25.68
C SER D 220 25.77 -30.19 25.86
N TYR D 221 26.22 -29.39 26.85
CA TYR D 221 25.66 -28.06 27.15
C TYR D 221 25.76 -27.08 25.97
N GLU D 222 26.86 -27.15 25.20
CA GLU D 222 27.10 -26.31 24.02
C GLU D 222 26.05 -26.62 22.95
N ALA D 223 25.69 -27.92 22.79
CA ALA D 223 24.70 -28.37 21.81
C ALA D 223 23.28 -28.08 22.30
N ASN D 224 23.05 -28.16 23.63
CA ASN D 224 21.75 -27.87 24.24
C ASN D 224 21.42 -26.39 24.11
N VAL D 225 22.43 -25.52 24.35
CA VAL D 225 22.28 -24.06 24.22
C VAL D 225 21.86 -23.75 22.80
N THR D 226 22.57 -24.32 21.80
CA THR D 226 22.27 -24.19 20.36
C THR D 226 20.85 -24.67 20.06
N LEU D 227 20.47 -25.84 20.61
CA LEU D 227 19.13 -26.43 20.46
C LEU D 227 18.00 -25.56 21.01
N VAL D 228 18.07 -25.16 22.29
CA VAL D 228 16.99 -24.38 22.93
C VAL D 228 16.98 -22.92 22.44
N VAL D 229 18.16 -22.30 22.25
CA VAL D 229 18.24 -20.91 21.79
C VAL D 229 17.78 -20.75 20.35
N SER D 230 18.34 -21.55 19.41
CA SER D 230 17.98 -21.45 17.99
C SER D 230 16.48 -21.65 17.72
N THR D 231 15.87 -22.66 18.39
CA THR D 231 14.44 -22.97 18.26
C THR D 231 13.57 -21.86 18.82
N LEU D 232 14.04 -21.16 19.89
CA LEU D 232 13.32 -20.04 20.50
C LEU D 232 13.24 -18.87 19.50
N ILE D 233 14.35 -18.65 18.75
CA ILE D 233 14.44 -17.61 17.71
C ILE D 233 13.40 -17.88 16.59
N ALA D 234 13.23 -19.18 16.21
CA ALA D 234 12.23 -19.61 15.21
C ALA D 234 10.81 -19.38 15.74
N HIS D 235 10.60 -19.56 17.05
CA HIS D 235 9.31 -19.33 17.68
C HIS D 235 8.97 -17.84 17.67
N ILE D 236 9.99 -16.97 17.92
CA ILE D 236 9.83 -15.50 17.88
C ILE D 236 9.34 -15.09 16.48
N ALA D 237 9.97 -15.66 15.41
CA ALA D 237 9.56 -15.45 14.01
C ALA D 237 8.07 -15.81 13.78
N PHE D 238 7.61 -16.93 14.39
CA PHE D 238 6.22 -17.39 14.31
C PHE D 238 5.28 -16.47 15.10
N ASN D 239 5.76 -15.97 16.25
CA ASN D 239 5.01 -15.03 17.08
C ASN D 239 4.79 -13.71 16.32
N ILE D 240 5.83 -13.22 15.60
CA ILE D 240 5.79 -11.99 14.80
C ILE D 240 4.88 -12.18 13.59
N LEU D 241 5.03 -13.31 12.87
CA LEU D 241 4.25 -13.64 11.67
C LEU D 241 2.77 -13.63 11.99
N VAL D 242 2.40 -14.10 13.18
CA VAL D 242 1.01 -14.18 13.63
C VAL D 242 0.47 -12.78 13.97
N GLU D 243 1.19 -11.98 14.78
CA GLU D 243 0.73 -10.64 15.21
C GLU D 243 0.65 -9.62 14.04
N THR D 244 1.22 -9.95 12.86
CA THR D 244 1.11 -9.09 11.67
C THR D 244 -0.24 -9.29 10.95
N ASN D 245 -0.83 -10.51 11.00
CA ASN D 245 -2.13 -10.84 10.37
C ASN D 245 -3.34 -10.50 11.30
N LEU D 246 -3.06 -9.91 12.50
CA LEU D 246 -4.07 -9.59 13.51
C LEU D 246 -3.94 -8.19 14.08
N PRO D 247 -5.09 -7.54 14.46
CA PRO D 247 -5.00 -6.22 15.11
C PRO D 247 -4.74 -6.34 16.62
N LYS D 248 -4.28 -5.22 17.22
CA LYS D 248 -3.97 -5.16 18.64
C LYS D 248 -5.27 -5.17 19.46
N THR D 249 -5.56 -6.34 20.03
CA THR D 249 -6.75 -6.65 20.82
C THR D 249 -6.52 -6.44 22.33
N PRO D 250 -7.52 -5.90 23.06
CA PRO D 250 -7.36 -5.75 24.53
C PRO D 250 -7.67 -7.04 25.33
N TYR D 251 -7.83 -8.16 24.61
CA TYR D 251 -8.13 -9.48 25.12
C TYR D 251 -7.12 -10.49 24.59
N MET D 252 -7.06 -11.67 25.23
CA MET D 252 -6.14 -12.72 24.81
C MET D 252 -6.83 -13.58 23.78
N THR D 253 -6.14 -13.83 22.66
CA THR D 253 -6.65 -14.68 21.57
C THR D 253 -6.25 -16.13 21.87
N TYR D 254 -6.87 -17.10 21.19
CA TYR D 254 -6.55 -18.51 21.41
C TYR D 254 -5.11 -18.87 20.99
N THR D 255 -4.69 -18.39 19.80
CA THR D 255 -3.35 -18.57 19.24
C THR D 255 -2.34 -17.78 20.07
N GLY D 256 -2.72 -16.56 20.46
CA GLY D 256 -1.90 -15.69 21.30
C GLY D 256 -1.56 -16.29 22.63
N ALA D 257 -2.54 -17.05 23.22
CA ALA D 257 -2.41 -17.78 24.48
C ALA D 257 -1.40 -18.91 24.34
N ILE D 258 -1.56 -19.77 23.31
CA ILE D 258 -0.67 -20.90 22.99
C ILE D 258 0.76 -20.40 22.73
N ILE D 259 0.91 -19.39 21.82
CA ILE D 259 2.21 -18.79 21.49
C ILE D 259 2.91 -18.28 22.75
N PHE D 260 2.17 -17.53 23.62
CA PHE D 260 2.73 -16.99 24.86
C PHE D 260 3.13 -18.08 25.85
N MET D 261 2.31 -19.14 25.96
CA MET D 261 2.54 -20.27 26.85
C MET D 261 3.83 -21.02 26.48
N ILE D 262 4.07 -21.19 25.17
CA ILE D 262 5.27 -21.85 24.62
C ILE D 262 6.54 -21.10 25.03
N TYR D 263 6.47 -19.74 25.16
CA TYR D 263 7.59 -18.89 25.62
C TYR D 263 8.08 -19.33 27.01
N LEU D 264 7.16 -19.79 27.88
CA LEU D 264 7.49 -20.26 29.22
C LEU D 264 8.20 -21.62 29.18
N PHE D 265 7.76 -22.54 28.27
CA PHE D 265 8.39 -23.85 28.10
C PHE D 265 9.83 -23.71 27.65
N TYR D 266 10.10 -22.70 26.78
CA TYR D 266 11.45 -22.35 26.29
C TYR D 266 12.30 -21.80 27.44
N PHE D 267 11.66 -21.03 28.34
CA PHE D 267 12.32 -20.45 29.50
C PHE D 267 12.67 -21.49 30.54
N VAL D 268 11.76 -22.44 30.80
CA VAL D 268 12.00 -23.53 31.76
C VAL D 268 13.03 -24.53 31.20
N ALA D 269 13.01 -24.79 29.87
CA ALA D 269 13.99 -25.66 29.20
C ALA D 269 15.39 -25.08 29.33
N VAL D 270 15.54 -23.73 29.22
CA VAL D 270 16.82 -23.03 29.41
C VAL D 270 17.31 -23.23 30.87
N ILE D 271 16.40 -23.09 31.86
CA ILE D 271 16.73 -23.28 33.28
C ILE D 271 17.23 -24.74 33.50
N GLU D 272 16.50 -25.74 32.96
CA GLU D 272 16.86 -27.16 33.08
C GLU D 272 18.24 -27.42 32.48
N VAL D 273 18.50 -26.88 31.27
CA VAL D 273 19.76 -27.02 30.53
C VAL D 273 20.92 -26.40 31.34
N THR D 274 20.67 -25.28 32.06
CA THR D 274 21.65 -24.61 32.91
C THR D 274 21.91 -25.43 34.19
N VAL D 275 20.82 -25.93 34.83
CA VAL D 275 20.86 -26.75 36.05
C VAL D 275 21.69 -28.01 35.81
N GLN D 276 21.39 -28.77 34.72
CA GLN D 276 22.11 -29.98 34.30
C GLN D 276 23.61 -29.68 34.18
N HIS D 277 24.00 -28.56 33.52
CA HIS D 277 25.40 -28.19 33.38
C HIS D 277 26.04 -27.79 34.71
N TYR D 278 25.37 -26.93 35.51
CA TYR D 278 25.93 -26.50 36.79
C TYR D 278 26.23 -27.68 37.72
N LEU D 279 25.32 -28.69 37.74
CA LEU D 279 25.46 -29.91 38.53
C LEU D 279 26.57 -30.82 38.00
N LYS D 280 26.75 -30.88 36.67
CA LYS D 280 27.80 -31.67 36.02
C LYS D 280 29.18 -31.13 36.41
N VAL D 281 29.35 -29.80 36.29
CA VAL D 281 30.60 -29.11 36.64
C VAL D 281 30.90 -29.24 38.16
N GLU D 282 29.82 -29.19 38.99
CA GLU D 282 29.87 -29.34 40.46
C GLU D 282 30.15 -30.80 40.90
N SER D 283 30.44 -31.67 39.91
CA SER D 283 30.78 -33.08 40.04
C SER D 283 29.69 -33.92 40.72
N GLN D 284 28.41 -33.61 40.43
CA GLN D 284 27.27 -34.41 40.92
C GLN D 284 26.29 -34.70 39.76
N PRO D 285 26.74 -35.53 38.77
CA PRO D 285 25.88 -35.85 37.63
C PRO D 285 24.75 -36.82 37.95
N ALA D 286 24.61 -37.27 39.20
CA ALA D 286 23.55 -38.15 39.63
C ALA D 286 22.25 -37.34 39.77
N ARG D 287 22.35 -36.07 40.27
CA ARG D 287 21.23 -35.14 40.46
C ARG D 287 20.83 -34.60 39.08
N ALA D 288 21.85 -34.24 38.27
CA ALA D 288 21.69 -33.74 36.92
C ALA D 288 20.95 -34.77 36.06
N ALA D 289 21.26 -36.07 36.23
CA ALA D 289 20.62 -37.15 35.48
C ALA D 289 19.17 -37.33 35.85
N SER D 290 18.83 -37.25 37.16
CA SER D 290 17.45 -37.44 37.64
C SER D 290 16.52 -36.31 37.22
N ILE D 291 17.04 -35.06 37.21
CA ILE D 291 16.31 -33.86 36.77
C ILE D 291 16.05 -33.99 35.26
N THR D 292 17.09 -34.40 34.47
CA THR D 292 17.01 -34.55 33.02
C THR D 292 16.08 -35.68 32.64
N ARG D 293 16.09 -36.80 33.40
CA ARG D 293 15.20 -37.94 33.17
C ARG D 293 13.73 -37.59 33.46
N ALA D 294 13.50 -36.72 34.47
CA ALA D 294 12.16 -36.27 34.87
C ALA D 294 11.55 -35.34 33.83
N SER D 295 12.35 -34.40 33.30
CA SER D 295 11.97 -33.39 32.31
C SER D 295 11.49 -34.02 31.00
N ARG D 296 11.99 -35.25 30.70
CA ARG D 296 11.64 -36.04 29.52
C ARG D 296 10.17 -36.41 29.54
N ILE D 297 9.61 -36.61 30.76
CA ILE D 297 8.20 -36.94 31.01
C ILE D 297 7.38 -35.69 31.39
N ALA D 298 7.95 -34.83 32.27
CA ALA D 298 7.32 -33.59 32.75
C ALA D 298 6.90 -32.61 31.61
N PHE D 299 7.86 -32.18 30.75
CA PHE D 299 7.64 -31.24 29.65
C PHE D 299 6.51 -31.68 28.70
N PRO D 300 6.46 -32.93 28.14
CA PRO D 300 5.33 -33.29 27.28
C PRO D 300 3.98 -33.40 28.02
N VAL D 301 3.98 -33.93 29.27
CA VAL D 301 2.76 -34.05 30.09
C VAL D 301 2.17 -32.68 30.44
N VAL D 302 2.99 -31.77 31.00
CA VAL D 302 2.56 -30.42 31.37
C VAL D 302 2.07 -29.66 30.14
N PHE D 303 2.77 -29.79 29.01
CA PHE D 303 2.37 -29.14 27.75
C PHE D 303 1.01 -29.62 27.24
N LEU D 304 0.80 -30.96 27.27
CA LEU D 304 -0.43 -31.63 26.87
C LEU D 304 -1.60 -31.19 27.79
N LEU D 305 -1.40 -31.17 29.12
CA LEU D 305 -2.43 -30.76 30.08
C LEU D 305 -2.75 -29.27 29.94
N ALA D 306 -1.71 -28.41 29.82
CA ALA D 306 -1.85 -26.95 29.66
C ALA D 306 -2.70 -26.58 28.44
N ASN D 307 -2.55 -27.37 27.34
CA ASN D 307 -3.32 -27.19 26.11
C ASN D 307 -4.77 -27.61 26.29
N ILE D 308 -5.03 -28.68 27.07
CA ILE D 308 -6.38 -29.16 27.38
C ILE D 308 -7.08 -28.05 28.16
N ILE D 309 -6.40 -27.46 29.19
CA ILE D 309 -6.92 -26.34 30.00
C ILE D 309 -7.26 -25.12 29.10
N LEU D 310 -6.31 -24.68 28.23
CA LEU D 310 -6.51 -23.55 27.33
C LEU D 310 -7.71 -23.75 26.40
N ALA D 311 -7.72 -24.88 25.64
CA ALA D 311 -8.77 -25.25 24.69
C ALA D 311 -10.12 -25.32 25.39
N PHE D 312 -10.12 -25.79 26.66
CA PHE D 312 -11.33 -25.85 27.45
C PHE D 312 -11.82 -24.42 27.77
N LEU D 313 -10.90 -23.54 28.24
CA LEU D 313 -11.21 -22.14 28.58
C LEU D 313 -11.71 -21.37 27.39
N PHE D 314 -11.12 -21.57 26.20
CA PHE D 314 -11.52 -20.85 25.00
C PHE D 314 -12.75 -21.45 24.26
N PHE D 315 -12.99 -22.78 24.37
CA PHE D 315 -14.10 -23.45 23.66
C PHE D 315 -14.88 -24.37 24.62
N VAL E 5 -36.42 8.99 -23.73
CA VAL E 5 -35.89 7.75 -24.28
C VAL E 5 -36.46 6.52 -23.55
N SER E 6 -36.88 5.51 -24.33
CA SER E 6 -37.47 4.26 -23.86
C SER E 6 -37.00 3.10 -24.77
N PRO E 7 -37.16 1.80 -24.42
CA PRO E 7 -36.67 0.72 -25.30
C PRO E 7 -37.42 0.58 -26.63
N PRO E 8 -36.77 0.02 -27.70
CA PRO E 8 -37.48 -0.14 -28.99
C PRO E 8 -38.68 -1.08 -28.87
N PRO E 9 -39.80 -0.80 -29.57
CA PRO E 9 -40.97 -1.68 -29.44
C PRO E 9 -40.85 -2.97 -30.22
N PRO E 10 -41.38 -4.11 -29.70
CA PRO E 10 -41.27 -5.38 -30.43
C PRO E 10 -42.23 -5.46 -31.62
N ILE E 11 -41.72 -5.95 -32.76
CA ILE E 11 -42.52 -6.15 -33.97
C ILE E 11 -43.66 -7.17 -33.69
N ALA E 12 -43.30 -8.29 -33.04
CA ALA E 12 -44.23 -9.35 -32.62
C ALA E 12 -44.27 -9.33 -31.08
N ASP E 13 -43.64 -10.34 -30.44
CA ASP E 13 -43.53 -10.48 -28.99
C ASP E 13 -42.14 -11.09 -28.64
N GLU E 14 -41.15 -10.83 -29.52
CA GLU E 14 -39.78 -11.32 -29.42
C GLU E 14 -38.88 -10.46 -28.51
N PRO E 15 -37.90 -11.07 -27.79
CA PRO E 15 -37.01 -10.23 -26.96
C PRO E 15 -35.91 -9.55 -27.77
N LEU E 16 -35.44 -8.37 -27.30
CA LEU E 16 -34.37 -7.62 -27.95
C LEU E 16 -32.98 -8.29 -27.77
N THR E 17 -32.36 -8.69 -28.90
CA THR E 17 -31.04 -9.31 -28.89
C THR E 17 -29.96 -8.24 -29.06
N VAL E 18 -29.14 -8.06 -28.00
CA VAL E 18 -28.02 -7.15 -27.97
C VAL E 18 -26.74 -7.99 -28.21
N ASN E 19 -26.14 -7.83 -29.39
CA ASN E 19 -24.92 -8.52 -29.78
C ASN E 19 -23.72 -7.82 -29.14
N THR E 20 -22.94 -8.60 -28.39
CA THR E 20 -21.79 -8.13 -27.62
C THR E 20 -20.45 -8.58 -28.23
N GLY E 21 -19.38 -8.04 -27.66
CA GLY E 21 -18.01 -8.31 -28.06
C GLY E 21 -17.01 -7.53 -27.23
N ILE E 22 -16.06 -8.24 -26.61
CA ILE E 22 -15.01 -7.61 -25.81
C ILE E 22 -13.68 -7.84 -26.52
N TYR E 23 -12.91 -6.76 -26.76
CA TYR E 23 -11.58 -6.84 -27.37
C TYR E 23 -10.58 -6.28 -26.37
N LEU E 24 -9.76 -7.18 -25.73
CA LEU E 24 -8.77 -6.81 -24.73
C LEU E 24 -7.61 -6.03 -25.32
N ILE E 25 -7.40 -4.81 -24.82
CA ILE E 25 -6.32 -3.91 -25.22
C ILE E 25 -5.12 -4.11 -24.29
N GLU E 26 -5.34 -4.02 -22.97
CA GLU E 26 -4.30 -4.17 -21.96
C GLU E 26 -4.77 -5.06 -20.83
N CYS E 27 -3.91 -6.01 -20.46
CA CYS E 27 -4.16 -6.91 -19.35
C CYS E 27 -3.04 -6.71 -18.40
N TYR E 28 -3.35 -6.44 -17.13
CA TYR E 28 -2.35 -6.14 -16.12
C TYR E 28 -2.80 -6.49 -14.68
N SER E 29 -1.89 -6.29 -13.70
CA SER E 29 -2.04 -6.44 -12.25
C SER E 29 -2.87 -7.66 -11.75
N LEU E 30 -2.40 -8.90 -12.02
CA LEU E 30 -3.06 -10.08 -11.50
C LEU E 30 -2.58 -10.30 -10.06
N ASP E 31 -3.45 -10.00 -9.09
CA ASP E 31 -3.20 -10.18 -7.66
C ASP E 31 -3.61 -11.60 -7.28
N ASP E 32 -2.64 -12.39 -6.83
CA ASP E 32 -2.89 -13.79 -6.46
C ASP E 32 -3.59 -13.90 -5.11
N LYS E 33 -3.21 -13.03 -4.17
CA LYS E 33 -3.77 -12.98 -2.83
C LYS E 33 -5.25 -12.50 -2.89
N ALA E 34 -5.53 -11.46 -3.70
CA ALA E 34 -6.85 -10.83 -3.85
C ALA E 34 -7.73 -11.50 -4.89
N GLU E 35 -7.14 -12.39 -5.73
CA GLU E 35 -7.83 -13.10 -6.82
C GLU E 35 -8.56 -12.11 -7.79
N THR E 36 -7.86 -11.00 -8.11
CA THR E 36 -8.32 -9.92 -9.00
C THR E 36 -7.34 -9.72 -10.14
N PHE E 37 -7.76 -9.00 -11.18
CA PHE E 37 -6.98 -8.63 -12.37
C PHE E 37 -7.61 -7.41 -13.05
N LYS E 38 -6.77 -6.43 -13.42
CA LYS E 38 -7.23 -5.21 -14.07
C LYS E 38 -7.20 -5.39 -15.58
N VAL E 39 -8.27 -4.97 -16.26
CA VAL E 39 -8.41 -5.04 -17.70
C VAL E 39 -8.67 -3.64 -18.33
N ASN E 40 -8.26 -3.47 -19.58
CA ASN E 40 -8.48 -2.27 -20.39
C ASN E 40 -8.91 -2.85 -21.73
N ALA E 41 -10.17 -2.66 -22.10
CA ALA E 41 -10.71 -3.28 -23.31
C ALA E 41 -11.76 -2.45 -24.04
N PHE E 42 -12.15 -2.92 -25.24
CA PHE E 42 -13.21 -2.34 -26.05
C PHE E 42 -14.46 -3.17 -25.82
N LEU E 43 -15.62 -2.52 -25.78
CA LEU E 43 -16.93 -3.16 -25.62
C LEU E 43 -17.78 -2.71 -26.79
N SER E 44 -18.19 -3.68 -27.64
CA SER E 44 -19.03 -3.39 -28.79
C SER E 44 -20.41 -3.97 -28.57
N LEU E 45 -21.43 -3.13 -28.79
CA LEU E 45 -22.83 -3.50 -28.63
C LEU E 45 -23.58 -3.23 -29.94
N SER E 46 -24.57 -4.09 -30.27
CA SER E 46 -25.38 -3.97 -31.49
C SER E 46 -26.81 -4.48 -31.30
N TRP E 47 -27.79 -3.63 -31.52
CA TRP E 47 -29.22 -3.95 -31.40
C TRP E 47 -30.04 -3.24 -32.48
N LYS E 48 -31.25 -3.74 -32.77
CA LYS E 48 -32.15 -3.11 -33.76
C LYS E 48 -33.24 -2.24 -33.10
N ASP E 49 -33.25 -0.95 -33.51
CA ASP E 49 -34.22 0.05 -33.09
C ASP E 49 -34.88 0.62 -34.36
N ARG E 50 -36.11 0.16 -34.65
CA ARG E 50 -36.85 0.60 -35.84
C ARG E 50 -37.15 2.11 -35.84
N ARG E 51 -37.29 2.71 -34.65
CA ARG E 51 -37.53 4.15 -34.40
C ARG E 51 -36.41 5.05 -34.97
N LEU E 52 -35.23 4.48 -35.24
CA LEU E 52 -34.08 5.21 -35.76
C LEU E 52 -33.83 4.95 -37.25
N ALA E 53 -34.59 4.00 -37.86
CA ALA E 53 -34.47 3.64 -39.28
C ALA E 53 -34.72 4.82 -40.20
N PHE E 54 -34.07 4.83 -41.38
CA PHE E 54 -34.17 5.91 -42.38
C PHE E 54 -33.95 5.41 -43.82
N ASP E 55 -34.33 6.23 -44.82
CA ASP E 55 -34.15 5.91 -46.24
C ASP E 55 -32.73 6.32 -46.67
N PRO E 56 -31.92 5.39 -47.25
CA PRO E 56 -30.55 5.77 -47.63
C PRO E 56 -30.43 6.51 -48.97
N VAL E 57 -31.47 6.44 -49.83
CA VAL E 57 -31.52 7.09 -51.15
C VAL E 57 -31.75 8.62 -51.00
N ARG E 58 -32.82 9.02 -50.28
CA ARG E 58 -33.15 10.43 -50.07
C ARG E 58 -32.25 11.14 -49.03
N SER E 59 -31.86 10.43 -47.95
CA SER E 59 -31.01 11.00 -46.89
C SER E 59 -29.59 11.30 -47.39
N GLY E 60 -29.19 10.66 -48.50
CA GLY E 60 -27.87 10.83 -49.12
C GLY E 60 -26.77 10.13 -48.34
N VAL E 61 -26.94 10.06 -46.99
CA VAL E 61 -26.05 9.42 -46.02
C VAL E 61 -26.45 7.97 -45.79
N ARG E 62 -25.44 7.10 -45.66
CA ARG E 62 -25.58 5.67 -45.42
C ARG E 62 -25.58 5.39 -43.92
N VAL E 63 -24.81 6.18 -43.14
CA VAL E 63 -24.67 6.02 -41.68
C VAL E 63 -24.92 7.34 -40.94
N LYS E 64 -25.62 7.26 -39.79
CA LYS E 64 -25.95 8.40 -38.92
C LYS E 64 -25.31 8.23 -37.53
N THR E 65 -24.54 9.24 -37.08
CA THR E 65 -23.84 9.25 -35.79
C THR E 65 -24.65 10.00 -34.72
N TYR E 66 -24.87 9.38 -33.56
CA TYR E 66 -25.61 9.97 -32.44
C TYR E 66 -24.77 10.09 -31.16
N GLU E 67 -25.19 10.98 -30.26
CA GLU E 67 -24.59 11.17 -28.95
C GLU E 67 -25.25 10.16 -27.99
N PRO E 68 -24.59 9.73 -26.89
CA PRO E 68 -25.22 8.73 -25.99
C PRO E 68 -26.58 9.12 -25.40
N GLU E 69 -26.73 10.41 -25.03
CA GLU E 69 -27.95 10.98 -24.44
C GLU E 69 -29.10 11.12 -25.46
N ALA E 70 -28.75 11.23 -26.75
CA ALA E 70 -29.73 11.37 -27.83
C ALA E 70 -30.61 10.12 -28.01
N ILE E 71 -29.99 8.93 -28.09
CA ILE E 71 -30.70 7.66 -28.30
C ILE E 71 -30.68 6.74 -27.08
N TRP E 72 -31.58 5.73 -27.09
CA TRP E 72 -31.68 4.72 -26.04
C TRP E 72 -30.54 3.71 -26.18
N ILE E 73 -29.80 3.47 -25.08
CA ILE E 73 -28.69 2.52 -25.01
C ILE E 73 -28.95 1.49 -23.88
N PRO E 74 -28.85 0.16 -24.15
CA PRO E 74 -29.14 -0.83 -23.10
C PRO E 74 -28.17 -0.81 -21.93
N GLU E 75 -28.70 -0.98 -20.71
CA GLU E 75 -27.88 -0.98 -19.49
C GLU E 75 -27.12 -2.31 -19.32
N ILE E 76 -25.90 -2.36 -19.87
CA ILE E 76 -24.99 -3.50 -19.83
C ILE E 76 -24.04 -3.29 -18.66
N ARG E 77 -23.98 -4.27 -17.75
CA ARG E 77 -23.12 -4.21 -16.56
C ARG E 77 -22.28 -5.47 -16.46
N PHE E 78 -21.26 -5.45 -15.58
CA PHE E 78 -20.39 -6.60 -15.34
C PHE E 78 -20.73 -7.14 -13.95
N VAL E 79 -20.85 -8.47 -13.83
CA VAL E 79 -21.19 -9.10 -12.54
C VAL E 79 -20.03 -9.05 -11.55
N ASN E 80 -18.88 -9.63 -11.93
CA ASN E 80 -17.69 -9.79 -11.09
C ASN E 80 -16.71 -8.61 -11.14
N VAL E 81 -17.20 -7.39 -10.87
CA VAL E 81 -16.33 -6.21 -10.81
C VAL E 81 -16.32 -5.60 -9.42
N GLU E 82 -15.20 -4.95 -9.06
CA GLU E 82 -15.02 -4.27 -7.78
C GLU E 82 -15.97 -3.04 -7.74
N ASN E 83 -15.74 -2.09 -8.66
CA ASN E 83 -16.57 -0.89 -8.83
C ASN E 83 -16.97 -0.79 -10.31
N ALA E 84 -17.89 0.13 -10.62
CA ALA E 84 -18.38 0.37 -11.98
C ALA E 84 -17.24 0.74 -12.91
N ARG E 85 -17.19 0.09 -14.09
CA ARG E 85 -16.18 0.30 -15.13
C ARG E 85 -16.02 1.75 -15.61
N ASP E 86 -14.78 2.16 -15.87
CA ASP E 86 -14.49 3.51 -16.35
C ASP E 86 -14.65 3.49 -17.85
N ALA E 87 -15.91 3.68 -18.30
CA ALA E 87 -16.32 3.68 -19.70
C ALA E 87 -16.18 5.05 -20.33
N ASP E 88 -15.84 5.05 -21.63
CA ASP E 88 -15.66 6.23 -22.48
C ASP E 88 -16.15 5.83 -23.87
N VAL E 89 -17.26 6.44 -24.33
CA VAL E 89 -17.87 6.10 -25.63
C VAL E 89 -16.97 6.56 -26.78
N VAL E 90 -16.63 5.61 -27.67
CA VAL E 90 -15.78 5.79 -28.84
C VAL E 90 -16.64 6.22 -30.03
N ASP E 91 -17.74 5.46 -30.31
CA ASP E 91 -18.62 5.71 -31.45
C ASP E 91 -19.98 5.00 -31.35
N ILE E 92 -21.04 5.72 -31.78
CA ILE E 92 -22.43 5.24 -31.93
C ILE E 92 -22.78 5.53 -33.38
N SER E 93 -23.11 4.47 -34.17
CA SER E 93 -23.43 4.55 -35.60
C SER E 93 -24.71 3.78 -35.95
N VAL E 94 -25.67 4.44 -36.64
CA VAL E 94 -26.93 3.83 -37.05
C VAL E 94 -26.97 3.55 -38.56
N SER E 95 -27.43 2.34 -38.92
CA SER E 95 -27.60 1.86 -40.29
C SER E 95 -29.03 2.23 -40.81
N PRO E 96 -29.30 2.20 -42.15
CA PRO E 96 -30.64 2.55 -42.64
C PRO E 96 -31.80 1.77 -42.00
N ASP E 97 -31.60 0.46 -41.73
CA ASP E 97 -32.67 -0.38 -41.15
C ASP E 97 -32.91 -0.14 -39.64
N GLY E 98 -32.00 0.57 -38.99
CA GLY E 98 -32.09 0.92 -37.57
C GLY E 98 -31.21 0.10 -36.66
N THR E 99 -30.16 -0.53 -37.21
CA THR E 99 -29.24 -1.33 -36.42
C THR E 99 -28.14 -0.43 -35.87
N VAL E 100 -28.12 -0.28 -34.54
CA VAL E 100 -27.18 0.58 -33.81
C VAL E 100 -25.88 -0.15 -33.54
N GLN E 101 -24.73 0.54 -33.76
CA GLN E 101 -23.41 0.00 -33.52
C GLN E 101 -22.64 0.87 -32.52
N TYR E 102 -22.69 0.42 -31.25
CA TYR E 102 -22.09 1.06 -30.09
C TYR E 102 -20.70 0.53 -29.86
N LEU E 103 -19.79 1.41 -29.45
CA LEU E 103 -18.41 1.09 -29.10
C LEU E 103 -17.92 2.01 -28.01
N GLU E 104 -17.35 1.40 -26.96
CA GLU E 104 -16.80 2.08 -25.80
C GLU E 104 -15.52 1.42 -25.35
N ARG E 105 -14.61 2.19 -24.78
CA ARG E 105 -13.36 1.67 -24.26
C ARG E 105 -13.42 1.81 -22.74
N PHE E 106 -13.33 0.68 -22.03
CA PHE E 106 -13.46 0.64 -20.57
C PHE E 106 -12.23 0.11 -19.87
N SER E 107 -12.25 0.20 -18.55
CA SER E 107 -11.23 -0.31 -17.65
C SER E 107 -11.88 -0.69 -16.33
N ALA E 108 -11.74 -1.96 -15.91
CA ALA E 108 -12.30 -2.45 -14.65
C ALA E 108 -11.41 -3.50 -13.94
N ARG E 109 -11.49 -3.58 -12.59
CA ARG E 109 -10.81 -4.60 -11.77
C ARG E 109 -11.82 -5.76 -11.59
N VAL E 110 -11.51 -6.91 -12.19
CA VAL E 110 -12.35 -8.10 -12.22
C VAL E 110 -12.01 -9.10 -11.08
N LEU E 111 -13.04 -9.62 -10.41
CA LEU E 111 -12.96 -10.61 -9.32
C LEU E 111 -13.13 -12.04 -9.89
N SER E 112 -12.02 -12.70 -10.18
CA SER E 112 -12.07 -14.05 -10.72
C SER E 112 -11.28 -15.00 -9.82
N PRO E 113 -11.96 -15.96 -9.13
CA PRO E 113 -11.25 -16.87 -8.22
C PRO E 113 -10.21 -17.76 -8.89
N LEU E 114 -9.11 -18.04 -8.16
CA LEU E 114 -8.00 -18.84 -8.67
C LEU E 114 -7.85 -20.19 -7.95
N ASP E 115 -7.31 -21.23 -8.65
CA ASP E 115 -7.06 -22.58 -8.11
C ASP E 115 -5.54 -22.81 -7.94
N PHE E 116 -5.06 -22.79 -6.69
CA PHE E 116 -3.64 -22.90 -6.44
C PHE E 116 -3.15 -24.32 -6.15
N ARG E 117 -4.00 -25.34 -6.39
CA ARG E 117 -3.63 -26.74 -6.13
C ARG E 117 -2.35 -27.18 -6.83
N ARG E 118 -2.11 -26.74 -8.06
CA ARG E 118 -0.90 -27.13 -8.77
C ARG E 118 0.21 -26.05 -8.78
N TYR E 119 0.06 -24.97 -7.98
CA TYR E 119 1.01 -23.84 -7.86
C TYR E 119 2.48 -24.30 -7.62
N PRO E 120 3.50 -23.73 -8.34
CA PRO E 120 3.40 -22.70 -9.39
C PRO E 120 3.31 -23.26 -10.82
N PHE E 121 2.83 -24.51 -10.95
CA PHE E 121 2.65 -25.21 -12.23
C PHE E 121 1.14 -25.29 -12.56
N ASP E 122 0.42 -24.20 -12.27
CA ASP E 122 -1.04 -24.07 -12.44
C ASP E 122 -1.42 -23.23 -13.65
N SER E 123 -2.63 -23.48 -14.15
CA SER E 123 -3.29 -22.76 -15.22
C SER E 123 -4.63 -22.26 -14.69
N GLN E 124 -5.05 -21.07 -15.13
CA GLN E 124 -6.30 -20.45 -14.68
C GLN E 124 -7.20 -20.11 -15.85
N THR E 125 -8.51 -20.00 -15.58
CA THR E 125 -9.55 -19.57 -16.53
C THR E 125 -10.21 -18.35 -15.88
N LEU E 126 -9.75 -17.16 -16.25
CA LEU E 126 -10.32 -15.92 -15.72
C LEU E 126 -11.68 -15.63 -16.39
N HIS E 127 -12.63 -15.09 -15.61
CA HIS E 127 -13.97 -14.81 -16.14
C HIS E 127 -14.34 -13.34 -16.14
N ILE E 128 -15.12 -12.94 -17.13
CA ILE E 128 -15.69 -11.60 -17.28
C ILE E 128 -17.17 -11.87 -17.57
N TYR E 129 -18.04 -11.45 -16.66
CA TYR E 129 -19.46 -11.70 -16.82
C TYR E 129 -20.29 -10.49 -17.21
N LEU E 130 -20.74 -10.45 -18.47
CA LEU E 130 -21.60 -9.39 -18.98
C LEU E 130 -23.05 -9.72 -18.58
N ILE E 131 -23.80 -8.72 -18.13
CA ILE E 131 -25.19 -8.93 -17.71
C ILE E 131 -26.10 -7.78 -18.16
N VAL E 132 -27.38 -8.10 -18.45
CA VAL E 132 -28.41 -7.12 -18.82
C VAL E 132 -29.75 -7.49 -18.13
N ARG E 133 -30.35 -6.49 -17.47
CA ARG E 133 -31.62 -6.67 -16.78
C ARG E 133 -32.75 -6.23 -17.72
N SER E 134 -33.74 -7.11 -17.91
CA SER E 134 -34.91 -6.87 -18.74
C SER E 134 -35.79 -5.77 -18.17
N VAL E 135 -36.32 -4.92 -19.05
CA VAL E 135 -37.23 -3.81 -18.69
C VAL E 135 -38.69 -4.30 -18.68
N ASP E 136 -39.59 -3.48 -18.08
CA ASP E 136 -41.01 -3.81 -17.97
C ASP E 136 -41.73 -3.92 -19.33
N THR E 137 -41.30 -3.10 -20.30
CA THR E 137 -41.85 -3.07 -21.65
C THR E 137 -41.52 -4.36 -22.42
N ARG E 138 -40.22 -4.70 -22.56
CA ARG E 138 -39.78 -5.93 -23.23
C ARG E 138 -38.50 -6.52 -22.61
N ASN E 139 -38.24 -7.82 -22.88
CA ASN E 139 -37.09 -8.54 -22.37
C ASN E 139 -35.84 -8.38 -23.23
N ILE E 140 -34.67 -8.35 -22.59
CA ILE E 140 -33.39 -8.18 -23.27
C ILE E 140 -32.53 -9.44 -23.10
N VAL E 141 -32.06 -9.99 -24.23
CA VAL E 141 -31.24 -11.20 -24.31
C VAL E 141 -29.90 -10.84 -24.99
N LEU E 142 -28.78 -11.31 -24.41
CA LEU E 142 -27.43 -11.08 -24.93
C LEU E 142 -27.02 -12.15 -25.95
N ALA E 143 -26.13 -11.76 -26.86
CA ALA E 143 -25.59 -12.66 -27.88
C ALA E 143 -24.13 -12.31 -28.11
N VAL E 144 -23.35 -13.27 -28.62
CA VAL E 144 -21.93 -13.06 -28.87
C VAL E 144 -21.70 -12.84 -30.37
N ASP E 145 -21.04 -11.72 -30.71
CA ASP E 145 -20.63 -11.42 -32.09
C ASP E 145 -19.15 -11.79 -32.13
N LEU E 146 -18.86 -13.04 -32.53
CA LEU E 146 -17.50 -13.61 -32.56
C LEU E 146 -16.50 -12.82 -33.42
N GLU E 147 -17.01 -11.98 -34.33
CA GLU E 147 -16.21 -11.11 -35.19
C GLU E 147 -15.60 -9.94 -34.40
N LYS E 148 -16.25 -9.55 -33.28
CA LYS E 148 -15.83 -8.43 -32.44
C LYS E 148 -15.30 -8.84 -31.04
N VAL E 149 -14.92 -10.14 -30.89
CA VAL E 149 -14.32 -10.71 -29.67
C VAL E 149 -12.86 -11.07 -29.99
N GLY E 150 -11.93 -10.54 -29.21
CA GLY E 150 -10.51 -10.80 -29.39
C GLY E 150 -9.63 -10.16 -28.34
N LYS E 151 -8.34 -10.07 -28.67
CA LYS E 151 -7.27 -9.49 -27.84
C LYS E 151 -6.11 -9.14 -28.77
N ASN E 152 -5.38 -8.04 -28.51
CA ASN E 152 -4.27 -7.73 -29.41
C ASN E 152 -3.03 -8.58 -29.04
N ASP E 153 -2.06 -8.63 -29.96
CA ASP E 153 -0.83 -9.42 -29.86
C ASP E 153 0.12 -8.96 -28.74
N ASP E 154 0.16 -7.65 -28.46
CA ASP E 154 1.02 -7.05 -27.42
C ASP E 154 0.51 -7.26 -25.98
N VAL E 155 -0.70 -7.88 -25.79
CA VAL E 155 -1.29 -8.14 -24.47
C VAL E 155 -0.37 -9.08 -23.71
N PHE E 156 0.24 -8.56 -22.63
CA PHE E 156 1.16 -9.29 -21.79
C PHE E 156 0.71 -9.20 -20.33
N LEU E 157 0.74 -10.32 -19.65
CA LEU E 157 0.40 -10.38 -18.24
C LEU E 157 1.67 -10.90 -17.56
N THR E 158 2.31 -10.05 -16.73
CA THR E 158 3.58 -10.36 -16.06
C THR E 158 3.50 -11.67 -15.29
N GLY E 159 4.41 -12.59 -15.62
CA GLY E 159 4.49 -13.90 -14.97
C GLY E 159 3.50 -14.94 -15.45
N TRP E 160 2.73 -14.59 -16.50
CA TRP E 160 1.72 -15.47 -17.08
C TRP E 160 1.77 -15.55 -18.60
N ASP E 161 1.37 -16.70 -19.15
CA ASP E 161 1.27 -16.94 -20.58
C ASP E 161 -0.20 -16.90 -20.93
N ILE E 162 -0.59 -15.97 -21.80
CA ILE E 162 -2.00 -15.82 -22.19
C ILE E 162 -2.31 -16.81 -23.31
N GLU E 163 -3.12 -17.83 -22.99
CA GLU E 163 -3.52 -18.86 -23.96
C GLU E 163 -4.57 -18.40 -24.94
N SER E 164 -5.80 -18.13 -24.45
CA SER E 164 -6.93 -17.72 -25.30
C SER E 164 -7.92 -16.79 -24.63
N PHE E 165 -8.71 -16.11 -25.46
CA PHE E 165 -9.81 -15.28 -25.01
C PHE E 165 -11.00 -15.66 -25.85
N THR E 166 -11.94 -16.41 -25.25
CA THR E 166 -13.15 -16.90 -25.89
C THR E 166 -14.36 -16.51 -25.07
N ALA E 167 -15.56 -16.69 -25.66
CA ALA E 167 -16.83 -16.39 -25.02
C ALA E 167 -17.80 -17.55 -25.18
N VAL E 168 -18.53 -17.89 -24.11
CA VAL E 168 -19.56 -18.93 -24.12
C VAL E 168 -20.78 -18.29 -24.81
N VAL E 169 -20.96 -18.63 -26.10
CA VAL E 169 -21.96 -18.11 -27.05
C VAL E 169 -23.41 -18.17 -26.53
N LYS E 170 -23.78 -19.27 -25.81
CA LYS E 170 -25.13 -19.43 -25.23
C LYS E 170 -25.21 -18.68 -23.87
N PRO E 171 -26.06 -17.62 -23.77
CA PRO E 171 -26.16 -16.89 -22.50
C PRO E 171 -27.00 -17.62 -21.45
N ALA E 172 -26.75 -17.33 -20.17
CA ALA E 172 -27.48 -17.91 -19.06
C ALA E 172 -28.64 -16.98 -18.73
N ASN E 173 -29.85 -17.34 -19.19
CA ASN E 173 -31.07 -16.55 -18.95
C ASN E 173 -31.77 -17.07 -17.68
N PHE E 174 -31.90 -16.19 -16.67
CA PHE E 174 -32.45 -16.51 -15.35
C PHE E 174 -33.22 -15.36 -14.72
N ALA E 175 -34.12 -15.70 -13.78
CA ALA E 175 -34.93 -14.73 -13.06
C ALA E 175 -34.23 -14.26 -11.79
N LEU E 176 -34.19 -12.94 -11.60
CA LEU E 176 -33.59 -12.30 -10.43
C LEU E 176 -34.43 -11.09 -10.00
N GLU E 177 -35.02 -11.20 -8.79
CA GLU E 177 -35.90 -10.21 -8.15
C GLU E 177 -37.10 -9.86 -9.04
N ASP E 178 -37.84 -10.91 -9.46
CA ASP E 178 -39.04 -10.90 -10.30
C ASP E 178 -38.83 -10.35 -11.74
N ARG E 179 -37.57 -10.23 -12.20
CA ARG E 179 -37.22 -9.77 -13.55
C ARG E 179 -36.20 -10.68 -14.21
N LEU E 180 -36.29 -10.82 -15.55
CA LEU E 180 -35.39 -11.66 -16.33
C LEU E 180 -34.01 -11.02 -16.48
N GLU E 181 -32.99 -11.88 -16.56
CA GLU E 181 -31.61 -11.46 -16.71
C GLU E 181 -30.88 -12.34 -17.69
N SER E 182 -30.02 -11.72 -18.52
CA SER E 182 -29.21 -12.42 -19.51
C SER E 182 -27.74 -12.23 -19.15
N LYS E 183 -27.02 -13.33 -18.90
CA LYS E 183 -25.61 -13.33 -18.50
C LYS E 183 -24.72 -14.02 -19.52
N LEU E 184 -23.57 -13.39 -19.85
CA LEU E 184 -22.56 -13.95 -20.77
C LEU E 184 -21.25 -14.24 -20.07
N ASP E 185 -20.50 -15.27 -20.53
CA ASP E 185 -19.23 -15.65 -19.93
C ASP E 185 -18.04 -15.50 -20.86
N TYR E 186 -17.18 -14.51 -20.56
CA TYR E 186 -15.96 -14.27 -21.31
C TYR E 186 -14.82 -14.91 -20.53
N GLN E 187 -14.24 -15.97 -21.09
CA GLN E 187 -13.17 -16.72 -20.46
C GLN E 187 -11.79 -16.39 -21.03
N LEU E 188 -10.85 -16.04 -20.14
CA LEU E 188 -9.46 -15.75 -20.51
C LEU E 188 -8.56 -16.81 -19.87
N ARG E 189 -8.05 -17.73 -20.69
CA ARG E 189 -7.19 -18.80 -20.22
C ARG E 189 -5.73 -18.38 -20.18
N ILE E 190 -5.10 -18.60 -19.03
CA ILE E 190 -3.72 -18.26 -18.74
C ILE E 190 -3.02 -19.43 -18.03
N SER E 191 -1.69 -19.47 -18.10
CA SER E 191 -0.86 -20.48 -17.45
C SER E 191 0.38 -19.78 -16.87
N ARG E 192 0.76 -20.17 -15.66
CA ARG E 192 1.87 -19.56 -14.96
C ARG E 192 3.22 -19.86 -15.54
N GLN E 193 4.10 -18.85 -15.51
CA GLN E 193 5.51 -18.95 -15.89
C GLN E 193 6.27 -19.34 -14.61
N TYR E 194 6.51 -20.67 -14.45
CA TYR E 194 7.15 -21.27 -13.28
C TYR E 194 8.70 -21.22 -13.28
N PHE E 195 9.30 -20.69 -14.37
CA PHE E 195 10.76 -20.61 -14.52
C PHE E 195 11.46 -19.98 -13.34
N SER E 196 11.00 -18.81 -12.86
CA SER E 196 11.63 -18.07 -11.76
C SER E 196 11.62 -18.83 -10.42
N TYR E 197 10.61 -19.70 -10.21
CA TYR E 197 10.46 -20.50 -8.99
C TYR E 197 11.57 -21.52 -8.76
N ILE E 198 12.13 -22.05 -9.86
CA ILE E 198 13.19 -23.05 -9.82
C ILE E 198 14.49 -22.48 -9.21
N PRO E 199 15.16 -21.43 -9.79
CA PRO E 199 16.40 -20.94 -9.16
C PRO E 199 16.24 -20.07 -7.90
N ASN E 200 15.02 -19.56 -7.65
CA ASN E 200 14.77 -18.69 -6.51
C ASN E 200 14.20 -19.36 -5.27
N ILE E 201 13.37 -20.43 -5.45
CA ILE E 201 12.73 -21.10 -4.32
C ILE E 201 13.06 -22.59 -4.26
N ILE E 202 12.71 -23.37 -5.29
CA ILE E 202 12.89 -24.83 -5.37
C ILE E 202 14.36 -25.29 -5.16
N LEU E 203 15.28 -24.87 -6.03
CA LEU E 203 16.70 -25.27 -5.93
C LEU E 203 17.38 -24.75 -4.65
N PRO E 204 17.27 -23.46 -4.20
CA PRO E 204 17.91 -23.09 -2.92
C PRO E 204 17.34 -23.87 -1.73
N MET E 205 16.03 -24.20 -1.76
CA MET E 205 15.35 -24.97 -0.73
C MET E 205 15.84 -26.40 -0.71
N LEU E 206 16.27 -26.95 -1.86
CA LEU E 206 16.80 -28.32 -1.91
C LEU E 206 18.23 -28.39 -1.43
N PHE E 207 19.07 -27.38 -1.79
CA PHE E 207 20.46 -27.28 -1.36
C PHE E 207 20.57 -27.26 0.16
N ILE E 208 19.70 -26.44 0.85
CA ILE E 208 19.71 -26.36 2.33
C ILE E 208 19.30 -27.69 2.96
N LEU E 209 18.42 -28.46 2.30
CA LEU E 209 18.01 -29.79 2.77
C LEU E 209 19.18 -30.81 2.65
N PHE E 210 19.88 -30.82 1.49
CA PHE E 210 21.01 -31.73 1.26
C PHE E 210 22.17 -31.40 2.17
N ILE E 211 22.37 -30.10 2.48
CA ILE E 211 23.40 -29.62 3.41
C ILE E 211 23.11 -30.18 4.81
N SER E 212 21.83 -30.26 5.20
CA SER E 212 21.45 -30.84 6.50
C SER E 212 21.78 -32.34 6.57
N TRP E 213 21.70 -33.05 5.41
CA TRP E 213 21.99 -34.48 5.29
C TRP E 213 23.50 -34.82 5.36
N THR E 214 24.38 -33.80 5.39
CA THR E 214 25.82 -34.05 5.53
C THR E 214 26.12 -34.43 6.99
N ALA E 215 25.09 -34.42 7.87
CA ALA E 215 25.20 -34.78 9.27
C ALA E 215 25.23 -36.31 9.43
N PHE E 216 24.93 -37.05 8.33
CA PHE E 216 25.01 -38.53 8.31
C PHE E 216 26.47 -39.02 8.08
N TRP E 217 27.39 -38.07 7.76
CA TRP E 217 28.80 -38.32 7.50
C TRP E 217 29.67 -37.61 8.55
N SER E 218 29.06 -37.31 9.71
CA SER E 218 29.69 -36.64 10.85
C SER E 218 29.29 -37.30 12.18
N THR E 219 30.25 -37.34 13.12
CA THR E 219 30.10 -37.91 14.47
C THR E 219 30.04 -36.80 15.54
N SER E 220 30.29 -35.55 15.10
CA SER E 220 30.30 -34.36 15.93
C SER E 220 28.87 -33.86 16.14
N TYR E 221 28.28 -34.21 17.31
CA TYR E 221 26.90 -33.84 17.67
C TYR E 221 26.70 -32.33 17.72
N GLU E 222 27.69 -31.60 18.24
CA GLU E 222 27.66 -30.13 18.33
C GLU E 222 27.61 -29.47 16.92
N ALA E 223 28.30 -30.09 15.93
CA ALA E 223 28.32 -29.65 14.52
C ALA E 223 27.05 -30.10 13.78
N ASN E 224 26.51 -31.29 14.16
CA ASN E 224 25.28 -31.87 13.61
C ASN E 224 24.06 -31.06 14.04
N VAL E 225 24.06 -30.57 15.30
CA VAL E 225 22.99 -29.74 15.83
C VAL E 225 22.96 -28.44 15.03
N THR E 226 24.16 -27.80 14.85
CA THR E 226 24.33 -26.58 14.06
C THR E 226 23.84 -26.80 12.61
N LEU E 227 24.23 -27.94 12.01
CA LEU E 227 23.83 -28.30 10.64
C LEU E 227 22.32 -28.47 10.46
N VAL E 228 21.66 -29.32 11.27
CA VAL E 228 20.23 -29.60 11.10
C VAL E 228 19.36 -28.41 11.59
N VAL E 229 19.76 -27.76 12.70
CA VAL E 229 19.01 -26.63 13.24
C VAL E 229 19.08 -25.40 12.33
N SER E 230 20.29 -24.96 11.95
CA SER E 230 20.47 -23.78 11.09
C SER E 230 19.76 -23.88 9.74
N THR E 231 19.84 -25.07 9.08
CA THR E 231 19.18 -25.34 7.79
C THR E 231 17.67 -25.36 7.93
N LEU E 232 17.13 -25.79 9.10
CA LEU E 232 15.69 -25.78 9.35
C LEU E 232 15.19 -24.34 9.42
N ILE E 233 15.97 -23.44 10.04
CA ILE E 233 15.67 -22.01 10.16
C ILE E 233 15.56 -21.37 8.76
N ALA E 234 16.47 -21.78 7.82
CA ALA E 234 16.46 -21.33 6.43
C ALA E 234 15.22 -21.83 5.71
N HIS E 235 14.75 -23.04 6.03
CA HIS E 235 13.56 -23.64 5.45
C HIS E 235 12.30 -22.91 5.91
N ILE E 236 12.28 -22.46 7.19
CA ILE E 236 11.17 -21.68 7.76
C ILE E 236 11.05 -20.37 6.96
N ALA E 237 12.22 -19.69 6.68
CA ALA E 237 12.29 -18.46 5.87
C ALA E 237 11.69 -18.67 4.47
N PHE E 238 11.95 -19.86 3.86
CA PHE E 238 11.41 -20.24 2.55
C PHE E 238 9.91 -20.52 2.62
N ASN E 239 9.45 -21.20 3.72
CA ASN E 239 8.02 -21.44 3.95
C ASN E 239 7.27 -20.11 4.07
N ILE E 240 7.85 -19.11 4.81
CA ILE E 240 7.25 -17.78 5.02
C ILE E 240 7.20 -17.00 3.72
N LEU E 241 8.33 -16.96 2.97
CA LEU E 241 8.45 -16.26 1.68
C LEU E 241 7.39 -16.75 0.69
N VAL E 242 7.10 -18.06 0.71
CA VAL E 242 6.10 -18.68 -0.16
C VAL E 242 4.67 -18.29 0.27
N GLU E 243 4.30 -18.45 1.56
CA GLU E 243 2.95 -18.17 2.04
C GLU E 243 2.56 -16.67 1.97
N THR E 244 3.55 -15.77 1.70
CA THR E 244 3.28 -14.33 1.51
C THR E 244 2.80 -14.03 0.08
N ASN E 245 3.23 -14.81 -0.94
CA ASN E 245 2.83 -14.66 -2.35
C ASN E 245 1.51 -15.43 -2.67
N LEU E 246 0.89 -16.06 -1.66
CA LEU E 246 -0.32 -16.88 -1.80
C LEU E 246 -1.40 -16.58 -0.77
N PRO E 247 -2.71 -16.72 -1.15
CA PRO E 247 -3.78 -16.53 -0.16
C PRO E 247 -4.06 -17.81 0.63
N LYS E 248 -4.74 -17.65 1.77
CA LYS E 248 -5.08 -18.76 2.66
C LYS E 248 -6.16 -19.61 2.01
N THR E 249 -5.72 -20.75 1.49
CA THR E 249 -6.54 -21.74 0.80
C THR E 249 -7.06 -22.85 1.75
N PRO E 250 -8.32 -23.30 1.57
CA PRO E 250 -8.84 -24.39 2.42
C PRO E 250 -8.43 -25.81 1.91
N TYR E 251 -7.49 -25.85 0.94
CA TYR E 251 -6.95 -27.04 0.31
C TYR E 251 -5.44 -27.01 0.36
N MET E 252 -4.80 -28.17 0.12
CA MET E 252 -3.35 -28.27 0.11
C MET E 252 -2.84 -27.94 -1.29
N THR E 253 -1.86 -27.02 -1.38
CA THR E 253 -1.22 -26.66 -2.64
C THR E 253 -0.05 -27.63 -2.88
N TYR E 254 0.45 -27.67 -4.13
CA TYR E 254 1.56 -28.57 -4.46
C TYR E 254 2.86 -28.20 -3.73
N THR E 255 3.19 -26.89 -3.69
CA THR E 255 4.36 -26.33 -3.02
C THR E 255 4.18 -26.46 -1.52
N GLY E 256 2.96 -26.20 -1.05
CA GLY E 256 2.59 -26.31 0.36
C GLY E 256 2.79 -27.69 0.92
N ALA E 257 2.50 -28.71 0.09
CA ALA E 257 2.68 -30.13 0.39
C ALA E 257 4.16 -30.48 0.54
N ILE E 258 4.98 -30.10 -0.45
CA ILE E 258 6.43 -30.31 -0.48
C ILE E 258 7.09 -29.63 0.71
N ILE E 259 6.80 -28.31 0.93
CA ILE E 259 7.33 -27.54 2.03
C ILE E 259 7.02 -28.22 3.37
N PHE E 260 5.75 -28.65 3.57
CA PHE E 260 5.32 -29.31 4.81
C PHE E 260 6.00 -30.65 5.02
N MET E 261 6.17 -31.42 3.93
CA MET E 261 6.80 -32.74 3.94
C MET E 261 8.28 -32.64 4.38
N ILE E 262 8.98 -31.58 3.91
CA ILE E 262 10.39 -31.31 4.24
C ILE E 262 10.55 -31.08 5.76
N TYR E 263 9.53 -30.49 6.43
CA TYR E 263 9.52 -30.25 7.88
C TYR E 263 9.70 -31.56 8.63
N LEU E 264 9.12 -32.67 8.11
CA LEU E 264 9.22 -34.00 8.70
C LEU E 264 10.64 -34.58 8.56
N PHE E 265 11.28 -34.37 7.39
CA PHE E 265 12.65 -34.82 7.14
C PHE E 265 13.63 -34.19 8.10
N TYR E 266 13.43 -32.89 8.42
CA TYR E 266 14.27 -32.17 9.39
C TYR E 266 14.03 -32.72 10.80
N PHE E 267 12.75 -33.07 11.08
CA PHE E 267 12.36 -33.63 12.37
C PHE E 267 12.96 -35.01 12.59
N VAL E 268 12.95 -35.87 11.55
CA VAL E 268 13.53 -37.21 11.62
C VAL E 268 15.07 -37.15 11.67
N ALA E 269 15.68 -36.18 10.93
CA ALA E 269 17.12 -35.95 10.95
C ALA E 269 17.58 -35.53 12.34
N VAL E 270 16.76 -34.71 13.07
CA VAL E 270 17.04 -34.31 14.47
C VAL E 270 17.01 -35.55 15.38
N ILE E 271 15.99 -36.44 15.20
CA ILE E 271 15.88 -37.68 15.97
C ILE E 271 17.13 -38.55 15.74
N GLU E 272 17.55 -38.74 14.45
CA GLU E 272 18.72 -39.55 14.09
C GLU E 272 19.99 -38.99 14.73
N VAL E 273 20.16 -37.65 14.66
CA VAL E 273 21.32 -36.92 15.22
C VAL E 273 21.38 -37.11 16.78
N THR E 274 20.19 -37.15 17.44
CA THR E 274 20.09 -37.37 18.88
C THR E 274 20.38 -38.84 19.22
N VAL E 275 19.82 -39.80 18.43
CA VAL E 275 20.00 -41.24 18.60
C VAL E 275 21.49 -41.61 18.53
N GLN E 276 22.19 -41.13 17.46
CA GLN E 276 23.62 -41.33 17.23
C GLN E 276 24.41 -40.87 18.47
N HIS E 277 24.12 -39.68 19.01
CA HIS E 277 24.79 -39.16 20.19
C HIS E 277 24.48 -39.96 21.44
N TYR E 278 23.19 -40.27 21.71
CA TYR E 278 22.81 -41.04 22.90
C TYR E 278 23.51 -42.41 22.95
N LEU E 279 23.62 -43.08 21.77
CA LEU E 279 24.30 -44.37 21.64
C LEU E 279 25.82 -44.26 21.82
N LYS E 280 26.42 -43.16 21.34
CA LYS E 280 27.86 -42.87 21.47
C LYS E 280 28.23 -42.70 22.94
N VAL E 281 27.45 -41.89 23.68
CA VAL E 281 27.63 -41.63 25.11
C VAL E 281 27.41 -42.94 25.92
N GLU E 282 26.40 -43.76 25.49
CA GLU E 282 26.06 -45.06 26.10
C GLU E 282 27.12 -46.17 25.79
N SER E 283 28.24 -45.76 25.16
CA SER E 283 29.40 -46.57 24.79
C SER E 283 29.05 -47.73 23.86
N GLN E 284 28.14 -47.50 22.91
CA GLN E 284 27.80 -48.49 21.88
C GLN E 284 27.77 -47.83 20.49
N PRO E 285 28.97 -47.38 19.99
CA PRO E 285 29.01 -46.70 18.68
C PRO E 285 28.88 -47.63 17.48
N ALA E 286 28.68 -48.94 17.72
CA ALA E 286 28.47 -49.92 16.66
C ALA E 286 27.04 -49.81 16.14
N ARG E 287 26.06 -49.52 17.05
CA ARG E 287 24.62 -49.35 16.74
C ARG E 287 24.45 -47.98 16.11
N ALA E 288 25.13 -46.97 16.69
CA ALA E 288 25.13 -45.58 16.24
C ALA E 288 25.65 -45.50 14.80
N ALA E 289 26.69 -46.29 14.47
CA ALA E 289 27.26 -46.31 13.13
C ALA E 289 26.32 -46.93 12.10
N SER E 290 25.63 -48.05 12.45
CA SER E 290 24.70 -48.75 11.55
C SER E 290 23.45 -47.94 11.24
N ILE E 291 22.93 -47.19 12.23
CA ILE E 291 21.79 -46.28 12.09
C ILE E 291 22.19 -45.13 11.14
N THR E 292 23.38 -44.54 11.38
CA THR E 292 23.93 -43.42 10.61
C THR E 292 24.21 -43.85 9.16
N ARG E 293 24.73 -45.08 8.98
CA ARG E 293 25.02 -45.64 7.64
C ARG E 293 23.73 -45.92 6.85
N ALA E 294 22.65 -46.34 7.55
CA ALA E 294 21.36 -46.63 6.94
C ALA E 294 20.66 -45.33 6.49
N SER E 295 20.72 -44.29 7.33
CA SER E 295 20.12 -42.96 7.10
C SER E 295 20.71 -42.27 5.87
N ARG E 296 21.97 -42.64 5.51
CA ARG E 296 22.69 -42.14 4.33
C ARG E 296 21.97 -42.53 3.02
N ILE E 297 21.32 -43.72 3.03
CA ILE E 297 20.57 -44.29 1.91
C ILE E 297 19.07 -44.01 2.09
N ALA E 298 18.55 -44.18 3.33
CA ALA E 298 17.14 -44.02 3.67
C ALA E 298 16.57 -42.63 3.31
N PHE E 299 17.16 -41.55 3.87
CA PHE E 299 16.74 -40.15 3.65
C PHE E 299 16.64 -39.75 2.17
N PRO E 300 17.65 -39.96 1.30
CA PRO E 300 17.47 -39.61 -0.12
C PRO E 300 16.43 -40.47 -0.86
N VAL E 301 16.40 -41.80 -0.59
CA VAL E 301 15.43 -42.72 -1.20
C VAL E 301 13.98 -42.38 -0.83
N VAL E 302 13.69 -42.24 0.48
CA VAL E 302 12.36 -41.90 0.99
C VAL E 302 11.92 -40.54 0.45
N PHE E 303 12.83 -39.55 0.41
CA PHE E 303 12.53 -38.22 -0.11
C PHE E 303 12.17 -38.24 -1.60
N LEU E 304 12.94 -39.02 -2.39
CA LEU E 304 12.75 -39.20 -3.83
C LEU E 304 11.40 -39.89 -4.11
N LEU E 305 11.07 -40.97 -3.36
CA LEU E 305 9.80 -41.70 -3.49
C LEU E 305 8.61 -40.85 -3.06
N ALA E 306 8.72 -40.14 -1.90
CA ALA E 306 7.69 -39.25 -1.36
C ALA E 306 7.28 -38.14 -2.37
N ASN E 307 8.28 -37.62 -3.12
CA ASN E 307 8.06 -36.61 -4.15
C ASN E 307 7.36 -37.20 -5.36
N ILE E 308 7.68 -38.47 -5.74
CA ILE E 308 7.04 -39.18 -6.84
C ILE E 308 5.56 -39.35 -6.47
N ILE E 309 5.27 -39.78 -5.22
CA ILE E 309 3.90 -39.93 -4.69
C ILE E 309 3.11 -38.61 -4.75
N LEU E 310 3.70 -37.50 -4.22
CA LEU E 310 3.08 -36.18 -4.23
C LEU E 310 2.77 -35.69 -5.65
N ALA E 311 3.80 -35.66 -6.55
CA ALA E 311 3.69 -35.23 -7.94
C ALA E 311 2.64 -36.06 -8.67
N PHE E 312 2.53 -37.36 -8.32
CA PHE E 312 1.52 -38.24 -8.89
C PHE E 312 0.12 -37.82 -8.43
N LEU E 313 -0.04 -37.59 -7.11
CA LEU E 313 -1.31 -37.16 -6.51
C LEU E 313 -1.78 -35.83 -7.04
N PHE E 314 -0.86 -34.86 -7.24
CA PHE E 314 -1.20 -33.54 -7.73
C PHE E 314 -1.35 -33.43 -9.26
N PHE E 315 -0.64 -34.26 -10.04
CA PHE E 315 -0.67 -34.20 -11.51
C PHE E 315 -0.87 -35.61 -12.11
CL CL F . -5.99 7.54 -22.97
CL CL G . -12.02 2.57 -42.31
CL CL H . -4.54 -4.30 -41.17
NA NA I . -15.77 18.13 -29.98
NA NA J . 28.05 -22.27 17.58
C1 LMT K . 9.31 -7.04 6.25
C2 LMT K . 10.07 -8.40 6.28
C3 LMT K . 11.13 -8.40 7.36
C4 LMT K . 11.94 -9.70 7.26
C5 LMT K . 12.93 -9.84 8.44
C6 LMT K . 13.70 -11.17 8.37
C7 LMT K . 14.65 -11.39 9.58
C8 LMT K . 15.50 -12.67 9.43
C9 LMT K . 16.39 -12.92 10.68
C10 LMT K . 17.25 -14.25 10.54
C11 LMT K . 18.14 -14.46 11.81
C12 LMT K . 19.19 -15.60 11.81
C1 LMT L . 11.24 -3.93 1.53
C2 LMT L . 11.87 -5.37 1.42
C3 LMT L . 12.43 -5.96 2.77
C4 LMT L . 12.89 -7.41 2.56
C5 LMT L . 13.68 -7.99 3.75
C6 LMT L . 14.35 -9.33 3.33
C7 LMT L . 14.71 -10.17 4.56
C8 LMT L . 15.16 -11.60 4.20
C9 LMT L . 15.69 -12.30 5.44
C10 LMT L . 15.91 -13.79 5.20
C11 LMT L . 16.72 -14.41 6.40
C12 LMT L . 16.92 -15.92 6.25
C1 PPI M . 3.25 24.08 -17.78
C2 PPI M . 4.52 23.20 -17.92
C3 PPI M . 5.86 23.95 -17.93
O1 PPI M . 2.23 23.34 -17.42
O2 PPI M . 3.16 25.28 -17.97
C1 PPI N . -7.45 2.13 -29.35
C2 PPI N . -6.55 1.00 -28.78
C3 PPI N . -6.29 -0.16 -29.75
O1 PPI N . -7.51 2.50 -30.52
O2 PPI N . -8.14 2.69 -28.39
C1 PPI O . -9.63 14.42 -26.97
C2 PPI O . -11.06 14.62 -26.45
C3 PPI O . -11.08 14.78 -24.94
O1 PPI O . -8.87 15.29 -27.35
O2 PPI O . -9.31 13.14 -26.97
CL CL P . -1.60 22.26 -11.00
NA NA Q . -13.60 31.76 -16.39
C1 LMT R . 10.78 -1.55 6.61
C2 LMT R . 11.21 -3.08 6.51
C3 LMT R . 12.46 -3.44 7.39
C4 LMT R . 12.84 -4.90 7.25
C5 LMT R . 14.31 -5.17 7.70
C6 LMT R . 14.68 -6.62 7.37
C7 LMT R . 16.07 -7.00 7.82
C8 LMT R . 16.37 -8.48 7.46
C9 LMT R . 17.83 -8.82 7.80
C10 LMT R . 18.14 -10.30 7.63
C11 LMT R . 19.68 -10.53 7.63
C12 LMT R . 20.01 -12.05 7.64
C1 PPI S . -8.45 28.03 6.68
C2 PPI S . -7.22 27.46 7.44
C3 PPI S . -6.14 28.50 7.75
O1 PPI S . -9.04 29.08 6.91
O2 PPI S . -8.81 27.21 5.72
C1 PPI T . -7.26 28.19 -11.90
C2 PPI T . -8.22 27.07 -11.48
C3 PPI T . -9.64 27.56 -11.20
O1 PPI T . -6.72 27.89 -13.07
O2 PPI T . -7.00 29.20 -11.27
CL CL U . -12.79 20.77 4.92
NA NA V . -25.75 28.49 -1.34
C1 LMT W . 5.70 -4.71 9.84
C2 LMT W . 6.70 -5.88 9.50
C3 LMT W . 7.85 -5.99 10.57
C4 LMT W . 8.95 -7.03 10.21
C5 LMT W . 10.16 -6.85 11.21
C6 LMT W . 11.22 -7.97 11.14
C7 LMT W . 12.43 -7.63 11.99
C8 LMT W . 13.57 -8.62 11.70
C9 LMT W . 14.91 -8.13 12.24
C10 LMT W . 16.02 -9.17 12.01
C11 LMT W . 17.23 -8.95 12.98
C12 LMT W . 18.43 -9.83 12.63
C1 PPI X . -20.63 24.30 3.28
C2 PPI X . -21.18 23.44 2.14
C3 PPI X . -20.33 22.17 1.90
O1 PPI X . -21.44 24.28 4.31
O2 PPI X . -19.59 24.93 3.26
CL CL Y . -24.26 5.48 2.47
NA NA Z . -35.83 12.82 -5.22
C1 LMT AA . 4.19 -9.30 6.22
C2 LMT AA . 4.97 -10.55 6.77
C3 LMT AA . 6.39 -10.18 7.27
C4 LMT AA . 7.15 -11.38 7.89
C5 LMT AA . 8.42 -10.92 8.62
C6 LMT AA . 8.74 -11.83 9.83
C7 LMT AA . 10.15 -11.54 10.39
C8 LMT AA . 10.43 -12.30 11.69
C9 LMT AA . 11.91 -12.10 12.08
C10 LMT AA . 12.30 -12.83 13.37
C11 LMT AA . 13.81 -12.61 13.65
C12 LMT AA . 14.21 -13.08 15.06
C1 PPI BA . -27.09 8.43 9.63
C2 PPI BA . -26.45 7.45 10.63
C3 PPI BA . -26.17 8.10 11.98
O1 PPI BA . -28.38 8.55 9.83
O2 PPI BA . -26.51 9.03 8.73
C1 PPI CA . -26.41 -7.64 -11.85
C2 PPI CA . -26.92 -9.09 -11.76
C3 PPI CA . -26.06 -10.05 -10.92
O1 PPI CA . -27.01 -6.99 -12.81
O2 PPI CA . -25.59 -7.11 -11.11
C1 PPI DA . -31.18 6.92 -2.06
C2 PPI DA . -30.43 7.65 -3.17
C3 PPI DA . -28.98 7.92 -2.82
O1 PPI DA . -31.89 5.93 -2.54
O2 PPI DA . -31.15 7.22 -0.89
CL CL EA . -19.92 -2.64 -14.18
NA NA FA . -29.78 6.64 -23.39
C1 LMT GA . 8.38 -8.81 1.01
C2 LMT GA . 8.40 -10.19 1.76
C3 LMT GA . 9.62 -10.32 2.73
C4 LMT GA . 9.57 -11.66 3.48
C5 LMT GA . 10.73 -11.87 4.46
C6 LMT GA . 10.57 -13.21 5.20
C7 LMT GA . 11.68 -13.39 6.26
C8 LMT GA . 11.37 -14.54 7.24
C9 LMT GA . 12.52 -14.73 8.23
C10 LMT GA . 12.43 -16.08 8.95
C11 LMT GA . 13.49 -16.14 10.09
C12 LMT GA . 13.36 -17.41 10.92
C1 PPI HA . -24.08 1.19 -20.88
C2 PPI HA . -24.92 1.73 -19.72
C3 PPI HA . -24.07 2.37 -18.65
O1 PPI HA . -24.44 -0.03 -21.19
O2 PPI HA . -23.20 1.79 -21.47
#